data_5ANM
#
_entry.id   5ANM
#
_cell.length_a   140.957
_cell.length_b   140.957
_cell.length_c   244.448
_cell.angle_alpha   90.00
_cell.angle_beta   90.00
_cell.angle_gamma   120.00
#
_symmetry.space_group_name_H-M   'P 32 2 1'
#
loop_
_entity.id
_entity.type
_entity.pdbx_description
1 polymer 'IMMUNOGLOBULIN G'
2 polymer 'IMMUNOGLOBULIN G'
3 polymer 'IG EPSILON CHAIN C REGION'
4 branched alpha-D-mannopyranose-(1-3)-alpha-D-mannopyranose-(1-6)-[alpha-D-mannopyranose-(1-3)]beta-D-mannopyranose-(1-4)-2-acetamido-2-deoxy-beta-D-glucopyranose-(1-4)-2-acetamido-2-deoxy-beta-D-glucopyranose
5 branched beta-D-mannopyranose-(1-3)-[alpha-D-mannopyranose-(1-6)]beta-D-mannopyranose-(1-4)-2-acetamido-2-deoxy-beta-D-glucopyranose-(1-4)-2-acetamido-2-deoxy-beta-D-glucopyranose
6 branched alpha-D-mannopyranose-(1-3)-alpha-D-mannopyranose-(1-6)-[beta-D-mannopyranose-(1-3)]beta-D-mannopyranose-(1-4)-2-acetamido-2-deoxy-beta-D-glucopyranose-(1-4)-2-acetamido-2-deoxy-beta-D-glucopyranose
7 water water
#
loop_
_entity_poly.entity_id
_entity_poly.type
_entity_poly.pdbx_seq_one_letter_code
_entity_poly.pdbx_strand_id
1 'polypeptide(L)'
;QSVLTQPPSVSGAPGQRVTISCTGSSSNIGAGYDVHWYQQLPGTAPKLLIYDNFNRPSGVPDRFSGSKSGTSASLAITGL
QAEDEADYYCQSYDSPTLTSPFGTGTKLTVLGQPKAAPSVTLFPPSSEELQANKATLVCLISDFYPGAVTVAWKADSSPV
KAGVETTTPSKQSNNKYAASSYLSLTPEQWKSHRSYSCQVTHEGSTVEKTVAPTECS
;
A,C,L
2 'polypeptide(L)'
;EVQLVQSGAEVKKPGATVKISCKVYGYIFTDYNIYWVRQAPGKGLEWMGLIDPDNGETFYAEKFQGRATMTADTSSDRAY
MELSSLRFEDTAVYYCATVMGKWIKGGYDYWGRGTLVTVSSASTKGPSVFPLAPSSKSTSGGTAALGCLVKDYFPEPVTV
SWNSGALTSGVHTFPAVLQSSGLYSLSSVVTVPSSSLGTQTYICNVNHKPSNTKVDKKVEPKSCDKTHT
;
B,D,H
3 'polypeptide(L)'
;ADPCDSNPRGVSAYLSRPSPFDLFIRKSPTITCLVVDLAPSKGTVNLTWSRASGKPVNHSTRKEEKQRNGTLTVTSTLPV
GTRDWIEGETYQCRVTHPHLPRALMRSTTKTSGPRAAPEVYAFATPEWPGSRDKRTLACLIQNFMPEDISVQWLHNEVQL
PDARHSTTQPRKTKGSGFFVFSRLEVTRAEWEQKDEFICRAVHEAASPSQTVQRAVSVNPGKDYKDDDDKAAHHHHHHHH
HH
;
E,F,G
#
loop_
_chem_comp.id
_chem_comp.type
_chem_comp.name
_chem_comp.formula
BMA D-saccharide, beta linking beta-D-mannopyranose 'C6 H12 O6'
MAN D-saccharide, alpha linking alpha-D-mannopyranose 'C6 H12 O6'
NAG D-saccharide, beta linking 2-acetamido-2-deoxy-beta-D-glucopyranose 'C8 H15 N O6'
#
# COMPACT_ATOMS: atom_id res chain seq x y z
N SER A 2 36.06 -61.72 13.88
CA SER A 2 37.07 -61.50 12.78
C SER A 2 36.65 -60.41 11.76
N VAL A 3 37.64 -59.68 11.27
CA VAL A 3 37.45 -58.65 10.29
C VAL A 3 37.47 -59.40 8.96
N LEU A 4 36.58 -58.96 8.05
CA LEU A 4 36.65 -59.21 6.62
C LEU A 4 37.21 -57.95 5.97
N THR A 5 38.37 -58.07 5.34
CA THR A 5 39.07 -56.89 4.87
C THR A 5 38.98 -56.70 3.35
N GLN A 6 38.76 -55.44 2.94
CA GLN A 6 38.59 -55.02 1.54
C GLN A 6 39.53 -53.83 1.27
N PRO A 7 39.91 -53.57 0.01
CA PRO A 7 40.84 -52.47 -0.16
C PRO A 7 40.08 -51.16 0.02
N PRO A 8 40.70 -50.15 0.60
CA PRO A 8 39.84 -49.00 0.86
C PRO A 8 39.22 -48.38 -0.40
N SER A 9 39.89 -48.48 -1.55
CA SER A 9 39.43 -47.81 -2.76
C SER A 9 39.80 -48.56 -4.06
N VAL A 10 39.12 -48.21 -5.15
CA VAL A 10 39.23 -48.93 -6.41
C VAL A 10 38.79 -48.05 -7.60
N SER A 11 39.43 -48.19 -8.76
CA SER A 11 39.23 -47.24 -9.88
C SER A 11 38.79 -47.75 -11.26
N GLY A 12 38.14 -46.87 -12.01
CA GLY A 12 37.15 -47.27 -13.01
C GLY A 12 37.39 -47.04 -14.48
N ALA A 13 37.02 -45.85 -14.98
CA ALA A 13 37.05 -45.53 -16.44
C ALA A 13 35.89 -46.28 -17.13
N PRO A 14 34.86 -45.54 -17.60
CA PRO A 14 33.58 -46.17 -17.98
C PRO A 14 33.70 -47.29 -19.02
N GLY A 15 32.83 -48.29 -18.89
CA GLY A 15 32.87 -49.46 -19.77
C GLY A 15 33.93 -50.48 -19.40
N GLN A 16 34.82 -50.13 -18.50
CA GLN A 16 35.83 -51.07 -18.06
C GLN A 16 35.33 -52.04 -16.96
N ARG A 17 36.16 -53.05 -16.69
CA ARG A 17 35.88 -54.07 -15.68
C ARG A 17 36.79 -53.89 -14.47
N VAL A 18 36.19 -53.75 -13.29
CA VAL A 18 36.98 -53.60 -12.06
C VAL A 18 36.60 -54.66 -11.06
N THR A 19 37.54 -55.10 -10.22
CA THR A 19 37.19 -56.07 -9.13
C THR A 19 37.38 -55.53 -7.70
N ILE A 20 36.54 -55.98 -6.78
CA ILE A 20 36.74 -55.72 -5.36
C ILE A 20 36.91 -57.05 -4.61
N SER A 21 37.85 -57.09 -3.69
CA SER A 21 38.12 -58.34 -3.04
C SER A 21 37.65 -58.25 -1.60
N CYS A 22 37.42 -59.40 -1.00
CA CYS A 22 37.00 -59.50 0.39
C CYS A 22 37.73 -60.70 0.99
N THR A 23 38.66 -60.47 1.92
CA THR A 23 39.49 -61.52 2.53
C THR A 23 39.16 -61.72 3.99
N GLY A 24 38.77 -62.94 4.33
CA GLY A 24 38.58 -63.34 5.72
C GLY A 24 39.63 -64.35 6.13
N SER A 25 39.22 -65.28 6.97
CA SER A 25 40.06 -66.34 7.51
C SER A 25 39.34 -67.68 7.38
N SER A 26 39.93 -68.72 7.97
CA SER A 26 39.38 -70.05 7.86
C SER A 26 38.21 -70.31 8.84
N SER A 27 37.80 -69.29 9.58
CA SER A 27 36.70 -69.44 10.53
C SER A 27 35.43 -68.70 10.04
N ASN A 28 35.53 -68.13 8.84
CA ASN A 28 34.39 -67.54 8.16
C ASN A 28 34.39 -67.93 6.68
N ILE A 29 34.82 -67.04 5.77
CA ILE A 29 34.79 -67.33 4.35
C ILE A 29 35.47 -68.66 4.07
N GLY A 30 36.66 -68.85 4.63
CA GLY A 30 37.43 -70.11 4.47
C GLY A 30 36.71 -71.35 4.98
N ALA A 31 35.65 -71.16 5.76
CA ALA A 31 34.99 -72.27 6.48
C ALA A 31 33.77 -72.80 5.72
N GLY A 32 33.61 -72.35 4.48
CA GLY A 32 32.47 -72.74 3.66
C GLY A 32 31.22 -71.85 3.74
N TYR A 33 31.29 -70.79 4.54
CA TYR A 33 30.15 -69.87 4.71
C TYR A 33 29.98 -68.91 3.55
N ASP A 34 28.72 -68.64 3.20
CA ASP A 34 28.33 -67.86 2.05
C ASP A 34 28.88 -66.47 2.13
N VAL A 35 29.26 -65.89 1.00
CA VAL A 35 29.53 -64.43 0.95
C VAL A 35 28.43 -63.64 0.25
N HIS A 36 28.13 -62.42 0.71
CA HIS A 36 27.16 -61.53 0.05
C HIS A 36 27.75 -60.15 -0.14
N TRP A 37 27.13 -59.37 -1.02
CA TRP A 37 27.65 -58.06 -1.36
C TRP A 37 26.59 -56.99 -1.40
N TYR A 38 26.97 -55.78 -0.97
CA TYR A 38 26.01 -54.69 -0.85
C TYR A 38 26.56 -53.45 -1.47
N GLN A 39 25.65 -52.62 -1.97
CA GLN A 39 26.04 -51.42 -2.65
C GLN A 39 25.37 -50.28 -1.95
N GLN A 40 26.12 -49.23 -1.68
CA GLN A 40 25.55 -48.10 -1.02
C GLN A 40 25.83 -46.83 -1.78
N LEU A 41 24.76 -46.14 -2.15
CA LEU A 41 24.91 -44.82 -2.76
C LEU A 41 24.86 -43.74 -1.67
N PRO A 42 25.47 -42.59 -1.94
CA PRO A 42 25.52 -41.53 -0.92
C PRO A 42 24.13 -41.20 -0.39
N GLY A 43 24.00 -41.12 0.93
CA GLY A 43 22.74 -40.82 1.61
C GLY A 43 21.60 -41.84 1.50
N THR A 44 21.88 -43.05 1.03
CA THR A 44 20.85 -44.09 0.91
C THR A 44 21.28 -45.33 1.68
N ALA A 45 20.32 -46.19 2.03
CA ALA A 45 20.56 -47.47 2.69
C ALA A 45 21.29 -48.45 1.78
N PRO A 46 22.10 -49.35 2.34
CA PRO A 46 22.69 -50.38 1.47
C PRO A 46 21.64 -51.19 0.72
N LYS A 47 22.01 -51.64 -0.48
CA LYS A 47 21.22 -52.56 -1.29
C LYS A 47 22.02 -53.86 -1.53
N LEU A 48 21.34 -55.00 -1.53
CA LEU A 48 21.96 -56.31 -1.76
C LEU A 48 22.10 -56.50 -3.25
N LEU A 49 23.33 -56.77 -3.66
CA LEU A 49 23.77 -57.02 -5.05
C LEU A 49 24.00 -58.51 -5.29
N ILE A 50 24.87 -59.13 -4.47
CA ILE A 50 25.12 -60.56 -4.56
C ILE A 50 24.75 -61.24 -3.26
N TYR A 51 24.20 -62.45 -3.36
CA TYR A 51 23.92 -63.25 -2.16
C TYR A 51 24.28 -64.70 -2.44
N ASP A 52 24.74 -65.40 -1.41
CA ASP A 52 25.25 -66.77 -1.57
C ASP A 52 26.29 -66.84 -2.67
N ASN A 53 27.27 -65.96 -2.58
CA ASN A 53 28.47 -66.11 -3.39
C ASN A 53 28.35 -65.53 -4.76
N PHE A 54 27.35 -65.97 -5.53
CA PHE A 54 27.29 -65.60 -6.92
C PHE A 54 25.91 -65.22 -7.45
N ASN A 55 24.88 -65.35 -6.61
CA ASN A 55 23.48 -65.13 -7.00
C ASN A 55 23.10 -63.66 -6.96
N ARG A 56 22.38 -63.18 -7.97
CA ARG A 56 21.89 -61.78 -8.01
C ARG A 56 20.44 -61.72 -7.60
N PRO A 57 20.07 -60.77 -6.71
CA PRO A 57 18.67 -60.70 -6.35
C PRO A 57 17.85 -60.07 -7.46
N SER A 58 16.54 -60.13 -7.33
CA SER A 58 15.68 -59.61 -8.39
C SER A 58 15.99 -58.14 -8.78
N GLY A 59 16.47 -57.93 -10.01
CA GLY A 59 16.66 -56.58 -10.51
C GLY A 59 18.09 -56.07 -10.64
N VAL A 60 19.07 -56.89 -10.24
CA VAL A 60 20.45 -56.46 -10.33
C VAL A 60 20.96 -56.83 -11.71
N PRO A 61 21.53 -55.84 -12.42
CA PRO A 61 22.13 -56.13 -13.70
C PRO A 61 23.11 -57.30 -13.61
N ASP A 62 23.14 -58.12 -14.65
CA ASP A 62 24.08 -59.24 -14.80
C ASP A 62 25.56 -58.83 -14.95
N ARG A 63 25.84 -57.54 -15.08
CA ARG A 63 27.23 -57.13 -15.22
C ARG A 63 27.98 -57.23 -13.90
N PHE A 64 27.22 -57.18 -12.80
CA PHE A 64 27.74 -57.55 -11.48
C PHE A 64 27.84 -59.08 -11.32
N SER A 65 29.03 -59.55 -10.93
CA SER A 65 29.19 -60.97 -10.60
C SER A 65 30.04 -61.20 -9.33
N GLY A 66 29.81 -62.33 -8.67
CA GLY A 66 30.60 -62.68 -7.50
C GLY A 66 31.24 -64.04 -7.66
N SER A 67 32.42 -64.20 -7.07
CA SER A 67 33.10 -65.49 -6.99
C SER A 67 33.74 -65.61 -5.61
N LYS A 68 33.98 -66.85 -5.21
CA LYS A 68 34.47 -67.13 -3.88
C LYS A 68 35.60 -68.12 -4.08
N SER A 69 36.81 -67.72 -3.69
CA SER A 69 37.99 -68.53 -3.96
C SER A 69 38.33 -69.49 -2.83
N GLY A 70 39.16 -69.09 -1.87
CA GLY A 70 39.34 -69.98 -0.74
C GLY A 70 38.86 -69.30 0.52
N THR A 71 39.74 -68.43 0.98
CA THR A 71 39.57 -67.59 2.13
C THR A 71 39.11 -66.20 1.68
N SER A 72 38.93 -66.01 0.37
CA SER A 72 38.53 -64.72 -0.19
C SER A 72 37.34 -64.81 -1.11
N ALA A 73 36.69 -63.69 -1.36
CA ALA A 73 35.64 -63.64 -2.35
C ALA A 73 35.78 -62.32 -3.09
N SER A 74 35.20 -62.21 -4.28
CA SER A 74 35.54 -61.10 -5.15
C SER A 74 34.32 -60.63 -5.86
N LEU A 75 34.04 -59.33 -5.88
CA LEU A 75 32.97 -58.80 -6.73
C LEU A 75 33.55 -58.21 -8.02
N ALA A 76 32.90 -58.49 -9.15
CA ALA A 76 33.37 -58.00 -10.44
C ALA A 76 32.24 -57.27 -11.14
N ILE A 77 32.54 -56.04 -11.57
CA ILE A 77 31.63 -55.23 -12.34
C ILE A 77 32.23 -55.03 -13.72
N THR A 78 31.52 -55.50 -14.73
CA THR A 78 31.86 -55.23 -16.11
C THR A 78 31.07 -54.03 -16.59
N GLY A 79 31.63 -53.36 -17.60
CA GLY A 79 30.96 -52.24 -18.25
C GLY A 79 30.64 -51.14 -17.28
N LEU A 80 31.67 -50.71 -16.54
CA LEU A 80 31.54 -49.69 -15.51
C LEU A 80 30.77 -48.46 -15.95
N GLN A 81 29.89 -48.00 -15.09
CA GLN A 81 29.08 -46.84 -15.38
C GLN A 81 29.18 -45.81 -14.28
N ALA A 82 28.99 -44.54 -14.65
CA ALA A 82 28.94 -43.42 -13.70
C ALA A 82 28.15 -43.75 -12.43
N GLU A 83 27.02 -44.44 -12.61
CA GLU A 83 26.06 -44.71 -11.53
C GLU A 83 26.53 -45.79 -10.57
N ASP A 84 27.60 -46.49 -10.94
CA ASP A 84 28.19 -47.56 -10.13
C ASP A 84 29.09 -46.98 -9.06
N GLU A 85 29.31 -45.67 -9.13
CA GLU A 85 30.13 -45.00 -8.16
C GLU A 85 29.41 -45.05 -6.84
N ALA A 86 29.91 -45.91 -5.94
CA ALA A 86 29.26 -46.20 -4.66
C ALA A 86 30.24 -46.87 -3.69
N ASP A 87 29.79 -47.11 -2.45
CA ASP A 87 30.54 -47.88 -1.50
C ASP A 87 30.12 -49.35 -1.61
N TYR A 88 31.06 -50.28 -1.53
CA TYR A 88 30.66 -51.70 -1.57
C TYR A 88 31.16 -52.47 -0.35
N TYR A 89 30.32 -53.34 0.19
CA TYR A 89 30.66 -54.11 1.38
C TYR A 89 30.32 -55.55 1.14
N CYS A 90 31.18 -56.43 1.62
CA CYS A 90 30.87 -57.83 1.60
C CYS A 90 30.37 -58.26 2.97
N GLN A 91 29.89 -59.49 3.09
CA GLN A 91 29.52 -59.99 4.39
C GLN A 91 29.59 -61.49 4.36
N SER A 92 29.96 -62.09 5.48
CA SER A 92 29.91 -63.53 5.64
C SER A 92 29.69 -63.91 7.09
N TYR A 93 29.74 -65.16 7.44
CA TYR A 93 29.34 -65.51 8.80
C TYR A 93 30.58 -65.86 9.54
N ASP A 94 30.62 -65.59 10.83
CA ASP A 94 31.84 -65.75 11.57
C ASP A 94 31.49 -66.52 12.80
N SER A 95 31.82 -67.81 12.79
CA SER A 95 31.31 -68.70 13.78
C SER A 95 31.99 -68.53 15.12
N PRO A 96 33.22 -67.97 15.17
CA PRO A 96 33.75 -67.77 16.53
C PRO A 96 32.99 -66.69 17.27
N THR A 97 32.28 -65.82 16.56
CA THR A 97 31.52 -64.82 17.28
C THR A 97 30.03 -64.96 17.13
N LEU A 98 29.61 -65.90 16.28
CA LEU A 98 28.21 -66.07 15.85
C LEU A 98 27.68 -64.81 15.14
N THR A 99 28.55 -64.04 14.52
CA THR A 99 28.04 -62.86 13.88
C THR A 99 28.12 -62.97 12.36
N SER A 100 27.57 -61.97 11.66
CA SER A 100 27.68 -61.91 10.22
C SER A 100 28.21 -60.54 9.80
N PRO A 101 29.50 -60.25 10.13
CA PRO A 101 30.06 -58.89 9.93
C PRO A 101 30.15 -58.51 8.43
N PHE A 102 30.15 -57.19 8.22
CA PHE A 102 30.36 -56.54 6.97
C PHE A 102 31.82 -56.26 6.85
N GLY A 103 32.32 -56.15 5.64
CA GLY A 103 33.74 -55.95 5.39
C GLY A 103 34.03 -54.52 5.66
N THR A 104 35.31 -54.17 5.68
CA THR A 104 35.72 -52.78 5.89
C THR A 104 35.18 -51.78 4.83
N GLY A 105 34.84 -52.29 3.64
CA GLY A 105 34.22 -51.45 2.65
C GLY A 105 35.17 -50.81 1.68
N THR A 106 34.74 -50.70 0.41
CA THR A 106 35.54 -50.13 -0.67
C THR A 106 34.77 -49.03 -1.38
N LYS A 107 35.44 -47.91 -1.60
CA LYS A 107 34.87 -46.74 -2.29
C LYS A 107 35.21 -46.87 -3.80
N LEU A 108 34.20 -47.15 -4.63
CA LEU A 108 34.38 -47.27 -6.07
C LEU A 108 34.46 -45.87 -6.64
N THR A 109 35.49 -45.59 -7.41
CA THR A 109 35.61 -44.30 -8.06
C THR A 109 35.61 -44.52 -9.58
N VAL A 110 34.70 -43.86 -10.29
CA VAL A 110 34.60 -43.99 -11.77
C VAL A 110 35.44 -42.91 -12.48
N LEU A 111 36.51 -43.31 -13.17
CA LEU A 111 37.41 -42.32 -13.82
C LEU A 111 36.82 -41.55 -15.02
N GLY A 112 37.58 -40.56 -15.49
CA GLY A 112 37.18 -39.82 -16.67
C GLY A 112 36.81 -38.43 -16.24
N GLN A 113 35.52 -38.22 -15.97
CA GLN A 113 35.01 -37.07 -15.22
C GLN A 113 35.87 -35.81 -15.30
N PRO A 114 35.39 -34.80 -16.02
CA PRO A 114 36.20 -33.62 -16.36
C PRO A 114 36.60 -32.81 -15.12
N LYS A 115 37.86 -32.39 -15.04
CA LYS A 115 38.33 -31.48 -13.97
C LYS A 115 37.56 -30.15 -14.01
N ALA A 116 37.39 -29.51 -12.86
CA ALA A 116 36.74 -28.20 -12.82
C ALA A 116 37.34 -27.36 -11.71
N ALA A 117 37.65 -26.12 -12.04
CA ALA A 117 38.09 -25.18 -11.05
C ALA A 117 36.84 -24.63 -10.34
N PRO A 118 36.97 -24.16 -9.10
CA PRO A 118 35.80 -23.77 -8.33
C PRO A 118 35.39 -22.31 -8.48
N SER A 119 34.10 -22.03 -8.39
CA SER A 119 33.60 -20.67 -8.29
C SER A 119 33.70 -20.28 -6.86
N VAL A 120 33.94 -19.00 -6.61
CA VAL A 120 34.07 -18.51 -5.25
C VAL A 120 33.20 -17.29 -5.05
N THR A 121 32.45 -17.24 -3.97
CA THR A 121 31.77 -16.01 -3.63
C THR A 121 32.13 -15.60 -2.20
N LEU A 122 32.44 -14.32 -2.03
CA LEU A 122 32.88 -13.85 -0.73
C LEU A 122 32.10 -12.64 -0.24
N PHE A 123 31.30 -12.84 0.80
CA PHE A 123 30.50 -11.77 1.42
C PHE A 123 31.18 -11.22 2.67
N PRO A 124 31.19 -9.90 2.80
CA PRO A 124 31.72 -9.29 4.01
C PRO A 124 30.68 -9.42 5.14
N PRO A 125 31.05 -9.04 6.40
CA PRO A 125 30.01 -9.11 7.42
C PRO A 125 28.95 -8.15 7.01
N SER A 126 27.71 -8.37 7.40
CA SER A 126 26.71 -7.36 7.11
C SER A 126 26.70 -6.47 8.32
N SER A 127 26.10 -5.30 8.16
CA SER A 127 26.07 -4.32 9.21
C SER A 127 25.21 -4.81 10.37
N GLU A 128 24.20 -5.65 10.09
CA GLU A 128 23.41 -6.22 11.19
C GLU A 128 24.25 -7.05 12.14
N GLU A 129 25.12 -7.90 11.58
CA GLU A 129 25.96 -8.69 12.46
C GLU A 129 26.92 -7.80 13.22
N LEU A 130 27.53 -6.84 12.52
CA LEU A 130 28.43 -5.92 13.18
C LEU A 130 27.76 -5.29 14.40
N GLN A 131 26.49 -4.96 14.30
CA GLN A 131 25.77 -4.47 15.45
C GLN A 131 25.56 -5.57 16.50
N ALA A 132 25.50 -6.82 16.09
CA ALA A 132 25.37 -7.91 17.04
C ALA A 132 26.72 -8.17 17.66
N ASN A 133 27.69 -7.31 17.33
CA ASN A 133 29.05 -7.32 17.92
C ASN A 133 29.85 -8.61 17.65
N LYS A 134 29.84 -8.95 16.37
CA LYS A 134 30.28 -10.23 15.80
C LYS A 134 30.54 -9.90 14.32
N ALA A 135 31.27 -10.75 13.61
CA ALA A 135 31.54 -10.48 12.21
C ALA A 135 31.91 -11.76 11.61
N THR A 136 31.32 -12.07 10.46
CA THR A 136 31.63 -13.30 9.73
C THR A 136 31.77 -13.07 8.26
N LEU A 137 32.89 -13.53 7.72
CA LEU A 137 33.14 -13.48 6.30
C LEU A 137 32.79 -14.85 5.86
N VAL A 138 32.02 -14.90 4.78
CA VAL A 138 31.39 -16.11 4.28
C VAL A 138 31.97 -16.35 2.90
N CYS A 139 32.69 -17.45 2.74
CA CYS A 139 33.34 -17.76 1.46
C CYS A 139 32.76 -19.05 0.93
N LEU A 140 32.04 -18.95 -0.18
CA LEU A 140 31.31 -20.08 -0.72
C LEU A 140 31.98 -20.55 -2.00
N ILE A 141 32.25 -21.84 -2.04
CA ILE A 141 33.10 -22.40 -3.06
C ILE A 141 32.30 -23.46 -3.71
N SER A 142 32.20 -23.43 -5.04
CA SER A 142 31.29 -24.38 -5.72
C SER A 142 31.81 -24.88 -7.05
N ASP A 143 31.19 -25.96 -7.52
CA ASP A 143 31.38 -26.42 -8.88
C ASP A 143 32.75 -26.95 -9.26
N PHE A 144 33.48 -27.52 -8.32
CA PHE A 144 34.81 -28.05 -8.67
C PHE A 144 34.87 -29.56 -8.67
N TYR A 145 35.78 -30.12 -9.44
CA TYR A 145 35.97 -31.56 -9.42
C TYR A 145 37.46 -31.91 -9.28
N PRO A 146 37.78 -33.17 -8.88
CA PRO A 146 38.29 -33.63 -7.62
C PRO A 146 37.65 -32.82 -6.51
N GLY A 147 37.16 -33.50 -5.49
CA GLY A 147 36.50 -32.78 -4.44
C GLY A 147 37.44 -32.51 -3.29
N ALA A 148 38.56 -31.88 -3.55
CA ALA A 148 39.48 -31.51 -2.48
C ALA A 148 39.86 -30.08 -2.71
N VAL A 149 39.78 -29.27 -1.66
CA VAL A 149 40.24 -27.89 -1.75
C VAL A 149 41.11 -27.56 -0.55
N THR A 150 41.74 -26.42 -0.63
CA THR A 150 42.41 -25.86 0.52
C THR A 150 42.06 -24.38 0.60
N VAL A 151 41.47 -23.99 1.72
CA VAL A 151 41.11 -22.61 1.90
C VAL A 151 42.17 -22.00 2.80
N ALA A 152 42.68 -20.85 2.42
CA ALA A 152 43.50 -20.10 3.35
C ALA A 152 42.98 -18.70 3.32
N TRP A 153 42.85 -18.09 4.50
CA TRP A 153 42.45 -16.71 4.58
C TRP A 153 43.64 -15.81 4.86
N LYS A 154 43.70 -14.68 4.17
CA LYS A 154 44.74 -13.70 4.43
C LYS A 154 44.05 -12.40 4.83
N ALA A 155 44.71 -11.69 5.74
CA ALA A 155 44.24 -10.43 6.26
C ALA A 155 45.22 -9.35 5.80
N ASP A 156 44.86 -8.68 4.72
CA ASP A 156 45.73 -7.72 4.09
C ASP A 156 46.66 -8.47 3.13
N SER A 157 47.57 -9.26 3.71
CA SER A 157 48.58 -10.04 2.98
C SER A 157 49.22 -11.05 3.94
N SER A 158 49.02 -10.83 5.24
CA SER A 158 49.39 -11.76 6.31
C SER A 158 48.32 -12.88 6.47
N PRO A 159 48.75 -14.17 6.61
CA PRO A 159 47.74 -15.23 6.85
C PRO A 159 47.03 -15.06 8.19
N VAL A 160 45.91 -15.77 8.40
CA VAL A 160 45.12 -15.70 9.65
C VAL A 160 45.26 -16.92 10.53
N LYS A 161 44.70 -18.05 10.09
CA LYS A 161 44.67 -19.30 10.88
C LYS A 161 44.08 -19.19 12.33
N ALA A 162 43.23 -18.19 12.58
CA ALA A 162 42.56 -18.12 13.87
C ALA A 162 41.09 -17.96 13.61
N GLY A 163 40.34 -18.90 14.16
CA GLY A 163 38.89 -18.91 14.01
C GLY A 163 38.41 -18.98 12.58
N VAL A 164 38.88 -19.96 11.83
CA VAL A 164 38.44 -20.23 10.48
C VAL A 164 37.78 -21.56 10.55
N GLU A 165 36.62 -21.72 9.93
CA GLU A 165 35.97 -23.01 9.88
C GLU A 165 35.59 -23.38 8.45
N THR A 166 36.06 -24.54 8.01
CA THR A 166 35.81 -24.99 6.67
C THR A 166 35.06 -26.32 6.65
N THR A 167 34.01 -26.37 5.84
CA THR A 167 33.27 -27.61 5.72
C THR A 167 34.11 -28.54 4.90
N THR A 168 33.82 -29.81 5.10
CA THR A 168 34.13 -30.84 4.18
C THR A 168 33.43 -30.58 2.85
N PRO A 169 34.00 -31.09 1.74
CA PRO A 169 33.37 -30.93 0.44
C PRO A 169 32.25 -31.95 0.26
N SER A 170 31.18 -31.58 -0.42
CA SER A 170 30.11 -32.52 -0.63
C SER A 170 29.57 -32.43 -2.07
N LYS A 171 29.20 -33.55 -2.67
CA LYS A 171 28.67 -33.57 -4.03
C LYS A 171 27.38 -32.78 -4.16
N GLN A 172 27.37 -31.80 -5.08
CA GLN A 172 26.13 -31.12 -5.41
C GLN A 172 25.43 -31.99 -6.45
N SER A 173 24.19 -31.68 -6.76
CA SER A 173 23.41 -32.47 -7.74
C SER A 173 24.05 -32.57 -9.16
N ASN A 174 24.96 -31.66 -9.51
CA ASN A 174 25.59 -31.73 -10.80
C ASN A 174 26.90 -32.51 -10.78
N ASN A 175 27.03 -33.41 -9.83
CA ASN A 175 28.28 -34.18 -9.63
C ASN A 175 29.62 -33.42 -9.44
N LYS A 176 29.58 -32.11 -9.33
CA LYS A 176 30.73 -31.38 -8.83
C LYS A 176 30.60 -31.15 -7.31
N TYR A 177 31.61 -30.55 -6.72
CA TYR A 177 31.60 -30.39 -5.26
C TYR A 177 31.41 -28.97 -4.80
N ALA A 178 30.91 -28.85 -3.57
CA ALA A 178 30.74 -27.58 -2.90
C ALA A 178 31.33 -27.62 -1.50
N ALA A 179 31.76 -26.45 -1.02
CA ALA A 179 32.23 -26.25 0.36
C ALA A 179 32.12 -24.76 0.75
N SER A 180 32.15 -24.48 2.04
CA SER A 180 32.07 -23.12 2.56
C SER A 180 33.16 -22.95 3.60
N SER A 181 33.73 -21.75 3.66
CA SER A 181 34.66 -21.44 4.74
C SER A 181 34.22 -20.13 5.38
N TYR A 182 34.11 -20.14 6.70
CA TYR A 182 33.57 -19.01 7.45
C TYR A 182 34.68 -18.49 8.33
N LEU A 183 34.87 -17.17 8.39
CA LEU A 183 35.93 -16.64 9.25
C LEU A 183 35.38 -15.64 10.23
N SER A 184 35.53 -15.93 11.53
CA SER A 184 34.98 -15.07 12.59
C SER A 184 35.99 -14.05 13.03
N LEU A 185 35.60 -12.78 13.03
CA LEU A 185 36.43 -11.70 13.58
C LEU A 185 35.59 -10.80 14.47
N THR A 186 36.27 -10.06 15.34
CA THR A 186 35.64 -8.96 16.05
C THR A 186 35.45 -7.82 15.02
N PRO A 187 34.36 -7.04 15.15
CA PRO A 187 34.19 -5.82 14.35
C PRO A 187 35.46 -4.95 14.32
N GLU A 188 36.09 -4.71 15.46
CA GLU A 188 37.32 -3.93 15.48
C GLU A 188 38.41 -4.54 14.60
N GLN A 189 38.47 -5.88 14.52
CA GLN A 189 39.45 -6.50 13.63
C GLN A 189 39.10 -6.18 12.20
N TRP A 190 37.87 -6.51 11.82
CA TRP A 190 37.36 -6.29 10.48
C TRP A 190 37.53 -4.83 10.05
N LYS A 191 37.26 -3.89 10.95
CA LYS A 191 37.48 -2.46 10.69
C LYS A 191 38.96 -2.05 10.67
N SER A 192 39.82 -2.85 11.28
CA SER A 192 41.23 -2.50 11.42
C SER A 192 41.91 -2.61 10.07
N HIS A 193 42.08 -3.84 9.59
CA HIS A 193 42.63 -4.12 8.27
C HIS A 193 41.77 -3.45 7.21
N ARG A 194 42.39 -3.04 6.10
CA ARG A 194 41.63 -2.40 5.05
C ARG A 194 41.24 -3.43 3.99
N SER A 195 41.39 -4.72 4.32
CA SER A 195 40.93 -5.84 3.46
C SER A 195 41.28 -7.25 3.97
N TYR A 196 40.40 -8.21 3.65
CA TYR A 196 40.59 -9.65 3.90
C TYR A 196 40.31 -10.43 2.62
N SER A 197 40.93 -11.61 2.53
CA SER A 197 40.89 -12.40 1.30
C SER A 197 40.70 -13.91 1.54
N CYS A 198 39.94 -14.53 0.63
CA CYS A 198 39.69 -15.97 0.67
C CYS A 198 40.42 -16.62 -0.49
N GLN A 199 41.37 -17.49 -0.19
CA GLN A 199 42.19 -18.12 -1.21
C GLN A 199 41.88 -19.60 -1.24
N VAL A 200 41.30 -20.02 -2.35
CA VAL A 200 40.98 -21.43 -2.55
C VAL A 200 42.02 -22.13 -3.42
N THR A 201 42.65 -23.15 -2.89
CA THR A 201 43.61 -23.89 -3.69
C THR A 201 43.11 -25.28 -4.05
N HIS A 202 43.12 -25.55 -5.35
CA HIS A 202 42.55 -26.74 -5.89
C HIS A 202 43.48 -27.18 -6.97
N GLU A 203 43.83 -28.46 -6.98
CA GLU A 203 44.60 -29.03 -8.09
C GLU A 203 45.77 -28.10 -8.50
N GLY A 204 46.49 -27.61 -7.49
CA GLY A 204 47.67 -26.79 -7.72
C GLY A 204 47.48 -25.36 -8.20
N SER A 205 46.27 -25.04 -8.67
CA SER A 205 45.89 -23.66 -9.00
C SER A 205 45.12 -22.98 -7.87
N THR A 206 45.20 -21.66 -7.78
CA THR A 206 44.57 -20.95 -6.67
C THR A 206 43.65 -19.83 -7.09
N VAL A 207 42.40 -19.88 -6.64
CA VAL A 207 41.47 -18.77 -6.84
C VAL A 207 41.22 -18.05 -5.52
N GLU A 208 41.56 -16.77 -5.54
CA GLU A 208 41.43 -15.88 -4.40
C GLU A 208 40.32 -14.89 -4.72
N LYS A 209 39.58 -14.49 -3.69
CA LYS A 209 38.69 -13.37 -3.85
C LYS A 209 38.80 -12.52 -2.60
N THR A 210 38.48 -11.23 -2.71
CA THR A 210 38.83 -10.30 -1.65
C THR A 210 37.78 -9.20 -1.41
N VAL A 211 37.64 -8.78 -0.13
CA VAL A 211 36.67 -7.74 0.31
C VAL A 211 37.18 -6.77 1.39
N ALA A 212 36.56 -5.59 1.47
CA ALA A 212 37.05 -4.51 2.34
C ALA A 212 35.92 -3.85 3.13
N PRO A 213 36.23 -3.25 4.30
CA PRO A 213 35.30 -2.50 5.19
C PRO A 213 34.59 -1.29 4.56
N THR A 214 34.43 -0.19 5.32
CA THR A 214 33.74 1.04 4.84
C THR A 214 34.50 2.33 5.22
N GLU B 1 3.44 -54.63 -0.30
CA GLU B 1 4.91 -54.47 -0.58
C GLU B 1 5.67 -54.39 0.72
N VAL B 2 6.74 -55.15 0.84
CA VAL B 2 7.37 -55.28 2.10
C VAL B 2 8.08 -53.98 2.41
N GLN B 3 7.97 -53.54 3.64
CA GLN B 3 8.56 -52.27 3.98
C GLN B 3 8.97 -52.27 5.42
N LEU B 4 10.20 -51.83 5.65
CA LEU B 4 10.66 -51.57 6.97
C LEU B 4 10.67 -50.03 7.20
N VAL B 5 9.70 -49.50 7.95
CA VAL B 5 9.64 -48.07 8.15
C VAL B 5 10.32 -47.63 9.45
N GLN B 6 11.42 -46.91 9.32
CA GLN B 6 12.12 -46.42 10.53
C GLN B 6 11.67 -45.04 11.03
N SER B 7 11.85 -44.79 12.32
CA SER B 7 11.40 -43.52 12.92
C SER B 7 12.29 -42.34 12.55
N GLY B 8 11.88 -41.14 12.87
CA GLY B 8 12.66 -39.93 12.54
C GLY B 8 13.96 -39.77 13.29
N ALA B 9 14.69 -38.71 12.98
CA ALA B 9 16.01 -38.49 13.54
C ALA B 9 15.93 -38.10 15.00
N GLU B 10 16.91 -38.52 15.78
CA GLU B 10 16.90 -38.28 17.20
C GLU B 10 18.13 -37.48 17.57
N VAL B 11 17.96 -36.51 18.48
CA VAL B 11 19.09 -35.70 18.93
C VAL B 11 19.17 -35.76 20.44
N LYS B 12 20.30 -36.25 20.98
CA LYS B 12 20.45 -36.53 22.44
C LYS B 12 21.65 -35.89 23.11
N LYS B 13 21.57 -35.76 24.42
CA LYS B 13 22.68 -35.18 25.18
C LYS B 13 23.52 -36.38 25.68
N PRO B 14 24.86 -36.27 25.76
CA PRO B 14 25.58 -37.47 26.27
C PRO B 14 24.98 -37.93 27.59
N GLY B 15 24.85 -39.25 27.79
CA GLY B 15 24.30 -39.83 29.02
C GLY B 15 22.85 -40.28 28.85
N ALA B 16 22.22 -39.83 27.78
CA ALA B 16 20.81 -40.15 27.56
C ALA B 16 20.59 -41.53 26.99
N THR B 17 19.31 -41.87 26.90
CA THR B 17 18.78 -43.05 26.26
C THR B 17 17.84 -42.62 25.14
N VAL B 18 17.85 -43.37 24.03
CA VAL B 18 16.87 -43.12 22.97
C VAL B 18 16.29 -44.43 22.51
N LYS B 19 15.01 -44.46 22.11
CA LYS B 19 14.40 -45.68 21.62
C LYS B 19 13.89 -45.36 20.23
N ILE B 20 14.49 -45.96 19.21
CA ILE B 20 14.12 -45.76 17.83
C ILE B 20 13.37 -47.00 17.37
N SER B 21 12.50 -46.86 16.38
CA SER B 21 11.55 -47.92 16.06
C SER B 21 11.68 -48.37 14.59
N CYS B 22 11.37 -49.62 14.30
CA CYS B 22 11.42 -50.14 12.93
C CYS B 22 10.12 -50.88 12.67
N LYS B 23 9.17 -50.26 11.99
CA LYS B 23 7.86 -50.89 11.85
C LYS B 23 7.72 -51.65 10.55
N VAL B 24 7.12 -52.84 10.63
CA VAL B 24 7.13 -53.81 9.52
C VAL B 24 5.80 -53.88 8.79
N TYR B 25 5.85 -53.83 7.47
CA TYR B 25 4.64 -54.14 6.69
C TYR B 25 4.93 -55.21 5.68
N GLY B 26 3.89 -55.92 5.28
CA GLY B 26 3.99 -56.84 4.16
C GLY B 26 4.32 -58.30 4.40
N TYR B 27 4.65 -58.70 5.63
CA TYR B 27 4.67 -60.10 6.03
C TYR B 27 4.32 -60.20 7.53
N ILE B 28 4.28 -61.42 8.03
CA ILE B 28 3.98 -61.62 9.42
C ILE B 28 5.24 -61.25 10.23
N PHE B 29 5.11 -60.13 10.95
CA PHE B 29 6.22 -59.58 11.76
C PHE B 29 6.94 -60.66 12.53
N THR B 30 6.18 -61.57 13.11
CA THR B 30 6.78 -62.54 13.98
C THR B 30 7.45 -63.71 13.27
N ASP B 31 7.48 -63.75 11.96
CA ASP B 31 8.07 -64.90 11.26
C ASP B 31 9.61 -64.87 11.21
N TYR B 32 10.23 -63.69 11.07
CA TYR B 32 11.64 -63.64 10.71
C TYR B 32 12.42 -62.71 11.59
N ASN B 33 13.65 -63.09 11.85
CA ASN B 33 14.56 -62.27 12.61
C ASN B 33 14.70 -60.90 11.95
N ILE B 34 14.96 -59.89 12.76
CA ILE B 34 15.30 -58.56 12.28
C ILE B 34 16.73 -58.30 12.75
N TYR B 35 17.54 -57.62 11.93
CA TYR B 35 18.93 -57.33 12.26
C TYR B 35 19.13 -55.84 12.33
N TRP B 36 20.07 -55.41 13.16
CA TRP B 36 20.29 -53.99 13.27
C TRP B 36 21.72 -53.73 12.89
N VAL B 37 21.92 -52.66 12.13
CA VAL B 37 23.22 -52.35 11.63
C VAL B 37 23.47 -50.89 11.86
N ARG B 38 24.65 -50.59 12.37
CA ARG B 38 25.05 -49.22 12.63
C ARG B 38 26.01 -48.67 11.57
N GLN B 39 25.92 -47.36 11.35
CA GLN B 39 26.90 -46.76 10.42
C GLN B 39 27.28 -45.32 10.80
N ALA B 40 28.44 -45.14 11.42
CA ALA B 40 28.89 -43.82 11.82
C ALA B 40 29.16 -42.96 10.58
N PRO B 41 29.06 -41.62 10.73
CA PRO B 41 29.14 -40.81 9.53
C PRO B 41 30.50 -40.94 8.86
N GLY B 42 30.45 -41.22 7.56
CA GLY B 42 31.60 -41.52 6.76
C GLY B 42 32.26 -42.89 6.97
N LYS B 43 31.64 -43.80 7.72
CA LYS B 43 32.36 -45.03 8.06
C LYS B 43 31.63 -46.22 7.54
N GLY B 44 32.09 -47.42 7.88
CA GLY B 44 31.50 -48.63 7.32
C GLY B 44 30.33 -49.23 8.08
N LEU B 45 29.68 -50.23 7.50
CA LEU B 45 28.54 -50.91 8.15
C LEU B 45 29.07 -51.78 9.27
N GLU B 46 28.36 -51.88 10.38
CA GLU B 46 28.74 -52.77 11.47
C GLU B 46 27.49 -53.49 11.92
N TRP B 47 27.58 -54.81 12.03
CA TRP B 47 26.45 -55.62 12.37
C TRP B 47 26.35 -55.61 13.89
N MET B 48 25.25 -55.10 14.44
CA MET B 48 25.05 -54.96 15.87
C MET B 48 24.52 -56.19 16.56
N GLY B 49 23.51 -56.82 15.99
CA GLY B 49 22.75 -57.84 16.75
C GLY B 49 21.52 -58.22 15.99
N LEU B 50 20.73 -59.13 16.54
CA LEU B 50 19.53 -59.61 15.84
C LEU B 50 18.52 -59.86 16.91
N ILE B 51 17.22 -59.68 16.63
CA ILE B 51 16.20 -60.16 17.54
C ILE B 51 15.30 -61.14 16.77
N ASP B 52 14.66 -62.06 17.49
CA ASP B 52 13.68 -62.99 16.93
C ASP B 52 12.32 -62.57 17.49
N PRO B 53 11.47 -61.98 16.64
CA PRO B 53 10.19 -61.42 17.10
C PRO B 53 9.19 -62.44 17.63
N ASP B 54 9.39 -63.71 17.32
CA ASP B 54 8.38 -64.70 17.60
C ASP B 54 8.46 -65.04 19.08
N ASN B 55 9.65 -64.82 19.64
CA ASN B 55 9.93 -65.20 21.00
C ASN B 55 10.80 -64.23 21.78
N GLY B 56 11.17 -63.10 21.19
CA GLY B 56 11.94 -62.14 21.95
C GLY B 56 13.42 -62.41 22.18
N GLU B 57 13.98 -63.53 21.74
CA GLU B 57 15.36 -63.80 22.05
C GLU B 57 16.23 -62.88 21.25
N THR B 58 17.42 -62.54 21.77
CA THR B 58 18.32 -61.60 21.07
C THR B 58 19.80 -62.07 21.02
N PHE B 59 20.60 -61.44 20.19
CA PHE B 59 22.01 -61.71 20.20
C PHE B 59 22.74 -60.46 19.69
N TYR B 60 23.87 -60.14 20.30
CA TYR B 60 24.61 -58.90 20.10
C TYR B 60 26.07 -59.22 19.83
N ALA B 61 26.65 -58.62 18.82
CA ALA B 61 28.09 -58.45 18.77
C ALA B 61 28.68 -57.79 20.05
N GLU B 62 29.83 -58.27 20.49
CA GLU B 62 30.47 -57.82 21.72
C GLU B 62 30.36 -56.31 21.98
N LYS B 63 30.76 -55.54 20.98
CA LYS B 63 30.88 -54.08 20.98
C LYS B 63 29.58 -53.35 21.44
N PHE B 64 28.43 -53.96 21.17
CA PHE B 64 27.15 -53.33 21.46
C PHE B 64 26.44 -53.93 22.67
N GLN B 65 26.94 -55.05 23.17
CA GLN B 65 26.52 -55.64 24.41
C GLN B 65 26.35 -54.57 25.46
N GLY B 66 25.17 -54.44 26.05
CA GLY B 66 25.03 -53.57 27.22
C GLY B 66 24.43 -52.22 26.87
N ARG B 67 24.84 -51.67 25.74
CA ARG B 67 24.45 -50.33 25.39
C ARG B 67 23.44 -50.24 24.25
N ALA B 68 23.05 -51.39 23.72
CA ALA B 68 21.98 -51.50 22.74
C ALA B 68 21.04 -52.50 23.35
N THR B 69 19.74 -52.22 23.30
CA THR B 69 18.78 -53.23 23.69
C THR B 69 17.72 -53.38 22.65
N MET B 70 17.60 -54.58 22.11
CA MET B 70 16.69 -54.81 21.02
C MET B 70 15.45 -55.37 21.64
N THR B 71 14.27 -54.84 21.28
CA THR B 71 12.99 -55.40 21.79
C THR B 71 12.09 -55.52 20.58
N ALA B 72 10.88 -56.07 20.77
CA ALA B 72 9.87 -56.21 19.72
C ALA B 72 8.47 -56.09 20.32
N ASP B 73 7.63 -55.26 19.72
CA ASP B 73 6.27 -55.08 20.22
C ASP B 73 5.42 -55.78 19.21
N THR B 74 4.97 -57.00 19.53
CA THR B 74 4.35 -57.79 18.49
C THR B 74 2.97 -57.25 18.17
N SER B 75 2.35 -56.62 19.15
CA SER B 75 0.99 -56.18 19.05
C SER B 75 0.93 -55.05 18.06
N SER B 76 2.08 -54.48 17.72
CA SER B 76 2.03 -53.31 16.88
C SER B 76 3.00 -53.39 15.72
N ASP B 77 3.57 -54.57 15.51
CA ASP B 77 4.51 -54.87 14.42
C ASP B 77 5.77 -54.04 14.41
N ARG B 78 6.41 -53.96 15.57
CA ARG B 78 7.39 -52.97 15.72
C ARG B 78 8.62 -53.51 16.45
N ALA B 79 9.78 -53.45 15.82
CA ALA B 79 11.04 -53.87 16.44
C ALA B 79 11.70 -52.61 16.98
N TYR B 80 12.04 -52.60 18.27
CA TYR B 80 12.65 -51.40 18.83
C TYR B 80 14.12 -51.62 19.14
N MET B 81 14.93 -50.58 18.91
CA MET B 81 16.32 -50.52 19.40
C MET B 81 16.46 -49.39 20.44
N GLU B 82 17.02 -49.72 21.59
CA GLU B 82 17.24 -48.74 22.63
C GLU B 82 18.72 -48.53 22.93
N LEU B 83 19.23 -47.29 22.73
CA LEU B 83 20.63 -47.05 22.93
C LEU B 83 20.73 -46.30 24.20
N SER B 84 21.68 -46.67 25.07
CA SER B 84 21.82 -46.02 26.37
C SER B 84 23.22 -45.54 26.65
N SER B 85 23.34 -44.82 27.77
CA SER B 85 24.58 -44.18 28.13
C SER B 85 25.16 -43.53 26.90
N LEU B 86 24.38 -42.75 26.18
CA LEU B 86 24.82 -42.28 24.86
C LEU B 86 26.14 -41.54 24.93
N ARG B 87 26.97 -41.72 23.91
CA ARG B 87 28.27 -41.07 23.84
C ARG B 87 28.39 -40.35 22.53
N PHE B 88 29.22 -39.32 22.44
CA PHE B 88 29.45 -38.69 21.15
C PHE B 88 29.63 -39.68 20.05
N GLU B 89 30.41 -40.71 20.31
CA GLU B 89 30.80 -41.66 19.25
C GLU B 89 29.62 -42.53 18.85
N ASP B 90 28.50 -42.42 19.56
CA ASP B 90 27.36 -43.23 19.24
C ASP B 90 26.56 -42.56 18.16
N THR B 91 27.00 -41.39 17.75
CA THR B 91 26.39 -40.71 16.61
C THR B 91 26.52 -41.59 15.36
N ALA B 92 25.41 -42.08 14.83
CA ALA B 92 25.42 -42.86 13.61
C ALA B 92 24.04 -43.00 13.03
N VAL B 93 23.96 -43.50 11.79
CA VAL B 93 22.69 -43.92 11.28
C VAL B 93 22.53 -45.37 11.68
N TYR B 94 21.39 -45.69 12.29
CA TYR B 94 21.03 -47.05 12.70
C TYR B 94 19.96 -47.65 11.77
N TYR B 95 20.31 -48.77 11.13
CA TYR B 95 19.34 -49.41 10.19
C TYR B 95 18.80 -50.71 10.73
N CYS B 96 17.54 -50.99 10.44
CA CYS B 96 17.06 -52.36 10.64
C CYS B 96 16.98 -53.04 9.27
N ALA B 97 17.16 -54.36 9.25
CA ALA B 97 17.15 -55.08 7.99
C ALA B 97 16.58 -56.47 8.17
N THR B 98 16.14 -57.11 7.10
CA THR B 98 15.66 -58.48 7.21
C THR B 98 15.74 -59.28 5.89
N VAL B 99 15.50 -60.59 5.98
CA VAL B 99 15.48 -61.51 4.90
C VAL B 99 14.31 -62.39 5.34
N MET B 100 13.33 -62.67 4.48
CA MET B 100 12.22 -63.56 4.84
C MET B 100 12.62 -65.00 4.72
N GLY B 101 13.55 -65.44 5.55
CA GLY B 101 14.10 -66.73 5.38
C GLY B 101 13.71 -67.32 6.69
N LYS B 102 14.61 -67.24 7.64
CA LYS B 102 14.66 -68.19 8.75
C LYS B 102 15.70 -69.21 8.35
N TRP B 103 16.64 -69.46 9.25
CA TRP B 103 17.70 -70.44 9.05
C TRP B 103 18.71 -70.03 8.02
N ILE B 104 18.86 -68.74 7.75
CA ILE B 104 19.80 -68.25 6.74
C ILE B 104 20.71 -67.15 7.30
N LYS B 105 21.99 -67.12 6.95
CA LYS B 105 22.95 -66.30 7.73
C LYS B 105 22.96 -64.75 7.48
N GLY B 106 23.18 -64.35 6.21
CA GLY B 106 23.27 -62.91 5.88
C GLY B 106 22.50 -62.47 4.65
N GLY B 107 23.03 -61.52 3.90
CA GLY B 107 22.40 -61.07 2.69
C GLY B 107 21.00 -60.53 2.90
N TYR B 108 20.92 -59.42 3.62
CA TYR B 108 19.66 -58.79 3.93
C TYR B 108 19.18 -58.03 2.74
N ASP B 109 17.91 -58.16 2.55
CA ASP B 109 17.29 -58.06 1.28
C ASP B 109 16.48 -56.78 1.28
N TYR B 110 15.91 -56.48 2.46
CA TYR B 110 14.97 -55.41 2.81
C TYR B 110 15.63 -54.56 3.93
N TRP B 111 15.63 -53.24 3.76
CA TRP B 111 16.30 -52.37 4.69
C TRP B 111 15.40 -51.20 5.01
N GLY B 112 15.39 -50.75 6.26
CA GLY B 112 14.72 -49.49 6.57
C GLY B 112 15.54 -48.36 5.95
N ARG B 113 14.97 -47.16 5.94
CA ARG B 113 15.71 -46.00 5.49
C ARG B 113 16.85 -45.47 6.41
N GLY B 114 17.01 -46.01 7.59
CA GLY B 114 17.96 -45.45 8.50
C GLY B 114 17.36 -44.46 9.48
N THR B 115 17.69 -44.57 10.77
CA THR B 115 17.46 -43.48 11.69
C THR B 115 18.73 -42.88 12.19
N LEU B 116 18.94 -41.60 11.94
CA LEU B 116 20.10 -40.90 12.46
C LEU B 116 19.98 -40.58 13.93
N VAL B 117 21.03 -40.87 14.67
CA VAL B 117 21.04 -40.49 16.06
C VAL B 117 22.27 -39.63 16.27
N THR B 118 22.06 -38.39 16.72
CA THR B 118 23.13 -37.40 16.91
C THR B 118 23.30 -37.11 18.40
N VAL B 119 24.55 -37.27 18.89
CA VAL B 119 24.79 -37.04 20.29
C VAL B 119 25.70 -35.82 20.44
N SER B 120 25.27 -34.84 21.26
CA SER B 120 25.99 -33.59 21.40
C SER B 120 25.71 -32.90 22.71
N SER B 121 26.65 -32.09 23.16
CA SER B 121 26.40 -31.36 24.37
C SER B 121 25.50 -30.16 24.18
N ALA B 122 25.25 -29.78 22.93
CA ALA B 122 24.56 -28.54 22.61
C ALA B 122 23.06 -28.59 22.92
N SER B 123 22.48 -27.41 23.08
CA SER B 123 21.05 -27.30 23.36
C SER B 123 20.32 -26.72 22.17
N THR B 124 19.02 -26.95 22.06
CA THR B 124 18.32 -26.47 20.88
C THR B 124 18.44 -24.96 20.84
N LYS B 125 18.85 -24.41 19.70
CA LYS B 125 18.83 -22.95 19.53
C LYS B 125 18.51 -22.53 18.11
N GLY B 126 17.51 -21.64 17.96
CA GLY B 126 17.10 -21.10 16.66
C GLY B 126 18.19 -20.28 15.99
N PRO B 127 18.10 -20.12 14.68
CA PRO B 127 19.20 -19.42 14.01
C PRO B 127 19.09 -17.89 14.11
N SER B 128 20.18 -17.17 13.88
CA SER B 128 20.06 -15.78 13.49
C SER B 128 20.20 -15.77 12.00
N VAL B 129 19.47 -14.87 11.35
CA VAL B 129 19.54 -14.77 9.91
C VAL B 129 20.02 -13.38 9.57
N PHE B 130 21.14 -13.31 8.88
CA PHE B 130 21.72 -12.07 8.45
C PHE B 130 21.67 -12.01 6.94
N PRO B 131 21.36 -10.84 6.36
CA PRO B 131 21.26 -10.76 4.92
C PRO B 131 22.64 -10.62 4.30
N LEU B 132 22.90 -11.34 3.22
CA LEU B 132 24.20 -11.33 2.59
C LEU B 132 24.11 -10.51 1.33
N ALA B 133 24.10 -9.18 1.47
CA ALA B 133 23.78 -8.25 0.37
C ALA B 133 24.62 -8.37 -0.89
N PRO B 134 23.95 -8.24 -2.05
CA PRO B 134 24.59 -8.11 -3.37
C PRO B 134 25.64 -6.98 -3.38
N SER B 135 26.88 -7.40 -3.67
CA SER B 135 28.05 -6.55 -3.72
C SER B 135 27.79 -5.48 -4.78
N SER B 136 27.34 -4.31 -4.32
CA SER B 136 26.65 -3.31 -5.15
C SER B 136 27.03 -3.21 -6.64
N LYS B 137 26.00 -3.10 -7.49
CA LYS B 137 26.12 -2.94 -8.94
C LYS B 137 27.19 -1.91 -9.32
N SER B 140 28.34 -3.64 -14.57
CA SER B 140 27.54 -4.62 -13.83
C SER B 140 27.44 -6.01 -14.50
N GLY B 141 27.65 -6.04 -15.83
CA GLY B 141 27.75 -7.27 -16.66
C GLY B 141 27.11 -8.62 -16.28
N GLY B 142 25.79 -8.71 -16.41
CA GLY B 142 25.08 -9.97 -16.23
C GLY B 142 24.43 -10.08 -14.87
N THR B 143 25.04 -10.88 -13.99
CA THR B 143 24.43 -11.42 -12.75
C THR B 143 25.11 -10.99 -11.44
N ALA B 144 24.44 -11.30 -10.33
CA ALA B 144 24.83 -10.84 -8.99
C ALA B 144 24.33 -11.84 -7.96
N ALA B 145 25.15 -12.08 -6.94
CA ALA B 145 24.84 -13.04 -5.87
C ALA B 145 24.43 -12.37 -4.56
N LEU B 146 23.29 -12.79 -4.01
CA LEU B 146 22.90 -12.37 -2.68
C LEU B 146 22.48 -13.56 -1.89
N GLY B 147 22.57 -13.48 -0.57
CA GLY B 147 22.29 -14.64 0.27
C GLY B 147 21.71 -14.35 1.64
N CYS B 148 21.58 -15.42 2.43
CA CYS B 148 21.21 -15.36 3.81
C CYS B 148 22.19 -16.22 4.56
N LEU B 149 22.68 -15.67 5.65
CA LEU B 149 23.61 -16.34 6.52
C LEU B 149 22.77 -16.77 7.69
N VAL B 150 22.70 -18.08 7.90
CA VAL B 150 21.87 -18.71 8.92
C VAL B 150 22.78 -19.14 10.07
N LYS B 151 22.79 -18.37 11.13
CA LYS B 151 23.94 -18.43 12.00
C LYS B 151 23.59 -18.99 13.35
N ASP B 152 24.47 -19.85 13.82
CA ASP B 152 24.46 -20.29 15.20
C ASP B 152 23.23 -21.06 15.65
N TYR B 153 22.91 -22.14 14.93
CA TYR B 153 21.75 -22.90 15.31
C TYR B 153 22.08 -24.37 15.64
N PHE B 154 21.22 -25.02 16.46
CA PHE B 154 21.40 -26.39 16.81
C PHE B 154 20.04 -27.07 16.81
N PRO B 155 20.04 -28.42 16.78
CA PRO B 155 20.32 -29.35 15.74
C PRO B 155 19.99 -28.97 14.35
N GLU B 156 20.51 -29.80 13.50
CA GLU B 156 20.42 -29.69 12.12
C GLU B 156 19.18 -30.51 11.84
N PRO B 157 18.32 -29.94 10.99
CA PRO B 157 18.05 -29.80 9.57
C PRO B 157 17.61 -28.33 9.62
N VAL B 158 18.06 -27.52 8.69
CA VAL B 158 17.39 -26.25 8.47
C VAL B 158 16.88 -26.25 7.03
N THR B 159 15.71 -25.69 6.84
CA THR B 159 15.20 -25.44 5.52
C THR B 159 15.39 -24.01 5.08
N VAL B 160 15.89 -23.76 3.88
CA VAL B 160 15.85 -22.38 3.35
C VAL B 160 15.16 -22.33 2.01
N SER B 161 14.22 -21.40 1.85
CA SER B 161 13.50 -21.24 0.57
C SER B 161 13.53 -19.78 0.22
N TRP B 162 13.29 -19.45 -1.04
CA TRP B 162 13.34 -18.03 -1.46
C TRP B 162 12.02 -17.52 -2.01
N ASN B 163 11.63 -16.29 -1.66
CA ASN B 163 10.33 -15.72 -2.04
C ASN B 163 9.27 -16.78 -1.94
N SER B 164 9.21 -17.40 -0.76
CA SER B 164 8.21 -18.40 -0.36
C SER B 164 8.06 -19.57 -1.34
N GLY B 165 9.16 -20.02 -1.93
CA GLY B 165 9.09 -21.16 -2.82
C GLY B 165 9.00 -20.71 -4.28
N ALA B 166 8.47 -19.51 -4.52
CA ALA B 166 8.38 -18.98 -5.88
C ALA B 166 9.75 -18.85 -6.58
N LEU B 167 10.82 -18.62 -5.85
CA LEU B 167 12.09 -18.46 -6.54
C LEU B 167 12.97 -19.67 -6.34
N THR B 168 13.32 -20.31 -7.43
CA THR B 168 13.86 -21.65 -7.36
C THR B 168 15.16 -21.75 -8.14
N SER B 169 15.16 -21.18 -9.36
CA SER B 169 16.33 -21.07 -10.21
C SER B 169 17.48 -20.31 -9.53
N GLY B 170 18.70 -20.74 -9.79
CA GLY B 170 19.91 -20.02 -9.34
C GLY B 170 20.28 -20.19 -7.87
N VAL B 171 19.41 -20.88 -7.12
CA VAL B 171 19.52 -21.04 -5.68
C VAL B 171 20.50 -22.15 -5.34
N HIS B 172 21.38 -21.89 -4.39
CA HIS B 172 22.35 -22.86 -3.95
C HIS B 172 22.50 -22.69 -2.45
N THR B 173 21.96 -23.64 -1.69
CA THR B 173 22.08 -23.65 -0.23
C THR B 173 23.15 -24.62 0.20
N PHE B 174 24.19 -24.14 0.86
CA PHE B 174 25.35 -24.99 1.22
C PHE B 174 25.17 -25.76 2.50
N PRO B 175 25.73 -26.96 2.56
CA PRO B 175 25.78 -27.72 3.82
C PRO B 175 26.41 -26.92 4.96
N ALA B 176 25.91 -27.13 6.15
CA ALA B 176 26.35 -26.38 7.34
C ALA B 176 27.80 -26.68 7.74
N VAL B 177 28.41 -25.70 8.39
CA VAL B 177 29.64 -25.90 9.12
C VAL B 177 29.25 -26.20 10.57
N LEU B 178 29.95 -27.14 11.20
CA LEU B 178 29.79 -27.37 12.65
C LEU B 178 30.91 -26.67 13.39
N GLN B 179 30.57 -25.58 14.07
CA GLN B 179 31.55 -24.80 14.80
C GLN B 179 32.01 -25.53 16.04
N SER B 180 33.05 -25.05 16.70
CA SER B 180 33.48 -25.78 17.91
C SER B 180 32.61 -25.44 19.09
N SER B 181 31.84 -24.36 18.98
CA SER B 181 30.81 -24.07 19.96
C SER B 181 29.75 -25.14 19.92
N GLY B 182 29.77 -25.94 18.87
CA GLY B 182 28.83 -27.04 18.75
C GLY B 182 27.55 -26.65 18.02
N LEU B 183 27.48 -25.37 17.65
CA LEU B 183 26.36 -24.83 16.90
C LEU B 183 26.70 -24.88 15.41
N TYR B 184 25.67 -24.83 14.57
CA TYR B 184 25.87 -24.94 13.15
C TYR B 184 25.66 -23.57 12.47
N SER B 185 26.34 -23.35 11.34
CA SER B 185 26.02 -22.19 10.50
C SER B 185 25.94 -22.60 9.03
N LEU B 186 25.12 -21.93 8.25
CA LEU B 186 25.10 -22.18 6.82
C LEU B 186 24.71 -20.97 5.97
N SER B 187 24.88 -21.08 4.65
CA SER B 187 24.51 -20.02 3.75
C SER B 187 23.67 -20.49 2.60
N SER B 188 22.68 -19.67 2.24
CA SER B 188 21.91 -19.92 1.02
C SER B 188 22.08 -18.75 0.08
N VAL B 189 22.51 -19.06 -1.14
CA VAL B 189 22.86 -18.04 -2.13
C VAL B 189 22.06 -18.21 -3.38
N VAL B 190 21.50 -17.10 -3.83
CA VAL B 190 20.81 -17.05 -5.08
C VAL B 190 21.54 -16.11 -6.05
N THR B 191 21.60 -16.55 -7.30
CA THR B 191 22.23 -15.81 -8.38
C THR B 191 21.15 -15.21 -9.24
N VAL B 192 21.16 -13.89 -9.33
CA VAL B 192 20.08 -13.19 -10.01
C VAL B 192 20.58 -12.24 -11.07
N PRO B 193 19.79 -12.03 -12.15
CA PRO B 193 20.14 -11.00 -13.13
C PRO B 193 20.39 -9.72 -12.36
N SER B 194 21.50 -9.09 -12.68
CA SER B 194 21.95 -7.89 -11.99
C SER B 194 21.00 -6.75 -12.31
N SER B 195 20.27 -6.90 -13.42
CA SER B 195 19.38 -5.86 -13.95
C SER B 195 18.09 -5.72 -13.13
N SER B 196 17.69 -6.78 -12.44
CA SER B 196 16.46 -6.83 -11.62
C SER B 196 16.61 -6.36 -10.15
N LEU B 197 17.85 -6.07 -9.74
CA LEU B 197 18.18 -5.65 -8.37
C LEU B 197 17.36 -4.52 -7.73
N GLY B 198 16.99 -3.52 -8.50
CA GLY B 198 16.22 -2.40 -7.96
C GLY B 198 14.70 -2.54 -8.03
N THR B 199 14.20 -3.65 -8.56
CA THR B 199 12.76 -3.79 -8.80
C THR B 199 12.11 -5.04 -8.23
N GLN B 200 12.85 -6.15 -8.19
CA GLN B 200 12.34 -7.41 -7.69
C GLN B 200 12.72 -7.56 -6.22
N THR B 201 11.74 -7.90 -5.39
CA THR B 201 11.99 -8.18 -3.97
C THR B 201 12.61 -9.57 -3.71
N TYR B 202 13.66 -9.63 -2.90
CA TYR B 202 14.23 -10.91 -2.49
C TYR B 202 14.11 -11.24 -0.98
N ILE B 203 13.20 -12.15 -0.61
CA ILE B 203 13.06 -12.63 0.78
C ILE B 203 13.55 -14.09 1.00
N CYS B 204 14.36 -14.34 2.02
CA CYS B 204 14.68 -15.72 2.37
C CYS B 204 13.85 -16.24 3.56
N ASN B 205 13.36 -17.45 3.43
CA ASN B 205 12.53 -18.08 4.47
C ASN B 205 13.24 -19.24 5.07
N VAL B 206 13.58 -19.07 6.33
CA VAL B 206 14.39 -19.98 7.08
C VAL B 206 13.46 -20.73 8.01
N ASN B 207 13.56 -22.02 8.04
CA ASN B 207 12.69 -22.75 8.93
C ASN B 207 13.57 -23.68 9.70
N HIS B 208 13.53 -23.57 11.03
CA HIS B 208 14.35 -24.42 11.85
C HIS B 208 13.48 -25.24 12.77
N LYS B 209 12.99 -26.39 12.27
CA LYS B 209 11.85 -27.05 12.91
C LYS B 209 12.15 -27.44 14.34
N PRO B 210 13.34 -28.00 14.59
CA PRO B 210 13.67 -28.48 15.91
C PRO B 210 13.48 -27.43 16.96
N SER B 211 13.75 -26.14 16.63
CA SER B 211 13.54 -25.03 17.59
C SER B 211 12.20 -24.31 17.41
N ASN B 212 11.44 -24.78 16.42
CA ASN B 212 10.16 -24.19 16.10
C ASN B 212 10.29 -22.72 15.80
N THR B 213 11.26 -22.36 14.97
CA THR B 213 11.52 -21.00 14.63
C THR B 213 11.42 -20.88 13.13
N LYS B 214 10.64 -19.90 12.65
CA LYS B 214 10.60 -19.46 11.24
C LYS B 214 11.08 -18.02 11.11
N VAL B 215 12.09 -17.76 10.31
CA VAL B 215 12.54 -16.38 10.04
C VAL B 215 12.40 -15.99 8.57
N ASP B 216 11.87 -14.82 8.30
CA ASP B 216 11.79 -14.33 6.95
C ASP B 216 12.57 -13.05 6.95
N LYS B 217 13.49 -12.95 6.01
CA LYS B 217 14.33 -11.78 5.93
C LYS B 217 14.48 -11.28 4.47
N LYS B 218 14.21 -10.00 4.25
CA LYS B 218 14.51 -9.32 2.99
C LYS B 218 16.01 -9.09 2.82
N VAL B 219 16.46 -9.10 1.56
CA VAL B 219 17.88 -8.95 1.23
C VAL B 219 17.99 -7.85 0.19
N GLU B 220 18.43 -6.70 0.65
CA GLU B 220 18.46 -5.49 -0.15
C GLU B 220 19.87 -5.16 -0.58
N PRO B 221 20.05 -4.64 -1.80
CA PRO B 221 21.37 -4.14 -2.22
C PRO B 221 21.97 -3.16 -1.21
N LYS B 222 23.29 -3.20 -1.04
CA LYS B 222 23.99 -2.29 -0.12
C LYS B 222 24.10 -0.86 -0.67
N SER C 2 14.89 34.33 30.39
CA SER C 2 15.02 33.23 31.40
C SER C 2 13.80 32.27 31.62
N VAL C 3 13.29 32.20 32.86
CA VAL C 3 12.54 31.01 33.32
C VAL C 3 11.20 31.35 33.97
N LEU C 4 10.14 30.76 33.45
CA LEU C 4 8.85 30.79 34.09
C LEU C 4 8.67 29.49 34.89
N THR C 5 8.53 29.63 36.20
CA THR C 5 8.52 28.47 37.08
C THR C 5 7.11 28.01 37.34
N GLN C 6 6.91 26.69 37.23
CA GLN C 6 5.66 26.03 37.67
C GLN C 6 5.94 24.91 38.68
N PRO C 7 5.00 24.65 39.59
CA PRO C 7 5.15 23.53 40.50
C PRO C 7 5.15 22.22 39.73
N PRO C 8 6.10 21.31 39.99
CA PRO C 8 6.14 20.16 39.09
C PRO C 8 4.82 19.42 39.03
N SER C 9 4.04 19.41 40.11
CA SER C 9 2.77 18.68 40.06
C SER C 9 1.66 19.13 41.00
N VAL C 10 0.43 18.82 40.62
CA VAL C 10 -0.73 19.21 41.39
C VAL C 10 -1.74 18.04 41.52
N SER C 11 -2.53 18.02 42.59
CA SER C 11 -3.62 17.07 42.77
C SER C 11 -4.98 17.70 43.07
N GLY C 12 -6.01 17.01 42.61
CA GLY C 12 -7.39 17.26 43.02
C GLY C 12 -8.28 16.04 42.88
N ALA C 13 -9.26 15.92 43.77
CA ALA C 13 -10.33 14.96 43.63
C ALA C 13 -11.40 15.55 42.72
N PRO C 14 -12.07 14.71 41.91
CA PRO C 14 -13.09 15.16 40.95
C PRO C 14 -14.22 16.02 41.57
N GLY C 15 -14.78 16.92 40.75
CA GLY C 15 -15.73 17.92 41.22
C GLY C 15 -15.05 19.16 41.78
N GLN C 16 -13.80 19.01 42.18
CA GLN C 16 -13.10 20.02 42.98
C GLN C 16 -12.38 21.11 42.14
N ARG C 17 -11.86 22.12 42.84
CA ARG C 17 -11.08 23.22 42.22
C ARG C 17 -9.57 23.14 42.50
N VAL C 18 -8.77 23.13 41.42
CA VAL C 18 -7.30 23.15 41.56
C VAL C 18 -6.67 24.38 40.92
N THR C 19 -5.51 24.76 41.44
CA THR C 19 -4.89 25.94 40.92
C THR C 19 -3.44 25.68 40.52
N ILE C 20 -3.04 26.12 39.32
CA ILE C 20 -1.64 26.00 38.90
C ILE C 20 -0.98 27.38 38.74
N SER C 21 0.17 27.59 39.39
CA SER C 21 0.82 28.89 39.32
C SER C 21 1.96 29.00 38.29
N CYS C 22 2.21 30.20 37.80
CA CYS C 22 3.28 30.44 36.85
C CYS C 22 4.01 31.69 37.26
N THR C 23 5.27 31.54 37.66
CA THR C 23 5.96 32.67 38.26
C THR C 23 7.16 33.16 37.44
N GLY C 24 7.14 34.44 37.07
CA GLY C 24 8.20 35.02 36.22
C GLY C 24 9.01 36.10 36.91
N SER C 25 9.37 37.15 36.16
CA SER C 25 10.12 38.26 36.73
C SER C 25 9.58 39.56 36.13
N SER C 26 10.17 40.68 36.54
CA SER C 26 9.75 41.98 36.01
C SER C 26 10.23 42.19 34.56
N SER C 27 10.79 41.15 33.98
CA SER C 27 11.22 41.19 32.59
C SER C 27 10.25 40.43 31.64
N ASN C 28 9.24 39.80 32.21
CA ASN C 28 8.24 39.16 31.40
C ASN C 28 6.81 39.38 31.89
N ILE C 29 6.29 38.44 32.67
CA ILE C 29 4.96 38.61 33.23
C ILE C 29 4.80 39.98 33.90
N GLY C 30 5.78 40.35 34.70
CA GLY C 30 5.71 41.59 35.46
C GLY C 30 6.09 42.79 34.63
N ALA C 31 6.29 42.56 33.35
CA ALA C 31 6.55 43.69 32.50
C ALA C 31 5.30 43.99 31.64
N GLY C 32 4.14 43.49 32.07
CA GLY C 32 2.89 43.67 31.32
C GLY C 32 2.68 42.83 30.05
N TYR C 33 3.46 41.80 29.82
CA TYR C 33 3.21 40.96 28.66
C TYR C 33 2.14 39.90 29.03
N ASP C 34 1.26 39.57 28.08
CA ASP C 34 0.22 38.55 28.33
C ASP C 34 0.74 37.18 28.74
N VAL C 35 -0.08 36.44 29.50
CA VAL C 35 0.24 35.04 29.75
C VAL C 35 -0.71 34.13 29.01
N HIS C 36 -0.20 33.03 28.47
CA HIS C 36 -1.06 32.00 27.87
C HIS C 36 -0.82 30.64 28.48
N TRP C 37 -1.83 29.78 28.44
CA TRP C 37 -1.72 28.43 28.98
C TRP C 37 -2.03 27.33 27.96
N TYR C 38 -1.26 26.24 28.02
CA TYR C 38 -1.51 25.11 27.14
C TYR C 38 -1.76 23.83 27.93
N GLN C 39 -2.59 22.97 27.35
CA GLN C 39 -2.78 21.65 27.90
C GLN C 39 -2.17 20.61 26.96
N GLN C 40 -1.41 19.66 27.48
CA GLN C 40 -0.92 18.56 26.66
C GLN C 40 -1.30 17.17 27.18
N LEU C 41 -1.98 16.40 26.35
CA LEU C 41 -2.37 15.04 26.77
C LEU C 41 -1.34 14.05 26.25
N PRO C 42 -1.11 12.93 26.97
CA PRO C 42 -0.01 12.01 26.58
C PRO C 42 -0.18 11.59 25.15
N GLY C 43 0.88 11.73 24.37
CA GLY C 43 0.85 11.33 22.96
C GLY C 43 0.48 12.42 21.98
N THR C 44 -0.33 13.39 22.43
CA THR C 44 -0.86 14.47 21.60
C THR C 44 -0.01 15.74 21.65
N ALA C 45 -0.17 16.60 20.65
CA ALA C 45 0.53 17.89 20.61
C ALA C 45 -0.14 18.81 21.59
N PRO C 46 0.58 19.84 22.08
CA PRO C 46 -0.08 20.62 23.11
C PRO C 46 -1.20 21.46 22.51
N LYS C 47 -2.10 21.92 23.37
CA LYS C 47 -3.31 22.61 22.95
C LYS C 47 -3.50 23.97 23.70
N LEU C 48 -3.90 25.03 22.98
CA LEU C 48 -4.06 26.32 23.60
C LEU C 48 -5.28 26.20 24.44
N LEU C 49 -5.20 26.72 25.65
CA LEU C 49 -6.27 26.61 26.63
C LEU C 49 -6.75 27.97 27.07
N ILE C 50 -5.80 28.87 27.34
CA ILE C 50 -6.10 30.28 27.65
C ILE C 50 -5.07 31.13 26.93
N TYR C 51 -5.52 32.24 26.32
CA TYR C 51 -4.56 33.20 25.77
C TYR C 51 -4.89 34.54 26.28
N ASP C 52 -3.92 35.44 26.15
CA ASP C 52 -4.07 36.82 26.59
C ASP C 52 -4.63 36.90 28.01
N ASN C 53 -3.94 36.26 28.95
CA ASN C 53 -4.35 36.31 30.33
C ASN C 53 -5.57 35.41 30.69
N PHE C 54 -6.72 35.58 30.06
CA PHE C 54 -7.95 34.92 30.54
C PHE C 54 -8.91 34.47 29.46
N ASN C 55 -8.54 34.65 28.20
CA ASN C 55 -9.45 34.27 27.15
C ASN C 55 -9.35 32.80 26.83
N ARG C 56 -10.53 32.22 26.73
CA ARG C 56 -10.73 30.83 26.36
C ARG C 56 -10.92 30.82 24.85
N PRO C 57 -10.17 29.98 24.11
CA PRO C 57 -10.62 29.77 22.72
C PRO C 57 -11.87 28.85 22.74
N SER C 58 -12.48 28.57 21.60
CA SER C 58 -13.73 27.79 21.62
C SER C 58 -13.47 26.31 21.83
N GLY C 59 -14.49 25.65 22.37
CA GLY C 59 -14.32 24.32 22.91
C GLY C 59 -14.09 24.45 24.40
N VAL C 60 -12.96 25.04 24.75
CA VAL C 60 -12.49 25.10 26.13
C VAL C 60 -13.61 25.50 27.09
N PRO C 61 -14.06 24.55 27.93
CA PRO C 61 -15.15 24.77 28.91
C PRO C 61 -14.86 25.94 29.85
N ASP C 62 -15.89 26.59 30.38
CA ASP C 62 -15.64 27.72 31.30
C ASP C 62 -15.15 27.28 32.69
N ARG C 63 -14.82 26.00 32.82
CA ARG C 63 -14.18 25.46 34.02
C ARG C 63 -12.75 26.01 34.17
N PHE C 64 -12.12 26.24 33.02
CA PHE C 64 -10.77 26.84 32.94
C PHE C 64 -10.86 28.38 32.98
N SER C 65 -10.19 28.97 33.95
CA SER C 65 -10.08 30.40 34.02
C SER C 65 -8.61 30.77 34.16
N GLY C 66 -8.26 31.98 33.77
CA GLY C 66 -6.90 32.42 33.95
C GLY C 66 -6.81 33.78 34.59
N SER C 67 -5.82 33.95 35.47
CA SER C 67 -5.55 35.27 36.04
C SER C 67 -4.06 35.63 36.08
N LYS C 68 -3.80 36.91 36.30
CA LYS C 68 -2.46 37.47 36.35
C LYS C 68 -2.37 38.37 37.59
N SER C 69 -1.28 38.26 38.37
CA SER C 69 -1.05 39.17 39.50
C SER C 69 0.07 40.20 39.27
N GLY C 70 1.30 39.82 39.60
CA GLY C 70 2.40 40.75 39.41
C GLY C 70 3.43 40.16 38.46
N THR C 71 4.32 39.34 39.01
CA THR C 71 5.29 38.61 38.23
C THR C 71 4.80 37.19 38.06
N SER C 72 3.58 36.94 38.53
CA SER C 72 3.00 35.60 38.45
C SER C 72 1.62 35.53 37.77
N ALA C 73 1.20 34.31 37.43
CA ALA C 73 -0.09 34.07 36.79
C ALA C 73 -0.57 32.72 37.26
N SER C 74 -1.83 32.42 37.00
CA SER C 74 -2.48 31.27 37.60
C SER C 74 -3.62 30.78 36.74
N LEU C 75 -3.59 29.50 36.46
CA LEU C 75 -4.67 28.80 35.80
C LEU C 75 -5.52 28.18 36.87
N ALA C 76 -6.84 28.31 36.74
CA ALA C 76 -7.74 27.65 37.67
C ALA C 76 -8.65 26.68 36.95
N ILE C 77 -8.86 25.52 37.57
CA ILE C 77 -9.78 24.52 37.04
C ILE C 77 -10.76 24.12 38.13
N THR C 78 -12.04 24.37 37.87
CA THR C 78 -13.17 23.91 38.73
C THR C 78 -13.77 22.65 38.13
N GLY C 79 -14.53 21.90 38.93
CA GLY C 79 -15.24 20.72 38.43
C GLY C 79 -14.32 19.74 37.73
N LEU C 80 -13.23 19.42 38.40
CA LEU C 80 -12.19 18.60 37.81
C LEU C 80 -12.77 17.29 37.29
N GLN C 81 -12.42 16.96 36.06
CA GLN C 81 -12.87 15.73 35.42
C GLN C 81 -11.65 14.83 35.22
N ALA C 82 -11.87 13.60 34.76
CA ALA C 82 -10.77 12.66 34.58
C ALA C 82 -10.00 13.03 33.36
N GLU C 83 -10.71 13.53 32.36
CA GLU C 83 -10.13 13.99 31.10
C GLU C 83 -9.16 15.18 31.26
N ASP C 84 -9.00 15.66 32.51
CA ASP C 84 -8.12 16.80 32.81
C ASP C 84 -6.70 16.42 33.20
N GLU C 85 -6.52 15.15 33.52
CA GLU C 85 -5.20 14.62 33.79
C GLU C 85 -4.40 14.88 32.53
N ALA C 86 -3.31 15.63 32.67
CA ALA C 86 -2.59 16.23 31.54
C ALA C 86 -1.45 17.09 32.04
N ASP C 87 -0.53 17.47 31.16
CA ASP C 87 0.47 18.47 31.54
C ASP C 87 0.05 19.88 31.12
N TYR C 88 0.31 20.89 31.94
CA TYR C 88 -0.04 22.23 31.58
C TYR C 88 1.18 23.08 31.55
N TYR C 89 1.27 23.93 30.54
CA TYR C 89 2.41 24.82 30.37
C TYR C 89 1.92 26.28 30.23
N CYS C 90 2.62 27.24 30.87
CA CYS C 90 2.32 28.63 30.60
C CYS C 90 3.34 29.11 29.59
N GLN C 91 3.09 30.30 29.05
CA GLN C 91 4.01 30.97 28.17
C GLN C 91 3.87 32.50 28.36
N SER C 92 4.96 33.23 28.22
CA SER C 92 4.88 34.68 28.16
C SER C 92 6.06 35.24 27.39
N TYR C 93 6.02 36.54 27.11
CA TYR C 93 7.10 37.10 26.35
C TYR C 93 8.20 37.45 27.29
N ASP C 94 9.43 37.31 26.83
CA ASP C 94 10.55 37.71 27.64
C ASP C 94 11.37 38.77 26.88
N SER C 95 11.37 40.00 27.40
CA SER C 95 11.98 41.11 26.69
C SER C 95 13.49 41.02 26.61
N PRO C 96 14.15 40.54 27.69
CA PRO C 96 15.61 40.52 27.56
C PRO C 96 16.12 39.55 26.51
N THR C 97 15.28 38.63 26.02
CA THR C 97 15.74 37.61 25.06
C THR C 97 14.98 37.68 23.74
N LEU C 98 13.91 38.47 23.74
CA LEU C 98 13.03 38.55 22.59
C LEU C 98 12.34 37.23 22.33
N THR C 99 12.35 36.32 23.30
CA THR C 99 11.71 35.03 23.08
C THR C 99 10.40 34.88 23.85
N SER C 100 9.74 33.76 23.67
CA SER C 100 8.44 33.55 24.31
C SER C 100 8.46 32.24 25.08
N PRO C 101 9.25 32.19 26.16
CA PRO C 101 9.50 30.86 26.69
C PRO C 101 8.26 30.23 27.29
N PHE C 102 8.26 28.90 27.32
CA PHE C 102 7.27 28.14 28.07
C PHE C 102 7.71 27.88 29.53
N GLY C 103 6.74 27.83 30.43
CA GLY C 103 7.01 27.33 31.76
C GLY C 103 7.52 25.89 31.81
N THR C 104 8.20 25.63 32.91
CA THR C 104 8.62 24.36 33.43
C THR C 104 7.63 23.21 33.37
N GLY C 105 6.34 23.53 33.36
CA GLY C 105 5.32 22.50 33.27
C GLY C 105 4.86 21.92 34.58
N THR C 106 3.57 21.58 34.61
CA THR C 106 2.90 20.99 35.75
C THR C 106 2.08 19.78 35.30
N LYS C 107 2.29 18.66 35.99
CA LYS C 107 1.58 17.42 35.74
C LYS C 107 0.43 17.39 36.71
N LEU C 108 -0.78 17.46 36.16
CA LEU C 108 -1.98 17.40 36.98
C LEU C 108 -2.46 15.95 37.11
N THR C 109 -2.55 15.45 38.35
CA THR C 109 -3.11 14.13 38.62
C THR C 109 -4.52 14.29 39.20
N VAL C 110 -5.46 13.49 38.70
CA VAL C 110 -6.85 13.46 39.22
C VAL C 110 -7.03 12.25 40.15
N LEU C 111 -7.11 12.52 41.45
CA LEU C 111 -7.12 11.46 42.47
C LEU C 111 -8.09 10.33 42.14
N GLY C 112 -9.37 10.55 42.42
CA GLY C 112 -10.43 9.55 42.24
C GLY C 112 -10.08 8.25 41.53
N GLN C 113 -9.68 7.24 42.33
CA GLN C 113 -9.22 5.92 41.86
C GLN C 113 -8.37 5.19 42.92
N PRO C 114 -8.73 3.94 43.27
CA PRO C 114 -8.09 3.16 44.33
C PRO C 114 -6.68 2.64 44.02
N LYS C 115 -5.83 2.71 45.05
CA LYS C 115 -4.42 2.32 45.08
C LYS C 115 -4.40 0.87 44.74
N ALA C 116 -3.44 0.42 43.94
CA ALA C 116 -3.45 -1.00 43.53
C ALA C 116 -2.05 -1.60 43.39
N ALA C 117 -1.84 -2.74 44.03
CA ALA C 117 -0.53 -3.38 44.10
C ALA C 117 -0.19 -4.06 42.76
N PRO C 118 1.09 -3.99 42.34
CA PRO C 118 1.59 -4.68 41.16
C PRO C 118 1.36 -6.17 41.19
N SER C 119 1.17 -6.73 40.01
CA SER C 119 1.35 -8.13 39.75
C SER C 119 2.74 -8.22 39.20
N VAL C 120 3.51 -9.17 39.70
CA VAL C 120 4.83 -9.37 39.16
C VAL C 120 4.81 -10.73 38.52
N THR C 121 5.45 -10.88 37.36
CA THR C 121 5.77 -12.19 36.79
C THR C 121 7.25 -12.22 36.38
N LEU C 122 7.97 -13.24 36.78
CA LEU C 122 9.39 -13.28 36.52
C LEU C 122 9.80 -14.53 35.76
N PHE C 123 10.39 -14.36 34.59
CA PHE C 123 10.82 -15.51 33.82
C PHE C 123 12.32 -15.69 33.94
N PRO C 124 12.78 -16.93 34.05
CA PRO C 124 14.23 -17.20 34.09
C PRO C 124 14.79 -17.14 32.70
N PRO C 125 16.12 -17.26 32.56
CA PRO C 125 16.71 -17.28 31.23
C PRO C 125 16.31 -18.56 30.56
N SER C 126 16.00 -18.49 29.28
CA SER C 126 15.62 -19.66 28.53
C SER C 126 16.85 -20.46 28.11
N SER C 127 16.63 -21.75 27.94
CA SER C 127 17.69 -22.61 27.52
C SER C 127 18.25 -22.14 26.14
N GLU C 128 17.40 -21.64 25.25
CA GLU C 128 17.93 -21.11 23.99
C GLU C 128 18.92 -19.99 24.20
N GLU C 129 18.60 -19.07 25.10
CA GLU C 129 19.46 -17.92 25.30
C GLU C 129 20.78 -18.36 25.87
N LEU C 130 20.71 -19.27 26.82
CA LEU C 130 21.89 -19.75 27.51
C LEU C 130 22.85 -20.31 26.49
N GLN C 131 22.31 -21.04 25.53
CA GLN C 131 23.13 -21.60 24.49
C GLN C 131 23.69 -20.48 23.60
N ALA C 132 23.02 -19.31 23.53
CA ALA C 132 23.55 -18.16 22.79
C ALA C 132 24.61 -17.52 23.67
N ASN C 133 24.73 -18.08 24.87
CA ASN C 133 25.73 -17.66 25.80
C ASN C 133 25.46 -16.26 26.36
N LYS C 134 24.19 -15.99 26.59
CA LYS C 134 23.73 -14.85 27.34
C LYS C 134 22.67 -15.36 28.28
N ALA C 135 22.19 -14.51 29.16
CA ALA C 135 21.16 -14.87 30.14
C ALA C 135 20.39 -13.62 30.52
N THR C 136 19.07 -13.61 30.33
CA THR C 136 18.30 -12.45 30.76
C THR C 136 17.22 -12.88 31.67
N LEU C 137 17.09 -12.23 32.81
CA LEU C 137 15.93 -12.43 33.67
C LEU C 137 14.86 -11.42 33.30
N VAL C 138 13.60 -11.83 33.27
CA VAL C 138 12.59 -10.86 32.84
C VAL C 138 11.50 -10.66 33.88
N CYS C 139 11.35 -9.43 34.34
CA CYS C 139 10.46 -9.16 35.44
C CYS C 139 9.43 -8.23 34.96
N LEU C 140 8.21 -8.72 34.78
CA LEU C 140 7.16 -7.88 34.24
C LEU C 140 6.18 -7.48 35.32
N ILE C 141 5.97 -6.18 35.43
CA ILE C 141 5.23 -5.61 36.51
C ILE C 141 4.03 -4.93 35.94
N SER C 142 2.85 -5.17 36.49
CA SER C 142 1.59 -4.66 35.90
C SER C 142 0.45 -4.43 36.88
N ASP C 143 -0.63 -3.82 36.37
CA ASP C 143 -1.86 -3.49 37.12
C ASP C 143 -1.68 -2.67 38.40
N PHE C 144 -0.74 -1.73 38.39
CA PHE C 144 -0.57 -0.93 39.58
C PHE C 144 -1.05 0.51 39.42
N TYR C 145 -1.69 1.05 40.46
CA TYR C 145 -2.03 2.46 40.46
C TYR C 145 -1.37 3.15 41.66
N PRO C 146 -1.28 4.50 41.61
CA PRO C 146 -0.15 5.37 41.35
C PRO C 146 0.84 4.69 40.43
N GLY C 147 1.23 5.40 39.37
CA GLY C 147 2.04 4.82 38.31
C GLY C 147 3.51 5.02 38.59
N ALA C 148 4.01 4.31 39.60
CA ALA C 148 5.32 4.58 40.19
C ALA C 148 5.86 3.38 40.96
N VAL C 149 7.09 2.99 40.63
CA VAL C 149 7.58 1.75 41.19
C VAL C 149 9.11 1.72 41.12
N THR C 150 9.70 1.08 42.12
CA THR C 150 11.14 0.93 42.22
C THR C 150 11.48 -0.55 42.08
N VAL C 151 12.60 -0.86 41.43
CA VAL C 151 12.91 -2.27 41.22
C VAL C 151 14.29 -2.61 41.77
N ALA C 152 14.33 -3.59 42.67
CA ALA C 152 15.56 -4.04 43.28
C ALA C 152 15.77 -5.52 42.97
N TRP C 153 17.00 -5.89 42.57
CA TRP C 153 17.31 -7.28 42.27
C TRP C 153 18.27 -7.92 43.28
N LYS C 154 18.10 -9.21 43.50
CA LYS C 154 18.83 -9.98 44.48
C LYS C 154 19.50 -11.14 43.80
N ALA C 155 20.80 -11.27 43.98
CA ALA C 155 21.50 -12.50 43.63
C ALA C 155 21.57 -13.32 44.92
N ASP C 156 20.65 -14.28 45.04
CA ASP C 156 20.44 -15.03 46.28
C ASP C 156 19.80 -14.15 47.33
N SER C 157 20.62 -13.58 48.21
CA SER C 157 20.13 -12.66 49.25
C SER C 157 20.83 -11.31 49.20
N SER C 158 21.78 -11.23 48.30
CA SER C 158 22.66 -10.08 48.17
C SER C 158 22.11 -9.12 47.10
N PRO C 159 22.28 -7.80 47.29
CA PRO C 159 21.85 -6.86 46.24
C PRO C 159 22.64 -7.05 44.96
N VAL C 160 22.14 -6.48 43.88
CA VAL C 160 22.78 -6.54 42.58
C VAL C 160 22.39 -5.28 41.87
N LYS C 161 23.35 -4.43 41.55
CA LYS C 161 23.22 -3.80 40.25
C LYS C 161 24.37 -4.20 39.31
N ALA C 162 24.49 -3.48 38.20
CA ALA C 162 25.19 -3.96 37.03
C ALA C 162 24.21 -4.90 36.34
N GLY C 163 23.98 -4.64 35.06
CA GLY C 163 23.07 -5.45 34.31
C GLY C 163 21.60 -5.16 34.51
N VAL C 164 21.23 -4.18 35.31
CA VAL C 164 19.80 -3.88 35.45
C VAL C 164 19.32 -2.76 34.52
N GLU C 165 18.10 -2.89 33.99
CA GLU C 165 17.49 -1.85 33.13
C GLU C 165 16.00 -1.85 33.35
N THR C 166 15.42 -0.68 33.55
CA THR C 166 14.04 -0.65 33.97
C THR C 166 13.28 0.37 33.19
N THR C 167 12.16 -0.05 32.68
CA THR C 167 11.18 0.79 32.08
C THR C 167 10.73 1.97 32.98
N THR C 168 10.40 3.09 32.36
CA THR C 168 9.50 4.05 32.97
C THR C 168 8.08 3.47 33.04
N PRO C 169 7.28 3.80 34.08
CA PRO C 169 5.87 3.35 34.12
C PRO C 169 5.03 3.79 32.90
N SER C 170 4.16 2.93 32.38
CA SER C 170 3.26 3.34 31.30
C SER C 170 1.82 2.86 31.49
N LYS C 171 0.87 3.74 31.11
CA LYS C 171 -0.56 3.54 31.32
C LYS C 171 -1.11 2.43 30.43
N GLN C 172 -1.86 1.52 31.03
CA GLN C 172 -2.42 0.38 30.34
C GLN C 172 -3.82 0.75 29.86
N SER C 173 -4.52 -0.20 29.24
CA SER C 173 -5.89 -0.04 28.70
C SER C 173 -6.83 0.52 29.72
N ASN C 174 -7.03 -0.24 30.82
CA ASN C 174 -7.64 0.26 32.05
C ASN C 174 -6.81 1.47 32.48
N ASN C 175 -7.00 2.00 33.66
CA ASN C 175 -6.13 3.13 33.95
C ASN C 175 -4.99 2.86 34.92
N LYS C 176 -4.51 1.64 34.86
CA LYS C 176 -3.43 1.17 35.70
C LYS C 176 -2.11 1.17 34.93
N TYR C 177 -1.02 0.77 35.58
CA TYR C 177 0.30 1.06 35.05
C TYR C 177 1.17 -0.16 34.90
N ALA C 178 2.13 -0.07 33.98
CA ALA C 178 2.94 -1.21 33.61
C ALA C 178 4.42 -0.84 33.53
N ALA C 179 5.28 -1.80 33.86
CA ALA C 179 6.71 -1.61 33.72
C ALA C 179 7.46 -2.92 33.65
N SER C 180 8.68 -2.89 33.13
CA SER C 180 9.48 -4.09 33.10
C SER C 180 10.92 -3.81 33.54
N SER C 181 11.52 -4.83 34.15
CA SER C 181 12.91 -4.70 34.48
C SER C 181 13.60 -5.95 33.89
N TYR C 182 14.74 -5.74 33.25
CA TYR C 182 15.54 -6.83 32.70
C TYR C 182 16.87 -6.85 33.37
N LEU C 183 17.31 -8.04 33.76
CA LEU C 183 18.63 -8.20 34.36
C LEU C 183 19.48 -9.08 33.47
N SER C 184 20.64 -8.60 33.04
CA SER C 184 21.55 -9.37 32.19
C SER C 184 22.57 -10.08 33.01
N LEU C 185 22.70 -11.39 32.81
CA LEU C 185 23.73 -12.18 33.48
C LEU C 185 24.56 -12.90 32.45
N THR C 186 25.74 -13.36 32.83
CA THR C 186 26.41 -14.38 32.06
C THR C 186 25.75 -15.68 32.50
N PRO C 187 25.80 -16.72 31.63
CA PRO C 187 25.37 -18.07 31.99
C PRO C 187 25.99 -18.54 33.30
N GLU C 188 27.30 -18.35 33.40
CA GLU C 188 28.08 -18.87 34.51
C GLU C 188 27.58 -18.25 35.82
N GLN C 189 27.19 -16.98 35.74
CA GLN C 189 26.64 -16.29 36.89
C GLN C 189 25.29 -16.84 37.34
N TRP C 190 24.44 -17.14 36.37
CA TRP C 190 23.08 -17.64 36.63
C TRP C 190 23.11 -18.99 37.38
N LYS C 191 23.90 -19.94 36.86
CA LYS C 191 24.00 -21.25 37.52
C LYS C 191 24.87 -21.26 38.76
N SER C 192 25.66 -20.21 38.96
CA SER C 192 26.49 -20.11 40.15
C SER C 192 25.66 -19.86 41.42
N HIS C 193 24.48 -19.27 41.28
CA HIS C 193 23.63 -18.96 42.42
C HIS C 193 22.54 -19.97 42.69
N ARG C 194 21.97 -19.87 43.88
CA ARG C 194 20.90 -20.76 44.31
C ARG C 194 19.60 -20.24 43.71
N SER C 195 19.50 -18.91 43.57
CA SER C 195 18.30 -18.25 43.05
C SER C 195 18.56 -16.78 42.78
N TYR C 196 17.74 -16.18 41.91
CA TYR C 196 17.62 -14.71 41.79
C TYR C 196 16.20 -14.24 42.07
N SER C 197 16.04 -12.96 42.42
CA SER C 197 14.75 -12.44 42.89
C SER C 197 14.53 -11.03 42.43
N CYS C 198 13.32 -10.76 41.96
CA CYS C 198 12.96 -9.44 41.50
C CYS C 198 12.06 -8.78 42.53
N GLN C 199 12.51 -7.65 43.07
CA GLN C 199 11.84 -6.97 44.16
C GLN C 199 11.21 -5.69 43.71
N VAL C 200 9.90 -5.65 43.82
CA VAL C 200 9.12 -4.53 43.32
C VAL C 200 8.50 -3.81 44.49
N THR C 201 8.74 -2.50 44.54
CA THR C 201 8.32 -1.71 45.69
C THR C 201 7.40 -0.59 45.21
N HIS C 202 6.29 -0.42 45.91
CA HIS C 202 5.21 0.45 45.45
C HIS C 202 4.43 0.98 46.66
N GLU C 203 4.47 2.31 46.80
CA GLU C 203 4.02 2.99 48.02
C GLU C 203 4.61 2.32 49.27
N GLY C 204 5.91 2.02 49.21
CA GLY C 204 6.64 1.47 50.36
C GLY C 204 6.23 0.07 50.74
N SER C 205 5.57 -0.62 49.81
CA SER C 205 5.07 -1.97 50.02
C SER C 205 5.61 -2.91 48.92
N THR C 206 6.34 -3.93 49.36
CA THR C 206 7.15 -4.75 48.44
C THR C 206 6.54 -6.10 48.03
N VAL C 207 6.85 -6.52 46.80
CA VAL C 207 6.39 -7.79 46.19
C VAL C 207 7.59 -8.42 45.48
N GLU C 208 7.90 -9.68 45.83
CA GLU C 208 9.09 -10.41 45.37
C GLU C 208 8.72 -11.66 44.55
N LYS C 209 9.26 -11.81 43.35
CA LYS C 209 9.27 -13.15 42.77
C LYS C 209 10.71 -13.70 42.69
N THR C 210 10.83 -15.03 42.72
CA THR C 210 12.14 -15.68 42.75
C THR C 210 12.18 -16.81 41.74
N VAL C 211 13.28 -16.93 40.99
CA VAL C 211 13.49 -18.07 40.08
C VAL C 211 14.83 -18.70 40.35
N ALA C 212 14.91 -20.01 40.11
CA ALA C 212 16.10 -20.80 40.39
C ALA C 212 16.56 -21.49 39.11
N PRO C 213 17.88 -21.70 38.92
CA PRO C 213 18.31 -22.49 37.76
C PRO C 213 17.76 -23.91 37.81
N THR C 214 17.58 -24.47 36.60
CA THR C 214 16.62 -25.56 36.33
C THR C 214 15.90 -26.12 37.57
N GLU D 1 -9.90 23.34 6.60
CA GLU D 1 -9.34 23.64 7.94
C GLU D 1 -7.85 23.99 7.84
N VAL D 2 -7.43 24.93 8.67
CA VAL D 2 -6.05 25.19 8.83
C VAL D 2 -5.41 23.90 9.32
N GLN D 3 -4.35 23.46 8.70
CA GLN D 3 -3.60 22.32 9.19
C GLN D 3 -2.10 22.60 9.09
N LEU D 4 -1.34 22.12 10.07
CA LEU D 4 0.08 22.08 9.92
C LEU D 4 0.50 20.61 9.82
N VAL D 5 0.98 20.19 8.66
CA VAL D 5 1.28 18.78 8.48
C VAL D 5 2.76 18.50 8.50
N GLN D 6 3.21 17.80 9.53
CA GLN D 6 4.67 17.60 9.79
C GLN D 6 5.14 16.29 9.17
N SER D 7 6.40 16.21 8.76
CA SER D 7 6.97 14.99 8.16
C SER D 7 7.14 13.83 9.17
N GLY D 8 7.55 12.65 8.72
CA GLY D 8 7.55 11.46 9.60
C GLY D 8 8.73 11.33 10.53
N ALA D 9 8.73 10.32 11.39
CA ALA D 9 9.82 10.20 12.37
C ALA D 9 11.14 9.93 11.73
N GLU D 10 12.22 10.42 12.33
CA GLU D 10 13.56 10.28 11.74
C GLU D 10 14.46 9.61 12.75
N VAL D 11 15.41 8.83 12.26
CA VAL D 11 16.34 8.08 13.10
C VAL D 11 17.74 8.30 12.55
N LYS D 12 18.60 8.89 13.38
CA LYS D 12 19.84 9.53 12.87
C LYS D 12 21.04 9.17 13.69
N LYS D 13 22.20 9.24 13.08
CA LYS D 13 23.44 9.01 13.81
C LYS D 13 24.05 10.31 14.39
N PRO D 14 24.72 10.27 15.58
CA PRO D 14 25.30 11.53 16.13
C PRO D 14 26.14 12.14 15.03
N GLY D 15 26.04 13.46 14.86
CA GLY D 15 26.80 14.13 13.83
C GLY D 15 26.11 14.38 12.51
N ALA D 16 24.97 13.76 12.28
CA ALA D 16 24.28 13.87 11.02
C ALA D 16 23.50 15.15 11.05
N THR D 17 22.91 15.46 9.90
CA THR D 17 21.95 16.52 9.74
C THR D 17 20.61 15.92 9.33
N VAL D 18 19.51 16.48 9.84
CA VAL D 18 18.20 16.06 9.44
C VAL D 18 17.36 17.29 9.12
N LYS D 19 16.64 17.29 7.99
CA LYS D 19 15.78 18.40 7.59
C LYS D 19 14.34 17.93 7.73
N ILE D 20 13.58 18.47 8.68
CA ILE D 20 12.18 18.03 8.86
C ILE D 20 11.23 19.14 8.33
N SER D 21 9.97 18.83 7.99
CA SER D 21 9.11 19.88 7.46
C SER D 21 7.74 19.98 8.06
N CYS D 22 7.13 21.12 7.75
CA CYS D 22 5.83 21.48 8.27
C CYS D 22 5.08 22.11 7.12
N LYS D 23 4.20 21.36 6.47
CA LYS D 23 3.42 21.89 5.35
C LYS D 23 2.12 22.50 5.82
N VAL D 24 1.83 23.70 5.32
CA VAL D 24 0.68 24.49 5.71
C VAL D 24 -0.47 24.34 4.74
N TYR D 25 -1.67 24.14 5.25
CA TYR D 25 -2.87 24.11 4.39
C TYR D 25 -3.91 25.01 4.97
N GLY D 26 -4.66 25.70 4.11
CA GLY D 26 -5.85 26.39 4.55
C GLY D 26 -5.73 27.85 4.97
N TYR D 27 -4.56 28.45 4.74
CA TYR D 27 -4.41 29.88 4.86
C TYR D 27 -3.20 30.34 4.03
N ILE D 28 -3.00 31.65 3.86
CA ILE D 28 -1.89 32.10 3.00
C ILE D 28 -0.55 31.97 3.73
N PHE D 29 0.19 30.95 3.34
CA PHE D 29 1.44 30.60 4.01
C PHE D 29 2.30 31.78 4.39
N THR D 30 2.52 32.70 3.47
CA THR D 30 3.45 33.79 3.73
C THR D 30 2.90 34.87 4.68
N ASP D 31 1.67 34.73 5.15
CA ASP D 31 1.10 35.83 5.93
C ASP D 31 1.67 35.87 7.37
N TYR D 32 1.99 34.70 7.91
CA TYR D 32 2.14 34.58 9.33
C TYR D 32 3.39 33.82 9.74
N ASN D 33 4.06 34.31 10.78
CA ASN D 33 5.22 33.62 11.33
C ASN D 33 4.90 32.18 11.67
N ILE D 34 5.94 31.34 11.63
CA ILE D 34 5.87 30.00 12.16
C ILE D 34 6.89 29.79 13.27
N TYR D 35 6.52 29.02 14.29
CA TYR D 35 7.34 28.82 15.47
C TYR D 35 7.70 27.37 15.60
N TRP D 36 8.88 27.09 16.13
CA TRP D 36 9.23 25.69 16.36
C TRP D 36 9.46 25.49 17.83
N VAL D 37 8.92 24.39 18.34
CA VAL D 37 8.99 24.08 19.75
C VAL D 37 9.50 22.65 19.89
N ARG D 38 10.44 22.45 20.80
CA ARG D 38 11.09 21.16 21.02
C ARG D 38 10.57 20.63 22.34
N GLN D 39 10.34 19.33 22.40
CA GLN D 39 10.07 18.64 23.67
C GLN D 39 10.80 17.27 23.74
N ALA D 40 11.84 17.18 24.54
CA ALA D 40 12.55 15.92 24.73
C ALA D 40 11.62 14.96 25.44
N PRO D 41 11.77 13.62 25.24
CA PRO D 41 10.83 12.64 25.84
C PRO D 41 10.79 12.76 27.36
N GLY D 42 9.60 12.94 27.91
CA GLY D 42 9.45 13.14 29.33
C GLY D 42 9.64 14.59 29.80
N LYS D 43 10.01 15.49 28.90
CA LYS D 43 10.41 16.83 29.35
C LYS D 43 9.47 17.95 28.91
N GLY D 44 9.91 19.18 29.18
CA GLY D 44 9.05 20.34 28.96
C GLY D 44 9.07 20.88 27.53
N LEU D 45 8.03 21.61 27.18
CA LEU D 45 8.04 22.42 25.99
C LEU D 45 9.18 23.46 25.97
N GLU D 46 9.91 23.61 24.84
CA GLU D 46 10.90 24.66 24.64
C GLU D 46 10.73 25.46 23.33
N TRP D 47 10.64 26.79 23.44
CA TRP D 47 10.55 27.68 22.30
C TRP D 47 11.89 27.72 21.60
N MET D 48 11.95 27.37 20.32
CA MET D 48 13.23 27.35 19.59
C MET D 48 13.52 28.63 18.84
N GLY D 49 12.51 29.13 18.16
CA GLY D 49 12.69 30.30 17.29
C GLY D 49 11.47 30.42 16.42
N LEU D 50 11.51 31.41 15.55
CA LEU D 50 10.43 31.67 14.60
C LEU D 50 11.06 32.01 13.26
N ILE D 51 10.34 31.65 12.19
CA ILE D 51 10.66 32.15 10.83
C ILE D 51 9.48 32.98 10.37
N ASP D 52 9.74 34.04 9.60
CA ASP D 52 8.72 34.86 8.94
C ASP D 52 8.80 34.49 7.47
N PRO D 53 7.83 33.72 6.99
CA PRO D 53 7.79 33.11 5.68
C PRO D 53 7.66 34.13 4.62
N ASP D 54 7.27 35.35 4.96
CA ASP D 54 7.06 36.35 3.93
C ASP D 54 8.38 36.92 3.44
N ASN D 55 9.41 36.85 4.28
CA ASN D 55 10.71 37.49 4.00
C ASN D 55 11.96 36.63 4.38
N GLY D 56 11.76 35.46 5.00
CA GLY D 56 12.88 34.60 5.37
C GLY D 56 13.59 34.95 6.67
N GLU D 57 13.19 36.05 7.31
CA GLU D 57 13.80 36.51 8.55
C GLU D 57 13.59 35.50 9.65
N THR D 58 14.65 35.21 10.43
CA THR D 58 14.52 34.19 11.48
C THR D 58 15.00 34.66 12.83
N PHE D 59 14.62 33.97 13.88
CA PHE D 59 15.08 34.37 15.17
C PHE D 59 15.09 33.14 16.05
N TYR D 60 16.16 33.01 16.85
CA TYR D 60 16.42 31.82 17.67
C TYR D 60 16.59 32.08 19.17
N ALA D 61 16.12 31.16 19.99
CA ALA D 61 16.52 31.17 21.38
C ALA D 61 18.04 30.81 21.43
N GLU D 62 18.81 31.41 22.33
CA GLU D 62 20.27 31.23 22.33
C GLU D 62 20.64 29.74 22.16
N LYS D 63 19.91 28.89 22.89
CA LYS D 63 20.25 27.48 23.01
C LYS D 63 20.17 26.72 21.68
N PHE D 64 19.46 27.26 20.67
CA PHE D 64 19.32 26.56 19.39
C PHE D 64 20.04 27.25 18.25
N GLN D 65 20.53 28.46 18.48
CA GLN D 65 21.51 29.17 17.61
C GLN D 65 22.56 28.24 16.97
N GLY D 66 22.64 28.19 15.66
CA GLY D 66 23.69 27.39 15.01
C GLY D 66 23.24 26.02 14.57
N ARG D 67 22.72 25.25 15.50
CA ARG D 67 22.45 23.83 15.27
C ARG D 67 21.02 23.62 14.79
N ALA D 68 20.34 24.68 14.39
CA ALA D 68 18.93 24.62 14.02
C ALA D 68 18.76 25.76 13.05
N THR D 69 18.15 25.49 11.91
CA THR D 69 18.09 26.49 10.85
C THR D 69 16.74 26.39 10.22
N MET D 70 15.95 27.43 10.40
CA MET D 70 14.64 27.53 9.87
C MET D 70 14.66 28.15 8.49
N THR D 71 13.97 27.51 7.55
CA THR D 71 13.83 28.03 6.18
C THR D 71 12.38 27.84 5.82
N ALA D 72 11.99 28.35 4.68
CA ALA D 72 10.62 28.28 4.20
C ALA D 72 10.70 28.25 2.70
N ASP D 73 10.01 27.30 2.09
CA ASP D 73 9.97 27.22 0.67
C ASP D 73 8.60 27.79 0.33
N THR D 74 8.54 29.05 -0.10
CA THR D 74 7.24 29.66 -0.32
C THR D 74 6.48 29.00 -1.46
N SER D 75 7.22 28.53 -2.47
CA SER D 75 6.66 27.83 -3.61
C SER D 75 5.93 26.54 -3.25
N SER D 76 6.23 25.91 -2.15
CA SER D 76 5.57 24.66 -1.84
C SER D 76 4.92 24.67 -0.46
N ASP D 77 4.67 25.87 0.04
CA ASP D 77 4.00 26.11 1.34
C ASP D 77 4.59 25.38 2.54
N ARG D 78 5.90 25.24 2.60
CA ARG D 78 6.55 24.46 3.66
C ARG D 78 7.45 25.31 4.49
N ALA D 79 7.39 25.16 5.82
CA ALA D 79 8.43 25.66 6.71
C ALA D 79 9.29 24.48 7.00
N TYR D 80 10.60 24.65 6.89
CA TYR D 80 11.60 23.59 7.13
C TYR D 80 12.46 23.93 8.32
N MET D 81 12.75 22.92 9.12
CA MET D 81 13.72 23.03 10.24
C MET D 81 14.81 21.98 10.06
N GLU D 82 16.05 22.45 10.00
CA GLU D 82 17.21 21.55 9.82
C GLU D 82 18.08 21.51 11.09
N LEU D 83 18.25 20.32 11.66
CA LEU D 83 19.05 20.17 12.87
C LEU D 83 20.39 19.60 12.46
N SER D 84 21.48 20.26 12.85
CA SER D 84 22.77 19.73 12.39
C SER D 84 23.66 19.35 13.57
N SER D 85 24.78 18.67 13.30
CA SER D 85 25.68 18.29 14.37
C SER D 85 24.93 17.51 15.43
N LEU D 86 24.03 16.68 14.98
CA LEU D 86 23.09 16.02 15.82
C LEU D 86 23.77 15.30 17.03
N ARG D 87 23.13 15.33 18.19
CA ARG D 87 23.62 14.71 19.46
C ARG D 87 22.52 13.89 20.12
N PHE D 88 22.90 12.94 20.97
CA PHE D 88 21.97 12.11 21.75
C PHE D 88 20.97 13.01 22.41
N GLU D 89 21.43 14.10 22.97
CA GLU D 89 20.52 15.00 23.67
C GLU D 89 19.60 15.81 22.74
N ASP D 90 19.83 15.79 21.42
CA ASP D 90 18.88 16.39 20.49
C ASP D 90 17.68 15.47 20.15
N THR D 91 17.65 14.22 20.66
CA THR D 91 16.48 13.34 20.56
C THR D 91 15.22 13.95 21.09
N ALA D 92 14.26 14.22 20.25
CA ALA D 92 13.05 14.85 20.78
C ALA D 92 11.99 14.94 19.74
N VAL D 93 10.79 15.34 20.18
CA VAL D 93 9.71 15.67 19.26
C VAL D 93 9.77 17.18 19.03
N TYR D 94 9.73 17.57 17.74
CA TYR D 94 9.79 18.99 17.28
C TYR D 94 8.46 19.39 16.63
N TYR D 95 7.77 20.34 17.25
CA TYR D 95 6.51 20.81 16.69
C TYR D 95 6.67 22.02 15.85
N CYS D 96 5.84 22.18 14.82
CA CYS D 96 5.69 23.54 14.28
C CYS D 96 4.39 24.08 14.80
N ALA D 97 4.32 25.39 15.01
CA ALA D 97 3.03 26.00 15.36
C ALA D 97 2.89 27.43 14.82
N THR D 98 1.67 27.93 14.75
CA THR D 98 1.42 29.29 14.29
C THR D 98 0.17 29.87 14.93
N VAL D 99 -0.16 31.11 14.57
CA VAL D 99 -1.33 31.84 15.02
C VAL D 99 -1.65 32.85 13.91
N MET D 100 -2.93 32.99 13.55
CA MET D 100 -3.34 33.78 12.38
C MET D 100 -3.38 35.31 12.53
N GLY D 101 -2.24 35.94 12.79
CA GLY D 101 -2.27 37.34 13.18
C GLY D 101 -0.83 37.73 13.22
N LYS D 102 -0.46 38.64 12.33
CA LYS D 102 0.84 39.27 12.38
C LYS D 102 0.87 39.99 13.73
N TRP D 103 2.01 39.90 14.41
CA TRP D 103 2.34 40.84 15.49
C TRP D 103 1.69 40.58 16.82
N ILE D 104 1.45 39.30 17.13
CA ILE D 104 1.05 38.91 18.48
C ILE D 104 2.00 37.87 19.05
N LYS D 105 2.28 37.98 20.33
CA LYS D 105 3.44 37.36 20.94
C LYS D 105 3.36 35.83 21.11
N GLY D 106 2.30 35.34 21.74
CA GLY D 106 2.22 33.89 21.97
C GLY D 106 0.88 33.24 21.79
N GLY D 107 0.61 32.18 22.54
CA GLY D 107 -0.70 31.53 22.44
C GLY D 107 -0.94 30.95 21.04
N TYR D 108 -0.13 29.97 20.65
CA TYR D 108 -0.26 29.34 19.36
C TYR D 108 -1.45 28.41 19.39
N ASP D 109 -2.48 28.71 18.61
CA ASP D 109 -3.64 27.82 18.66
C ASP D 109 -3.65 26.71 17.64
N TYR D 110 -2.79 26.81 16.62
CA TYR D 110 -2.60 25.76 15.60
C TYR D 110 -1.26 25.06 15.73
N TRP D 111 -1.25 23.72 15.75
CA TRP D 111 0.00 22.96 15.97
C TRP D 111 0.09 21.74 15.09
N GLY D 112 1.26 21.48 14.49
CA GLY D 112 1.62 20.18 13.96
C GLY D 112 1.49 19.04 14.97
N ARG D 113 1.34 17.81 14.49
CA ARG D 113 1.34 16.64 15.35
C ARG D 113 2.74 16.35 15.89
N GLY D 114 3.78 16.99 15.37
CA GLY D 114 5.14 16.72 15.82
C GLY D 114 5.93 15.66 15.04
N THR D 115 7.23 15.90 14.88
CA THR D 115 8.15 14.91 14.34
C THR D 115 9.14 14.38 15.36
N LEU D 116 9.10 13.07 15.58
CA LEU D 116 10.12 12.43 16.39
C LEU D 116 11.44 12.38 15.64
N VAL D 117 12.49 12.91 16.26
CA VAL D 117 13.90 12.67 15.79
C VAL D 117 14.65 11.89 16.88
N THR D 118 15.20 10.74 16.51
CA THR D 118 15.94 9.95 17.46
C THR D 118 17.38 9.93 17.00
N VAL D 119 18.31 10.23 17.91
CA VAL D 119 19.71 10.23 17.56
C VAL D 119 20.33 9.08 18.33
N SER D 120 21.08 8.23 17.67
CA SER D 120 21.61 7.09 18.35
C SER D 120 22.76 6.53 17.57
N SER D 121 23.67 5.86 18.27
CA SER D 121 24.83 5.29 17.58
C SER D 121 24.56 4.00 16.86
N ALA D 122 23.51 3.33 17.27
CA ALA D 122 23.19 1.99 16.81
C ALA D 122 22.76 1.97 15.34
N SER D 123 22.95 0.82 14.71
CA SER D 123 22.48 0.60 13.35
C SER D 123 21.32 -0.34 13.36
N THR D 124 20.52 -0.33 12.29
CA THR D 124 19.37 -1.18 12.17
C THR D 124 19.74 -2.62 12.42
N LYS D 125 19.03 -3.26 13.34
CA LYS D 125 19.26 -4.66 13.56
C LYS D 125 17.91 -5.36 13.97
N GLY D 126 17.69 -6.57 13.44
CA GLY D 126 16.49 -7.34 13.80
C GLY D 126 16.64 -8.06 15.12
N PRO D 127 15.52 -8.38 15.79
CA PRO D 127 15.50 -8.99 17.11
C PRO D 127 15.94 -10.43 17.09
N SER D 128 16.32 -10.95 18.24
CA SER D 128 16.39 -12.38 18.47
C SER D 128 15.15 -12.63 19.28
N VAL D 129 14.50 -13.78 19.05
CA VAL D 129 13.35 -14.16 19.88
C VAL D 129 13.61 -15.44 20.66
N PHE D 130 13.36 -15.38 21.96
CA PHE D 130 13.45 -16.57 22.81
C PHE D 130 12.09 -16.85 23.38
N PRO D 131 11.72 -18.14 23.56
CA PRO D 131 10.42 -18.47 24.20
C PRO D 131 10.56 -18.21 25.66
N LEU D 132 9.46 -17.79 26.29
CA LEU D 132 9.43 -17.65 27.72
C LEU D 132 8.55 -18.75 28.18
N ALA D 133 9.10 -19.95 28.34
CA ALA D 133 8.29 -21.11 28.77
C ALA D 133 7.47 -20.87 30.05
N PRO D 134 6.23 -21.37 30.07
CA PRO D 134 5.37 -21.24 31.23
C PRO D 134 5.79 -22.24 32.27
N SER D 135 5.52 -21.88 33.53
CA SER D 135 5.99 -22.65 34.71
C SER D 135 5.13 -23.85 35.17
N SER D 136 5.71 -24.62 36.09
CA SER D 136 5.15 -25.91 36.54
C SER D 136 3.81 -25.86 37.29
N GLY D 141 -2.61 -26.31 38.46
CA GLY D 141 -2.77 -24.86 38.56
C GLY D 141 -4.13 -24.31 38.15
N GLY D 142 -4.15 -23.04 37.72
CA GLY D 142 -5.37 -22.34 37.26
C GLY D 142 -5.02 -21.62 35.96
N THR D 143 -4.42 -20.42 36.07
CA THR D 143 -3.82 -19.79 34.88
C THR D 143 -2.30 -19.94 34.89
N ALA D 144 -1.70 -19.73 33.71
CA ALA D 144 -0.25 -19.71 33.55
C ALA D 144 0.16 -18.58 32.61
N ALA D 145 1.37 -18.06 32.79
CA ALA D 145 1.89 -17.03 31.90
C ALA D 145 3.03 -17.59 31.03
N LEU D 146 3.02 -17.26 29.74
CA LEU D 146 4.07 -17.71 28.85
C LEU D 146 4.28 -16.54 27.96
N GLY D 147 5.39 -16.46 27.22
CA GLY D 147 5.64 -15.24 26.49
C GLY D 147 6.71 -15.31 25.44
N CYS D 148 7.00 -14.15 24.84
CA CYS D 148 8.12 -14.00 23.91
C CYS D 148 9.04 -12.86 24.32
N LEU D 149 10.34 -13.16 24.38
CA LEU D 149 11.37 -12.18 24.67
C LEU D 149 11.94 -11.78 23.33
N VAL D 150 11.87 -10.49 23.03
CA VAL D 150 12.28 -9.98 21.75
C VAL D 150 13.51 -9.08 22.01
N LYS D 151 14.68 -9.61 21.67
CA LYS D 151 15.92 -9.12 22.25
C LYS D 151 16.84 -8.38 21.27
N ASP D 152 17.37 -7.23 21.70
CA ASP D 152 18.42 -6.53 20.95
C ASP D 152 18.05 -6.10 19.52
N TYR D 153 17.07 -5.23 19.38
CA TYR D 153 16.72 -4.80 18.07
C TYR D 153 16.85 -3.30 18.03
N PHE D 154 17.04 -2.75 16.83
CA PHE D 154 17.08 -1.34 16.73
C PHE D 154 16.77 -0.82 15.36
N PRO D 155 15.69 0.00 15.36
CA PRO D 155 15.16 1.33 15.58
C PRO D 155 13.85 0.81 16.17
N GLU D 156 13.06 1.65 16.78
CA GLU D 156 11.91 1.14 17.44
C GLU D 156 10.84 1.27 16.39
N PRO D 157 9.74 0.51 16.54
CA PRO D 157 8.51 -0.28 16.63
C PRO D 157 8.84 -1.68 16.26
N VAL D 158 8.36 -2.56 17.09
CA VAL D 158 8.35 -3.94 16.70
C VAL D 158 6.90 -4.23 17.04
N THR D 159 6.22 -5.07 16.27
CA THR D 159 4.86 -5.48 16.69
C THR D 159 4.92 -6.95 16.98
N VAL D 160 4.26 -7.37 18.04
CA VAL D 160 4.15 -8.77 18.34
C VAL D 160 2.70 -9.15 18.15
N SER D 161 2.40 -10.32 17.61
CA SER D 161 1.03 -10.81 17.70
C SER D 161 1.07 -12.29 18.11
N TRP D 162 -0.08 -12.86 18.48
CA TRP D 162 -0.19 -14.30 18.78
C TRP D 162 -1.11 -15.13 17.89
N ASN D 163 -0.60 -16.25 17.43
CA ASN D 163 -1.37 -17.10 16.53
C ASN D 163 -1.94 -16.24 15.40
N SER D 164 -1.09 -15.44 14.77
CA SER D 164 -1.50 -14.62 13.64
C SER D 164 -2.73 -13.70 13.84
N GLY D 165 -2.97 -13.27 15.07
CA GLY D 165 -4.10 -12.40 15.35
C GLY D 165 -5.25 -13.19 15.95
N ALA D 166 -5.17 -14.51 15.83
CA ALA D 166 -6.29 -15.29 16.29
C ALA D 166 -6.41 -15.24 17.80
N LEU D 167 -5.36 -14.86 18.53
CA LEU D 167 -5.38 -14.91 19.98
C LEU D 167 -5.06 -13.53 20.54
N THR D 168 -6.00 -13.06 21.36
CA THR D 168 -6.10 -11.67 21.74
C THR D 168 -6.34 -11.53 23.23
N SER D 169 -7.25 -12.31 23.79
CA SER D 169 -7.44 -12.29 25.25
C SER D 169 -6.19 -12.62 26.02
N GLY D 170 -5.92 -11.80 27.03
CA GLY D 170 -4.86 -12.03 28.00
C GLY D 170 -3.46 -11.85 27.47
N VAL D 171 -3.31 -11.00 26.46
CA VAL D 171 -2.05 -10.73 25.84
C VAL D 171 -1.61 -9.38 26.36
N HIS D 172 -0.49 -9.35 27.06
CA HIS D 172 0.09 -8.08 27.44
C HIS D 172 1.41 -7.96 26.72
N THR D 173 1.57 -6.95 25.89
CA THR D 173 2.86 -6.68 25.32
C THR D 173 3.46 -5.48 26.04
N PHE D 174 4.69 -5.58 26.56
CA PHE D 174 5.24 -4.46 27.39
C PHE D 174 6.00 -3.49 26.57
N PRO D 175 5.92 -2.19 26.89
CA PRO D 175 6.81 -1.25 26.20
C PRO D 175 8.27 -1.60 26.43
N ALA D 176 9.08 -1.37 25.39
CA ALA D 176 10.45 -1.84 25.28
C ALA D 176 11.37 -1.14 26.25
N VAL D 177 12.47 -1.80 26.62
CA VAL D 177 13.51 -1.15 27.38
C VAL D 177 14.65 -0.75 26.45
N LEU D 178 15.33 0.37 26.74
CA LEU D 178 16.48 0.83 25.91
C LEU D 178 17.77 0.44 26.59
N GLN D 179 18.43 -0.60 26.11
CA GLN D 179 19.65 -1.04 26.75
C GLN D 179 20.77 0.00 26.62
N SER D 180 21.72 -0.05 27.53
CA SER D 180 22.83 0.89 27.45
C SER D 180 23.70 0.59 26.23
N SER D 181 23.41 -0.53 25.56
CA SER D 181 24.14 -0.88 24.35
C SER D 181 23.61 -0.15 23.11
N GLY D 182 22.57 0.67 23.30
CA GLY D 182 21.87 1.28 22.18
C GLY D 182 20.75 0.45 21.54
N LEU D 183 20.43 -0.75 22.06
CA LEU D 183 19.37 -1.58 21.49
C LEU D 183 18.24 -1.82 22.44
N TYR D 184 17.04 -2.00 21.89
CA TYR D 184 15.87 -2.30 22.68
C TYR D 184 15.61 -3.79 22.85
N SER D 185 14.86 -4.10 23.91
CA SER D 185 14.24 -5.39 24.10
C SER D 185 12.85 -5.19 24.65
N LEU D 186 11.91 -6.03 24.26
CA LEU D 186 10.64 -6.06 24.93
C LEU D 186 10.13 -7.49 25.09
N SER D 187 9.04 -7.64 25.84
CA SER D 187 8.41 -8.93 26.08
C SER D 187 6.91 -8.89 25.84
N SER D 188 6.37 -10.00 25.43
CA SER D 188 4.96 -10.07 25.20
C SER D 188 4.50 -11.27 25.97
N VAL D 189 3.48 -11.15 26.77
CA VAL D 189 3.08 -12.28 27.62
C VAL D 189 1.64 -12.62 27.34
N VAL D 190 1.31 -13.90 27.38
CA VAL D 190 -0.09 -14.23 27.31
C VAL D 190 -0.41 -15.08 28.51
N THR D 191 -1.51 -14.73 29.19
CA THR D 191 -2.03 -15.48 30.33
C THR D 191 -3.12 -16.40 29.84
N VAL D 192 -2.94 -17.68 30.09
CA VAL D 192 -3.85 -18.67 29.55
C VAL D 192 -4.20 -19.68 30.60
N PRO D 193 -5.25 -20.49 30.32
CA PRO D 193 -5.64 -21.63 31.15
C PRO D 193 -4.49 -22.63 31.19
N SER D 194 -4.02 -22.96 32.39
CA SER D 194 -2.89 -23.89 32.50
C SER D 194 -3.25 -25.34 32.10
N SER D 195 -4.54 -25.67 32.17
CA SER D 195 -5.07 -27.00 31.84
C SER D 195 -4.90 -27.40 30.37
N SER D 196 -4.91 -26.41 29.47
CA SER D 196 -4.85 -26.66 28.05
C SER D 196 -3.39 -26.67 27.51
N LEU D 197 -2.44 -26.24 28.34
CA LEU D 197 -1.02 -26.24 28.00
C LEU D 197 -0.49 -27.54 27.34
N GLY D 198 -1.12 -28.68 27.60
CA GLY D 198 -0.69 -29.91 26.91
C GLY D 198 -1.36 -30.23 25.57
N THR D 199 -1.72 -29.19 24.80
CA THR D 199 -2.69 -29.32 23.72
C THR D 199 -2.77 -28.10 22.82
N GLN D 200 -2.93 -26.92 23.44
CA GLN D 200 -3.17 -25.70 22.72
C GLN D 200 -1.83 -25.13 22.29
N THR D 201 -1.70 -24.84 21.01
CA THR D 201 -0.51 -24.26 20.40
C THR D 201 -0.43 -22.76 20.70
N TYR D 202 0.78 -22.25 20.97
CA TYR D 202 0.98 -20.79 21.11
C TYR D 202 2.16 -20.33 20.26
N ILE D 203 1.97 -19.27 19.49
CA ILE D 203 3.00 -18.85 18.57
C ILE D 203 3.06 -17.36 18.52
N CYS D 204 4.21 -16.78 18.84
CA CYS D 204 4.29 -15.34 18.72
C CYS D 204 4.80 -14.99 17.34
N ASN D 205 4.20 -13.99 16.71
CA ASN D 205 4.63 -13.49 15.41
C ASN D 205 5.23 -12.10 15.60
N VAL D 206 6.51 -11.95 15.30
CA VAL D 206 7.23 -10.78 15.74
C VAL D 206 7.59 -10.13 14.44
N ASN D 207 7.31 -8.85 14.33
CA ASN D 207 7.58 -8.15 13.09
C ASN D 207 8.33 -6.85 13.40
N HIS D 208 9.55 -6.79 12.89
CA HIS D 208 10.38 -5.62 12.97
C HIS D 208 10.61 -5.09 11.55
N LYS D 209 9.72 -4.19 11.13
CA LYS D 209 9.76 -3.72 9.74
C LYS D 209 11.05 -3.01 9.35
N PRO D 210 11.62 -2.14 10.22
CA PRO D 210 12.86 -1.49 9.81
C PRO D 210 13.97 -2.44 9.34
N SER D 211 14.07 -3.63 9.90
CA SER D 211 15.12 -4.53 9.44
C SER D 211 14.57 -5.53 8.49
N ASN D 212 13.27 -5.44 8.23
CA ASN D 212 12.50 -6.41 7.44
C ASN D 212 12.70 -7.80 7.95
N THR D 213 12.47 -7.98 9.24
CA THR D 213 12.63 -9.25 9.87
C THR D 213 11.28 -9.63 10.41
N LYS D 214 10.92 -10.89 10.20
CA LYS D 214 9.68 -11.42 10.69
C LYS D 214 9.99 -12.78 11.37
N VAL D 215 9.56 -13.00 12.59
CA VAL D 215 9.87 -14.25 13.27
C VAL D 215 8.61 -14.87 13.87
N ASP D 216 8.40 -16.15 13.58
CA ASP D 216 7.41 -16.96 14.24
C ASP D 216 8.10 -17.90 15.18
N LYS D 217 7.66 -17.93 16.42
CA LYS D 217 8.29 -18.78 17.40
C LYS D 217 7.23 -19.46 18.30
N LYS D 218 7.30 -20.76 18.34
CA LYS D 218 6.32 -21.52 19.08
C LYS D 218 6.72 -21.59 20.55
N VAL D 219 5.94 -21.03 21.46
CA VAL D 219 6.24 -21.20 22.90
C VAL D 219 5.61 -22.41 23.56
N GLU D 220 6.43 -23.36 23.99
CA GLU D 220 5.94 -24.61 24.60
C GLU D 220 6.29 -24.81 26.10
N PRO D 221 5.56 -25.73 26.79
CA PRO D 221 5.88 -26.13 28.17
C PRO D 221 7.33 -26.54 28.37
N LYS D 222 7.85 -26.20 29.55
CA LYS D 222 9.26 -26.39 29.94
C LYS D 222 9.57 -27.87 29.97
N SER D 223 10.53 -28.32 29.16
CA SER D 223 10.86 -29.73 29.15
C SER D 223 12.36 -30.04 28.96
N VAL E 11 -16.28 43.17 5.37
CA VAL E 11 -15.48 41.91 5.55
C VAL E 11 -16.40 40.68 5.64
N SER E 12 -15.95 39.64 4.94
CA SER E 12 -16.66 38.67 4.07
C SER E 12 -17.68 37.56 4.51
N ALA E 13 -18.28 36.87 3.53
CA ALA E 13 -19.47 35.99 3.71
C ALA E 13 -19.65 34.94 2.62
N TYR E 14 -20.08 33.72 2.95
CA TYR E 14 -20.27 32.67 1.93
C TYR E 14 -21.48 31.75 2.20
N LEU E 15 -22.12 31.27 1.11
CA LEU E 15 -23.28 30.35 1.15
C LEU E 15 -23.06 29.04 0.37
N SER E 16 -23.22 27.91 1.05
CA SER E 16 -23.10 26.63 0.39
C SER E 16 -24.37 26.38 -0.42
N ARG E 17 -24.31 25.37 -1.27
CA ARG E 17 -25.52 25.02 -1.98
C ARG E 17 -25.96 23.62 -1.58
N PRO E 18 -27.27 23.39 -1.45
CA PRO E 18 -27.76 22.13 -0.90
C PRO E 18 -27.13 20.91 -1.55
N SER E 19 -26.50 20.07 -0.75
CA SER E 19 -25.93 18.81 -1.24
C SER E 19 -26.98 18.02 -2.04
N PRO E 20 -26.68 17.71 -3.33
CA PRO E 20 -27.65 16.95 -4.10
C PRO E 20 -27.66 15.51 -3.61
N PHE E 21 -28.11 15.37 -2.37
CA PHE E 21 -28.18 14.12 -1.64
C PHE E 21 -29.09 14.45 -0.48
N ASP E 22 -28.80 15.52 0.26
CA ASP E 22 -29.79 16.08 1.18
C ASP E 22 -31.02 16.51 0.40
N LEU E 23 -30.83 16.86 -0.87
CA LEU E 23 -31.94 17.27 -1.72
C LEU E 23 -32.83 16.10 -2.08
N PHE E 24 -32.19 15.03 -2.55
CA PHE E 24 -32.90 13.93 -3.17
C PHE E 24 -33.04 12.62 -2.37
N ILE E 25 -31.98 12.20 -1.68
CA ILE E 25 -31.97 10.93 -0.95
C ILE E 25 -32.52 11.08 0.47
N ARG E 26 -31.80 11.86 1.29
CA ARG E 26 -32.25 12.21 2.64
C ARG E 26 -33.59 12.91 2.55
N LYS E 27 -33.66 13.89 1.65
CA LYS E 27 -34.88 14.67 1.40
C LYS E 27 -35.06 15.77 2.43
N SER E 28 -33.94 16.21 3.00
CA SER E 28 -33.93 17.30 3.98
C SER E 28 -32.72 18.23 3.75
N PRO E 29 -32.84 19.14 2.75
CA PRO E 29 -31.72 19.93 2.28
C PRO E 29 -31.36 21.06 3.23
N THR E 30 -30.07 21.21 3.50
CA THR E 30 -29.60 22.26 4.38
C THR E 30 -28.77 23.13 3.49
N ILE E 31 -28.79 24.44 3.75
CA ILE E 31 -27.79 25.38 3.20
C ILE E 31 -27.11 26.14 4.35
N THR E 32 -25.85 26.52 4.19
CA THR E 32 -25.13 27.14 5.31
C THR E 32 -24.52 28.45 4.91
N CYS E 33 -24.74 29.49 5.70
CA CYS E 33 -24.13 30.79 5.49
C CYS E 33 -23.03 30.96 6.52
N LEU E 34 -21.86 31.44 6.07
CA LEU E 34 -20.69 31.61 6.90
C LEU E 34 -20.22 33.03 6.78
N VAL E 35 -20.06 33.65 7.91
CA VAL E 35 -19.62 35.02 7.92
C VAL E 35 -18.30 35.12 8.73
N VAL E 36 -17.29 35.74 8.10
CA VAL E 36 -15.97 35.87 8.67
C VAL E 36 -15.63 37.37 8.87
N ASP E 37 -15.85 37.85 10.09
CA ASP E 37 -15.62 39.26 10.40
C ASP E 37 -14.30 39.52 11.16
N LEU E 38 -13.43 40.34 10.58
CA LEU E 38 -12.10 40.65 11.14
C LEU E 38 -12.14 41.93 11.99
N ALA E 39 -13.32 42.50 12.17
CA ALA E 39 -13.45 43.87 12.65
C ALA E 39 -14.08 43.94 14.02
N PRO E 40 -14.73 42.85 14.46
CA PRO E 40 -15.84 42.91 15.41
C PRO E 40 -15.98 44.26 16.14
N SER E 41 -15.69 44.30 17.45
CA SER E 41 -15.77 45.53 18.27
C SER E 41 -16.87 46.54 17.84
N LYS E 42 -17.72 46.09 16.90
CA LYS E 42 -19.12 46.51 16.78
C LYS E 42 -20.03 45.29 16.95
N GLY E 43 -19.40 44.14 17.19
CA GLY E 43 -20.06 42.89 17.55
C GLY E 43 -21.18 42.41 16.65
N THR E 44 -22.41 42.72 17.04
CA THR E 44 -23.57 42.14 16.40
C THR E 44 -23.60 42.36 14.89
N VAL E 45 -23.40 41.25 14.19
CA VAL E 45 -23.65 41.19 12.76
C VAL E 45 -25.02 40.55 12.58
N ASN E 46 -25.92 41.19 11.83
CA ASN E 46 -27.19 40.51 11.54
C ASN E 46 -27.03 39.57 10.41
N LEU E 47 -27.32 38.33 10.68
CA LEU E 47 -27.46 37.36 9.64
C LEU E 47 -28.94 37.02 9.62
N THR E 48 -29.62 37.34 8.51
CA THR E 48 -31.05 37.01 8.35
C THR E 48 -31.36 36.40 6.98
N TRP E 49 -32.11 35.30 6.98
CA TRP E 49 -32.46 34.62 5.74
C TRP E 49 -33.70 35.22 5.04
N SER E 50 -33.68 35.24 3.71
CA SER E 50 -34.83 35.67 2.90
C SER E 50 -35.11 34.70 1.79
N ARG E 51 -36.23 34.95 1.11
CA ARG E 51 -36.57 34.29 -0.15
C ARG E 51 -37.22 35.30 -1.11
N ALA E 52 -36.89 35.18 -2.41
CA ALA E 52 -37.60 35.88 -3.47
C ALA E 52 -39.08 35.59 -3.37
N SER E 53 -39.88 36.64 -3.22
CA SER E 53 -41.28 36.50 -2.81
C SER E 53 -41.27 35.94 -1.41
N GLY E 54 -41.67 36.79 -0.47
CA GLY E 54 -41.62 36.52 0.99
C GLY E 54 -42.13 35.21 1.57
N LYS E 55 -42.00 34.12 0.80
CA LYS E 55 -42.39 32.77 1.24
C LYS E 55 -41.57 32.24 2.45
N PRO E 56 -42.20 31.34 3.25
CA PRO E 56 -41.73 31.06 4.62
C PRO E 56 -40.37 30.35 4.72
N VAL E 57 -39.42 31.09 5.28
CA VAL E 57 -38.14 30.54 5.70
C VAL E 57 -38.30 29.96 7.10
N ASN E 58 -37.78 28.76 7.32
CA ASN E 58 -37.90 28.05 8.61
C ASN E 58 -36.90 28.59 9.64
N HIS E 59 -36.93 28.07 10.87
CA HIS E 59 -35.95 28.48 11.87
C HIS E 59 -34.56 28.09 11.41
N SER E 60 -33.60 28.99 11.57
CA SER E 60 -32.21 28.64 11.36
C SER E 60 -31.39 28.69 12.65
N THR E 61 -30.40 27.80 12.73
CA THR E 61 -29.48 27.71 13.83
C THR E 61 -28.43 28.80 13.68
N ARG E 62 -27.80 29.18 14.79
CA ARG E 62 -26.80 30.24 14.80
C ARG E 62 -25.69 29.98 15.82
N LYS E 63 -24.59 29.43 15.34
CA LYS E 63 -23.37 29.27 16.12
C LYS E 63 -22.53 30.51 15.85
N GLU E 64 -22.13 31.18 16.93
CA GLU E 64 -21.10 32.20 16.92
C GLU E 64 -19.82 31.60 17.53
N GLU E 65 -18.66 32.15 17.20
CA GLU E 65 -17.41 31.60 17.69
C GLU E 65 -16.40 32.71 17.75
N LYS E 66 -15.69 32.81 18.86
CA LYS E 66 -14.64 33.82 18.96
C LYS E 66 -13.31 33.17 18.70
N GLN E 67 -12.59 33.65 17.69
CA GLN E 67 -11.32 33.09 17.23
C GLN E 67 -10.21 33.74 18.02
N ARG E 68 -9.15 32.98 18.30
CA ARG E 68 -8.01 33.51 19.04
C ARG E 68 -7.41 34.74 18.37
N ASN E 69 -7.47 34.80 17.05
CA ASN E 69 -6.80 35.85 16.33
C ASN E 69 -7.60 37.13 16.27
N GLY E 70 -8.79 37.12 16.87
CA GLY E 70 -9.65 38.31 16.92
C GLY E 70 -10.88 38.23 16.06
N THR E 71 -10.77 37.57 14.92
CA THR E 71 -11.91 37.36 14.07
C THR E 71 -13.11 36.80 14.83
N LEU E 72 -14.31 37.15 14.34
CA LEU E 72 -15.60 36.61 14.83
C LEU E 72 -16.21 35.79 13.71
N THR E 73 -16.77 34.61 14.04
CA THR E 73 -17.22 33.66 13.02
C THR E 73 -18.65 33.22 13.28
N VAL E 74 -19.53 33.61 12.38
CA VAL E 74 -20.95 33.31 12.48
C VAL E 74 -21.39 32.28 11.41
N THR E 75 -22.05 31.19 11.84
CA THR E 75 -22.53 30.11 10.95
C THR E 75 -24.01 29.85 11.16
N SER E 76 -24.80 30.00 10.08
CA SER E 76 -26.24 29.66 10.10
C SER E 76 -26.52 28.48 9.21
N THR E 77 -27.30 27.54 9.71
CA THR E 77 -27.77 26.55 8.78
C THR E 77 -29.28 26.62 8.64
N LEU E 78 -29.75 26.59 7.38
CA LEU E 78 -31.16 26.71 7.07
C LEU E 78 -31.70 25.52 6.28
N PRO E 79 -32.79 24.90 6.79
CA PRO E 79 -33.54 23.89 6.01
C PRO E 79 -34.47 24.53 4.97
N VAL E 80 -34.37 24.04 3.75
CA VAL E 80 -35.09 24.61 2.63
C VAL E 80 -36.06 23.64 1.95
N GLY E 81 -37.05 24.17 1.27
CA GLY E 81 -37.95 23.36 0.47
C GLY E 81 -37.31 22.56 -0.66
N THR E 82 -37.00 21.29 -0.37
CA THR E 82 -36.70 20.30 -1.42
C THR E 82 -37.54 20.54 -2.71
N ARG E 83 -38.74 21.10 -2.52
CA ARG E 83 -39.68 21.35 -3.60
C ARG E 83 -39.59 22.79 -4.12
N ASP E 84 -39.55 23.75 -3.19
CA ASP E 84 -39.35 25.16 -3.56
C ASP E 84 -38.08 25.34 -4.40
N TRP E 85 -37.06 24.53 -4.13
CA TRP E 85 -35.79 24.59 -4.85
C TRP E 85 -35.92 24.00 -6.25
N ILE E 86 -36.62 22.87 -6.36
CA ILE E 86 -36.94 22.29 -7.68
C ILE E 86 -37.65 23.31 -8.59
N GLU E 87 -38.35 24.25 -7.95
CA GLU E 87 -39.21 25.21 -8.64
C GLU E 87 -38.63 26.63 -8.76
N GLY E 88 -37.33 26.76 -8.51
CA GLY E 88 -36.64 28.01 -8.82
C GLY E 88 -36.56 29.06 -7.72
N GLU E 89 -36.76 28.66 -6.47
CA GLU E 89 -36.59 29.60 -5.36
C GLU E 89 -35.13 30.05 -5.32
N THR E 90 -34.93 31.27 -4.81
CA THR E 90 -33.62 31.75 -4.43
C THR E 90 -33.62 31.96 -2.93
N TYR E 91 -32.62 31.39 -2.27
CA TYR E 91 -32.42 31.63 -0.87
C TYR E 91 -31.34 32.66 -0.73
N GLN E 92 -31.48 33.51 0.29
CA GLN E 92 -30.70 34.72 0.43
C GLN E 92 -30.26 35.02 1.86
N CYS E 93 -28.94 35.01 2.03
CA CYS E 93 -28.31 35.34 3.32
C CYS E 93 -27.89 36.82 3.31
N ARG E 94 -28.40 37.63 4.21
CA ARG E 94 -28.05 39.06 4.23
C ARG E 94 -27.31 39.41 5.54
N VAL E 95 -26.35 40.31 5.44
CA VAL E 95 -25.40 40.52 6.49
C VAL E 95 -25.28 42.03 6.76
N THR E 96 -25.41 42.46 8.02
CA THR E 96 -25.28 43.90 8.35
C THR E 96 -24.35 44.08 9.55
N HIS E 97 -23.74 45.26 9.65
CA HIS E 97 -22.84 45.56 10.75
C HIS E 97 -22.94 47.04 11.14
N PRO E 98 -23.22 47.32 12.43
CA PRO E 98 -23.58 48.66 12.89
C PRO E 98 -22.66 49.78 12.37
N HIS E 99 -21.37 49.46 12.16
CA HIS E 99 -20.42 50.36 11.49
C HIS E 99 -19.83 49.72 10.22
N LEU E 100 -20.72 49.33 9.32
CA LEU E 100 -20.34 48.98 7.95
C LEU E 100 -21.08 49.95 7.01
N PRO E 101 -20.31 50.76 6.25
CA PRO E 101 -20.93 51.74 5.34
C PRO E 101 -21.87 51.12 4.29
N ARG E 102 -21.59 49.87 3.90
CA ARG E 102 -22.24 49.20 2.76
C ARG E 102 -22.72 47.76 3.09
N ALA E 103 -24.04 47.58 3.16
CA ALA E 103 -24.65 46.27 3.40
C ALA E 103 -24.34 45.26 2.27
N LEU E 104 -24.45 43.97 2.55
CA LEU E 104 -24.16 42.95 1.53
C LEU E 104 -24.96 41.65 1.63
N MET E 105 -25.09 40.93 0.50
CA MET E 105 -25.89 39.72 0.45
C MET E 105 -25.22 38.57 -0.30
N ARG E 106 -25.71 37.35 -0.05
CA ARG E 106 -25.24 36.14 -0.72
C ARG E 106 -26.44 35.28 -1.10
N SER E 107 -26.36 34.59 -2.23
CA SER E 107 -27.55 33.97 -2.84
C SER E 107 -27.29 32.55 -3.31
N THR E 108 -28.36 31.76 -3.41
CA THR E 108 -28.29 30.42 -3.99
C THR E 108 -29.65 29.99 -4.69
N THR E 109 -29.56 29.36 -5.87
CA THR E 109 -30.72 28.86 -6.68
C THR E 109 -30.35 27.61 -7.49
N LYS E 110 -31.33 26.90 -8.01
CA LYS E 110 -31.06 25.83 -8.96
C LYS E 110 -30.41 26.46 -10.20
N THR E 111 -29.26 25.94 -10.62
CA THR E 111 -28.54 26.54 -11.77
C THR E 111 -29.33 26.33 -13.06
N SER E 112 -29.01 27.16 -14.05
CA SER E 112 -29.74 27.19 -15.31
C SER E 112 -29.50 26.05 -16.26
N GLY E 113 -30.14 26.17 -17.42
CA GLY E 113 -29.79 25.41 -18.59
C GLY E 113 -30.04 23.91 -18.55
N PRO E 114 -29.53 23.22 -19.57
CA PRO E 114 -29.80 21.82 -19.84
C PRO E 114 -29.41 20.93 -18.67
N ARG E 115 -30.24 19.92 -18.42
CA ARG E 115 -29.92 18.79 -17.58
C ARG E 115 -29.39 17.69 -18.47
N ALA E 116 -28.43 16.95 -17.95
CA ALA E 116 -28.01 15.67 -18.48
C ALA E 116 -27.45 14.86 -17.30
N ALA E 117 -27.43 13.55 -17.47
CA ALA E 117 -27.16 12.64 -16.38
C ALA E 117 -25.74 12.12 -16.53
N PRO E 118 -25.15 11.65 -15.41
CA PRO E 118 -23.80 11.11 -15.35
C PRO E 118 -23.65 9.64 -15.75
N GLU E 119 -22.72 9.37 -16.66
CA GLU E 119 -22.29 7.99 -16.88
C GLU E 119 -21.15 7.68 -15.93
N VAL E 120 -21.25 6.52 -15.30
CA VAL E 120 -20.43 6.14 -14.18
C VAL E 120 -19.60 4.93 -14.59
N TYR E 121 -18.29 5.09 -14.58
CA TYR E 121 -17.42 3.96 -14.89
C TYR E 121 -16.50 3.70 -13.72
N ALA E 122 -16.41 2.43 -13.31
CA ALA E 122 -15.60 2.03 -12.19
C ALA E 122 -14.46 1.13 -12.64
N PHE E 123 -13.31 1.24 -11.96
CA PHE E 123 -12.12 0.45 -12.30
C PHE E 123 -11.39 -0.01 -11.06
N ALA E 124 -10.65 -1.10 -11.21
CA ALA E 124 -9.78 -1.61 -10.17
C ALA E 124 -8.38 -1.77 -10.74
N THR E 125 -7.39 -1.37 -9.95
CA THR E 125 -5.99 -1.51 -10.35
C THR E 125 -5.57 -2.98 -10.25
N PRO E 126 -4.61 -3.42 -11.10
CA PRO E 126 -3.93 -4.68 -10.81
C PRO E 126 -3.08 -4.54 -9.54
N GLU E 127 -2.73 -5.67 -8.93
CA GLU E 127 -1.90 -5.67 -7.72
C GLU E 127 -0.56 -5.00 -8.00
N TRP E 128 0.01 -4.33 -7.00
CA TRP E 128 1.36 -3.83 -7.15
C TRP E 128 2.33 -4.59 -6.26
N PRO E 129 3.47 -5.05 -6.83
CA PRO E 129 4.53 -5.70 -6.05
C PRO E 129 4.84 -4.94 -4.76
N GLY E 130 4.89 -5.66 -3.65
CA GLY E 130 4.96 -5.06 -2.33
C GLY E 130 3.57 -5.01 -1.77
N SER E 131 2.88 -3.88 -2.00
CA SER E 131 1.48 -3.70 -1.60
C SER E 131 0.52 -4.69 -2.28
N ARG E 132 0.58 -5.96 -1.87
CA ARG E 132 -0.23 -7.02 -2.49
C ARG E 132 -1.48 -7.39 -1.68
N ASP E 133 -1.50 -6.96 -0.42
CA ASP E 133 -2.71 -6.99 0.41
C ASP E 133 -3.27 -5.58 0.50
N LYS E 134 -3.75 -5.10 -0.65
CA LYS E 134 -4.26 -3.73 -0.86
C LYS E 134 -4.42 -3.49 -2.37
N ARG E 135 -5.54 -2.86 -2.75
CA ARG E 135 -5.73 -2.37 -4.12
C ARG E 135 -6.54 -1.07 -4.18
N THR E 136 -6.56 -0.44 -5.35
CA THR E 136 -7.15 0.88 -5.48
C THR E 136 -8.27 0.91 -6.48
N LEU E 137 -9.39 1.52 -6.06
CA LEU E 137 -10.56 1.62 -6.91
C LEU E 137 -10.76 3.05 -7.38
N ALA E 138 -10.90 3.22 -8.69
CA ALA E 138 -11.24 4.52 -9.26
C ALA E 138 -12.61 4.49 -9.90
N CYS E 139 -13.31 5.60 -9.77
CA CYS E 139 -14.60 5.77 -10.40
C CYS E 139 -14.52 6.99 -11.30
N LEU E 140 -15.09 6.91 -12.50
CA LEU E 140 -15.16 8.10 -13.36
C LEU E 140 -16.59 8.46 -13.67
N ILE E 141 -16.91 9.74 -13.51
CA ILE E 141 -18.29 10.19 -13.60
C ILE E 141 -18.35 11.44 -14.48
N GLN E 142 -18.91 11.28 -15.68
CA GLN E 142 -18.78 12.25 -16.77
C GLN E 142 -20.09 12.75 -17.38
N ASN E 143 -19.94 13.76 -18.23
CA ASN E 143 -20.99 14.27 -19.14
C ASN E 143 -22.29 14.73 -18.51
N PHE E 144 -22.33 14.75 -17.18
CA PHE E 144 -23.47 15.30 -16.48
C PHE E 144 -23.53 16.82 -16.63
N MET E 145 -24.72 17.35 -16.91
CA MET E 145 -24.98 18.77 -16.78
C MET E 145 -25.88 18.99 -15.58
N PRO E 146 -25.93 20.25 -15.07
CA PRO E 146 -25.62 20.76 -13.75
C PRO E 146 -24.34 20.17 -13.14
N GLU E 147 -23.56 21.03 -12.51
CA GLU E 147 -22.34 20.59 -11.86
C GLU E 147 -22.59 19.91 -10.51
N ASP E 148 -23.58 20.43 -9.75
CA ASP E 148 -23.97 19.91 -8.44
C ASP E 148 -24.13 18.41 -8.46
N ILE E 149 -23.20 17.70 -7.84
CA ILE E 149 -23.25 16.25 -7.77
C ILE E 149 -22.80 15.76 -6.37
N SER E 150 -23.25 14.56 -5.98
CA SER E 150 -22.80 13.89 -4.76
C SER E 150 -22.25 12.51 -5.07
N VAL E 151 -21.12 12.15 -4.45
CA VAL E 151 -20.55 10.81 -4.72
C VAL E 151 -20.33 9.99 -3.45
N GLN E 152 -20.63 8.68 -3.55
CA GLN E 152 -20.52 7.73 -2.43
C GLN E 152 -20.06 6.35 -2.87
N TRP E 153 -19.48 5.61 -1.92
CA TRP E 153 -19.11 4.20 -2.15
C TRP E 153 -19.88 3.23 -1.26
N LEU E 154 -20.21 2.07 -1.82
CA LEU E 154 -20.90 1.05 -1.08
C LEU E 154 -20.11 -0.25 -1.16
N HIS E 155 -20.11 -0.96 -0.04
CA HIS E 155 -19.59 -2.31 0.11
C HIS E 155 -20.64 -3.00 0.97
N ASN E 156 -20.97 -4.24 0.62
CA ASN E 156 -22.03 -5.01 1.29
C ASN E 156 -23.40 -4.37 1.32
N GLU E 157 -23.57 -3.30 0.54
CA GLU E 157 -24.79 -2.48 0.52
C GLU E 157 -24.84 -1.55 1.74
N VAL E 158 -23.77 -1.53 2.55
CA VAL E 158 -23.57 -0.45 3.53
C VAL E 158 -22.79 0.73 2.94
N GLN E 159 -23.31 1.93 3.19
CA GLN E 159 -22.75 3.21 2.72
C GLN E 159 -21.47 3.57 3.48
N LEU E 160 -20.34 3.67 2.76
CA LEU E 160 -19.02 3.93 3.38
C LEU E 160 -18.90 5.28 4.11
N PRO E 161 -18.09 5.35 5.20
CA PRO E 161 -17.82 6.67 5.74
C PRO E 161 -17.18 7.57 4.66
N ASP E 162 -17.47 8.86 4.74
CA ASP E 162 -17.05 9.83 3.72
C ASP E 162 -15.54 9.79 3.48
N ALA E 163 -14.79 9.81 4.56
CA ALA E 163 -13.35 10.03 4.48
C ALA E 163 -12.58 8.80 3.99
N ARG E 164 -13.28 7.69 3.85
CA ARG E 164 -12.66 6.47 3.36
C ARG E 164 -12.33 6.61 1.86
N HIS E 165 -12.83 7.69 1.22
CA HIS E 165 -12.64 7.98 -0.21
C HIS E 165 -12.43 9.49 -0.52
N SER E 166 -11.78 9.80 -1.64
CA SER E 166 -11.56 11.20 -2.08
C SER E 166 -12.11 11.45 -3.48
N THR E 167 -12.69 12.63 -3.68
CA THR E 167 -13.43 12.97 -4.92
C THR E 167 -13.12 14.38 -5.41
N THR E 168 -12.75 14.51 -6.70
CA THR E 168 -12.44 15.84 -7.28
C THR E 168 -13.62 16.80 -7.46
N GLN E 169 -13.29 18.08 -7.63
CA GLN E 169 -14.30 19.09 -7.90
C GLN E 169 -14.65 19.07 -9.40
N PRO E 170 -15.92 19.38 -9.74
CA PRO E 170 -16.39 19.30 -11.12
C PRO E 170 -15.58 20.17 -12.09
N ARG E 171 -15.11 19.59 -13.19
CA ARG E 171 -14.35 20.35 -14.21
C ARG E 171 -15.06 20.29 -15.58
N LYS E 172 -14.91 21.36 -16.37
CA LYS E 172 -15.54 21.46 -17.70
C LYS E 172 -14.88 20.50 -18.69
N THR E 173 -15.67 19.61 -19.28
CA THR E 173 -15.21 18.82 -20.45
C THR E 173 -15.17 19.73 -21.69
N LYS E 174 -14.64 19.23 -22.79
CA LYS E 174 -14.80 19.92 -24.07
C LYS E 174 -16.29 19.97 -24.41
N GLY E 175 -16.94 18.81 -24.38
CA GLY E 175 -18.36 18.68 -24.72
C GLY E 175 -19.19 17.93 -23.71
N PHE E 178 -19.17 18.17 -17.68
CA PHE E 178 -18.67 17.96 -16.30
C PHE E 178 -18.26 16.53 -15.96
N PHE E 179 -17.11 16.39 -15.33
CA PHE E 179 -16.64 15.10 -14.87
C PHE E 179 -16.01 15.25 -13.49
N VAL E 180 -16.07 14.16 -12.72
CA VAL E 180 -15.32 14.04 -11.45
C VAL E 180 -14.65 12.67 -11.39
N PHE E 181 -13.64 12.59 -10.54
CA PHE E 181 -13.01 11.35 -10.25
C PHE E 181 -13.19 11.12 -8.77
N SER E 182 -13.43 9.86 -8.42
CA SER E 182 -13.43 9.44 -7.05
C SER E 182 -12.45 8.32 -6.81
N ARG E 183 -11.79 8.41 -5.66
CA ARG E 183 -10.72 7.50 -5.28
C ARG E 183 -11.13 6.77 -4.01
N LEU E 184 -10.88 5.46 -3.98
CA LEU E 184 -11.27 4.60 -2.84
C LEU E 184 -10.27 3.45 -2.65
N GLU E 185 -9.41 3.61 -1.64
CA GLU E 185 -8.36 2.64 -1.35
C GLU E 185 -9.04 1.50 -0.64
N VAL E 186 -8.60 0.28 -0.96
CA VAL E 186 -9.30 -0.90 -0.46
C VAL E 186 -8.43 -2.03 0.12
N THR E 187 -8.85 -2.48 1.29
CA THR E 187 -8.13 -3.50 2.05
C THR E 187 -8.39 -4.90 1.53
N ARG E 188 -7.37 -5.77 1.65
CA ARG E 188 -7.44 -7.15 1.17
C ARG E 188 -8.57 -7.89 1.85
N ALA E 189 -8.63 -7.79 3.18
CA ALA E 189 -9.62 -8.53 3.95
C ALA E 189 -11.04 -8.15 3.52
N GLU E 190 -11.22 -6.89 3.11
CA GLU E 190 -12.49 -6.42 2.58
C GLU E 190 -12.93 -7.16 1.32
N TRP E 191 -12.01 -7.33 0.36
CA TRP E 191 -12.35 -8.09 -0.84
C TRP E 191 -12.41 -9.59 -0.51
N GLU E 192 -11.58 -10.01 0.46
CA GLU E 192 -11.61 -11.37 1.03
C GLU E 192 -12.99 -11.70 1.60
N GLN E 193 -13.70 -10.66 2.02
CA GLN E 193 -15.03 -10.78 2.58
C GLN E 193 -16.11 -10.82 1.48
N LYS E 194 -16.06 -9.85 0.56
CA LYS E 194 -16.98 -9.77 -0.58
C LYS E 194 -16.29 -8.95 -1.71
N ASP E 195 -16.12 -9.58 -2.87
CA ASP E 195 -15.38 -8.97 -3.98
C ASP E 195 -16.19 -8.00 -4.82
N GLU E 196 -17.13 -7.28 -4.19
CA GLU E 196 -17.95 -6.28 -4.90
C GLU E 196 -17.97 -4.91 -4.19
N PHE E 197 -17.79 -3.85 -4.97
CA PHE E 197 -17.87 -2.46 -4.48
C PHE E 197 -18.60 -1.56 -5.47
N ILE E 198 -19.46 -0.69 -4.95
CA ILE E 198 -20.34 0.12 -5.78
C ILE E 198 -19.89 1.57 -5.78
N CYS E 199 -20.04 2.25 -6.92
CA CYS E 199 -19.78 3.68 -6.99
C CYS E 199 -21.09 4.44 -7.24
N ARG E 200 -21.66 5.02 -6.19
CA ARG E 200 -22.95 5.73 -6.31
C ARG E 200 -22.75 7.20 -6.63
N ALA E 201 -23.54 7.70 -7.58
CA ALA E 201 -23.52 9.12 -7.91
C ALA E 201 -24.92 9.64 -7.83
N VAL E 202 -25.13 10.72 -7.10
CA VAL E 202 -26.46 11.27 -6.99
C VAL E 202 -26.50 12.58 -7.72
N HIS E 203 -27.41 12.62 -8.69
CA HIS E 203 -27.56 13.74 -9.61
C HIS E 203 -29.05 13.93 -9.96
N GLU E 204 -29.43 15.19 -10.17
CA GLU E 204 -30.79 15.63 -10.43
C GLU E 204 -31.41 15.02 -11.68
N ALA E 205 -30.56 14.78 -12.66
CA ALA E 205 -31.00 14.32 -13.97
C ALA E 205 -31.00 12.80 -14.08
N ALA E 206 -30.38 12.10 -13.15
CA ALA E 206 -30.47 10.65 -13.14
C ALA E 206 -31.95 10.35 -12.90
N SER E 207 -32.64 9.86 -13.93
CA SER E 207 -34.10 9.82 -13.86
C SER E 207 -34.76 8.48 -13.43
N PRO E 208 -33.93 7.44 -13.09
CA PRO E 208 -34.50 6.35 -12.30
C PRO E 208 -35.19 6.98 -11.08
N SER E 209 -34.38 7.36 -10.09
CA SER E 209 -34.68 8.44 -9.17
C SER E 209 -33.36 8.91 -8.60
N GLN E 210 -32.79 9.87 -9.31
CA GLN E 210 -31.60 10.61 -8.94
C GLN E 210 -30.33 9.79 -8.68
N THR E 211 -30.25 8.54 -9.15
CA THR E 211 -29.15 7.64 -8.76
C THR E 211 -28.59 6.69 -9.84
N VAL E 212 -27.32 6.92 -10.21
CA VAL E 212 -26.60 6.03 -11.13
C VAL E 212 -25.40 5.39 -10.44
N GLN E 213 -25.16 4.10 -10.74
CA GLN E 213 -24.04 3.37 -10.13
C GLN E 213 -23.29 2.41 -11.08
N ARG E 214 -22.15 1.88 -10.64
CA ARG E 214 -21.54 0.67 -11.22
C ARG E 214 -20.77 -0.15 -10.16
N ALA E 215 -20.21 -1.31 -10.55
CA ALA E 215 -19.45 -2.20 -9.65
C ALA E 215 -18.08 -2.66 -10.19
N VAL E 216 -17.16 -3.07 -9.30
CA VAL E 216 -15.84 -3.64 -9.69
C VAL E 216 -15.28 -4.70 -8.71
N SER E 217 -14.43 -5.60 -9.24
CA SER E 217 -13.96 -6.80 -8.50
C SER E 217 -12.44 -7.16 -8.56
N VAL E 218 -12.12 -8.31 -9.17
CA VAL E 218 -10.76 -8.93 -9.18
C VAL E 218 -10.58 -10.06 -10.23
N GLY F 10 -1.86 45.48 -1.37
CA GLY F 10 -0.66 46.16 -1.90
C GLY F 10 0.06 45.29 -2.92
N VAL F 11 1.14 44.65 -2.48
CA VAL F 11 2.00 43.85 -3.35
C VAL F 11 1.88 42.36 -3.03
N SER F 12 1.86 41.53 -4.07
CA SER F 12 1.89 40.07 -3.91
C SER F 12 2.97 39.58 -4.81
N ALA F 13 3.53 38.41 -4.47
CA ALA F 13 4.58 37.84 -5.29
C ALA F 13 4.45 36.35 -5.22
N TYR F 14 4.76 35.66 -6.29
CA TYR F 14 4.60 34.20 -6.31
C TYR F 14 5.76 33.69 -7.06
N LEU F 15 6.24 32.49 -6.72
CA LEU F 15 7.34 31.91 -7.47
C LEU F 15 7.00 30.48 -7.76
N SER F 16 7.23 30.05 -8.98
CA SER F 16 6.87 28.68 -9.36
C SER F 16 8.04 27.73 -9.20
N ARG F 17 7.73 26.44 -9.21
CA ARG F 17 8.70 25.40 -9.06
C ARG F 17 9.15 24.94 -10.45
N PRO F 18 10.41 24.50 -10.61
CA PRO F 18 10.68 23.97 -11.92
C PRO F 18 9.89 22.66 -12.09
N SER F 19 9.49 22.33 -13.31
CA SER F 19 8.63 21.14 -13.53
C SER F 19 9.42 19.87 -13.89
N PRO F 20 9.01 18.72 -13.37
CA PRO F 20 9.90 17.60 -13.63
C PRO F 20 10.11 17.43 -15.13
N PHE F 21 9.11 17.81 -15.91
CA PHE F 21 9.26 17.80 -17.37
C PHE F 21 10.45 18.64 -17.86
N ASP F 22 10.48 19.92 -17.46
CA ASP F 22 11.53 20.83 -17.92
C ASP F 22 12.87 20.41 -17.32
N LEU F 23 12.82 19.83 -16.11
CA LEU F 23 14.01 19.42 -15.42
C LEU F 23 14.63 18.22 -16.08
N PHE F 24 13.82 17.19 -16.35
CA PHE F 24 14.40 15.92 -16.78
C PHE F 24 14.31 15.60 -18.27
N ILE F 25 13.27 16.10 -18.94
CA ILE F 25 13.16 15.87 -20.39
C ILE F 25 13.79 16.97 -21.25
N ARG F 26 13.22 18.18 -21.24
CA ARG F 26 13.84 19.30 -21.94
C ARG F 26 15.25 19.61 -21.42
N LYS F 27 15.59 19.08 -20.23
CA LYS F 27 16.85 19.40 -19.56
C LYS F 27 17.09 20.88 -19.71
N SER F 28 16.09 21.65 -19.28
CA SER F 28 16.04 23.09 -19.46
C SER F 28 15.02 23.74 -18.51
N PRO F 29 15.21 23.57 -17.20
CA PRO F 29 14.29 24.10 -16.19
C PRO F 29 14.32 25.61 -15.97
N THR F 30 13.17 26.14 -15.60
CA THR F 30 12.93 27.55 -15.53
C THR F 30 12.05 27.77 -14.34
N ILE F 31 12.15 28.94 -13.69
CA ILE F 31 11.17 29.37 -12.63
C ILE F 31 10.69 30.79 -12.90
N THR F 32 9.48 31.12 -12.47
CA THR F 32 8.95 32.44 -12.81
C THR F 32 8.49 33.13 -11.57
N CYS F 33 9.04 34.32 -11.37
CA CYS F 33 8.60 35.11 -10.26
C CYS F 33 7.58 36.10 -10.76
N LEU F 34 6.39 36.06 -10.17
CA LEU F 34 5.34 36.98 -10.56
C LEU F 34 5.00 37.99 -9.48
N VAL F 35 5.07 39.26 -9.80
CA VAL F 35 4.69 40.28 -8.81
C VAL F 35 3.44 41.07 -9.24
N VAL F 36 2.47 41.21 -8.33
CA VAL F 36 1.25 41.91 -8.67
C VAL F 36 1.09 43.10 -7.75
N ASP F 37 1.18 44.30 -8.31
CA ASP F 37 1.17 45.52 -7.51
C ASP F 37 -0.08 46.34 -7.82
N LEU F 38 -1.06 46.27 -6.92
CA LEU F 38 -2.22 47.18 -6.97
C LEU F 38 -1.74 48.51 -6.44
N ALA F 39 -2.19 49.61 -7.02
CA ALA F 39 -1.64 50.92 -6.66
C ALA F 39 -0.10 50.95 -6.74
N PRO F 40 0.48 51.06 -7.97
CA PRO F 40 1.94 51.22 -8.10
C PRO F 40 2.52 52.40 -7.35
N SER F 41 1.66 53.32 -6.89
CA SER F 41 2.07 54.62 -6.36
C SER F 41 2.98 55.27 -7.39
N LYS F 42 3.08 54.60 -8.54
CA LYS F 42 4.06 54.85 -9.61
C LYS F 42 5.52 54.87 -9.12
N GLY F 43 5.76 54.05 -8.10
CA GLY F 43 7.10 53.71 -7.65
C GLY F 43 7.55 52.43 -8.35
N THR F 44 8.78 52.45 -8.86
CA THR F 44 9.34 51.31 -9.60
C THR F 44 9.59 50.10 -8.66
N VAL F 45 9.41 48.88 -9.17
CA VAL F 45 9.54 47.70 -8.31
C VAL F 45 10.68 46.75 -8.75
N ASN F 46 11.64 46.49 -7.86
CA ASN F 46 12.73 45.59 -8.21
C ASN F 46 12.40 44.09 -7.94
N LEU F 47 12.71 43.23 -8.92
CA LEU F 47 12.84 41.80 -8.69
C LEU F 47 14.27 41.50 -8.77
N THR F 48 14.77 40.77 -7.80
CA THR F 48 16.15 40.46 -7.86
C THR F 48 16.27 38.99 -7.58
N TRP F 49 17.06 38.31 -8.39
CA TRP F 49 17.20 36.90 -8.18
C TRP F 49 18.47 36.71 -7.43
N SER F 50 18.53 35.64 -6.63
CA SER F 50 19.77 35.22 -5.97
C SER F 50 19.71 33.68 -5.76
N ARG F 51 20.85 33.08 -5.43
CA ARG F 51 20.90 31.70 -4.92
C ARG F 51 21.37 31.67 -3.47
N ALA F 52 20.73 30.84 -2.66
CA ALA F 52 21.01 30.85 -1.24
C ALA F 52 22.47 30.47 -0.98
N SER F 53 23.09 29.73 -1.89
CA SER F 53 24.47 29.35 -1.71
C SER F 53 25.37 30.52 -1.97
N GLY F 54 24.85 31.52 -2.68
CA GLY F 54 25.63 32.71 -2.96
C GLY F 54 26.28 32.71 -4.33
N LYS F 55 26.26 31.54 -4.96
CA LYS F 55 26.70 31.40 -6.37
C LYS F 55 25.86 32.24 -7.37
N PRO F 56 26.44 32.63 -8.50
CA PRO F 56 25.77 33.55 -9.43
C PRO F 56 24.55 32.96 -10.14
N VAL F 57 23.67 33.82 -10.64
CA VAL F 57 22.52 33.40 -11.46
C VAL F 57 22.59 33.97 -12.89
N ASN F 58 21.81 33.35 -13.76
CA ASN F 58 21.78 33.71 -15.18
C ASN F 58 21.00 34.99 -15.37
N HIS F 59 21.14 35.60 -16.55
CA HIS F 59 20.25 36.69 -16.93
C HIS F 59 18.84 36.15 -16.98
N SER F 60 17.91 36.94 -16.48
CA SER F 60 16.51 36.62 -16.55
C SER F 60 15.76 37.60 -17.43
N THR F 61 14.66 37.11 -18.04
CA THR F 61 13.65 37.92 -18.75
C THR F 61 12.88 38.82 -17.78
N ARG F 62 12.17 39.81 -18.33
CA ARG F 62 11.37 40.73 -17.53
C ARG F 62 10.39 41.51 -18.38
N LYS F 63 9.13 41.07 -18.42
CA LYS F 63 8.05 41.86 -19.01
C LYS F 63 7.39 42.66 -17.90
N GLU F 64 6.61 43.65 -18.26
CA GLU F 64 5.98 44.50 -17.27
C GLU F 64 4.71 45.02 -17.89
N GLU F 65 3.59 44.98 -17.17
CA GLU F 65 2.31 45.35 -17.76
C GLU F 65 1.50 46.29 -16.86
N LYS F 66 1.00 47.38 -17.44
CA LYS F 66 0.16 48.36 -16.73
C LYS F 66 -1.30 48.13 -17.09
N GLN F 67 -1.94 47.23 -16.32
CA GLN F 67 -3.35 46.80 -16.47
C GLN F 67 -4.34 47.95 -16.39
N ARG F 68 -5.49 47.78 -17.06
CA ARG F 68 -6.54 48.84 -17.11
C ARG F 68 -6.98 49.29 -15.72
N ASN F 69 -7.14 48.31 -14.83
CA ASN F 69 -7.63 48.55 -13.49
C ASN F 69 -6.60 49.24 -12.58
N GLY F 70 -5.44 49.54 -13.14
CA GLY F 70 -4.48 50.41 -12.49
C GLY F 70 -3.40 49.63 -11.79
N THR F 71 -3.50 48.30 -11.84
CA THR F 71 -2.47 47.40 -11.31
C THR F 71 -1.22 47.33 -12.21
N LEU F 72 -0.06 47.06 -11.60
CA LEU F 72 1.18 46.84 -12.32
C LEU F 72 1.68 45.42 -12.07
N THR F 73 2.08 44.78 -13.16
CA THR F 73 2.38 43.36 -13.15
C THR F 73 3.75 43.08 -13.75
N VAL F 74 4.65 42.52 -12.93
CA VAL F 74 6.01 42.25 -13.33
C VAL F 74 6.26 40.76 -13.33
N THR F 75 6.76 40.22 -14.43
CA THR F 75 7.04 38.79 -14.51
C THR F 75 8.53 38.68 -14.78
N SER F 76 9.17 37.68 -14.21
CA SER F 76 10.55 37.44 -14.57
C SER F 76 10.77 35.95 -14.60
N THR F 77 11.48 35.49 -15.61
CA THR F 77 11.75 34.07 -15.71
C THR F 77 13.27 33.83 -15.70
N LEU F 78 13.69 32.92 -14.82
CA LEU F 78 15.09 32.62 -14.68
C LEU F 78 15.30 31.16 -15.07
N PRO F 79 16.35 30.89 -15.84
CA PRO F 79 16.70 29.50 -16.13
C PRO F 79 17.62 28.99 -15.03
N VAL F 80 17.36 27.79 -14.52
CA VAL F 80 18.18 27.24 -13.44
C VAL F 80 18.93 26.05 -13.95
N GLY F 81 19.91 25.57 -13.19
CA GLY F 81 20.63 24.34 -13.54
C GLY F 81 19.93 23.14 -12.94
N THR F 82 19.79 22.05 -13.70
CA THR F 82 19.29 20.81 -13.11
C THR F 82 20.20 20.25 -12.02
N ARG F 83 21.49 20.16 -12.29
CA ARG F 83 22.41 19.61 -11.31
C ARG F 83 22.30 20.40 -10.02
N ASP F 84 22.21 21.73 -10.14
CA ASP F 84 22.12 22.56 -8.95
C ASP F 84 20.82 22.29 -8.20
N TRP F 85 19.73 22.14 -8.95
CA TRP F 85 18.46 21.96 -8.33
C TRP F 85 18.49 20.64 -7.56
N ILE F 86 18.93 19.60 -8.25
CA ILE F 86 19.02 18.28 -7.69
C ILE F 86 19.95 18.24 -6.48
N GLU F 87 20.90 19.16 -6.38
CA GLU F 87 21.88 19.11 -5.32
C GLU F 87 21.44 19.96 -4.17
N GLY F 88 20.30 20.61 -4.32
CA GLY F 88 19.62 21.26 -3.19
C GLY F 88 19.78 22.75 -3.09
N GLU F 89 20.12 23.40 -4.19
CA GLU F 89 20.15 24.84 -4.29
C GLU F 89 18.76 25.35 -3.99
N THR F 90 18.71 26.57 -3.48
CA THR F 90 17.45 27.27 -3.24
C THR F 90 17.54 28.53 -4.04
N TYR F 91 16.54 28.72 -4.88
CA TYR F 91 16.45 29.92 -5.71
C TYR F 91 15.50 30.87 -5.06
N GLN F 92 15.82 32.16 -5.09
CA GLN F 92 14.93 33.13 -4.46
C GLN F 92 14.76 34.45 -5.21
N CYS F 93 13.53 34.97 -5.18
CA CYS F 93 13.13 36.19 -5.86
C CYS F 93 12.86 37.20 -4.78
N ARG F 94 13.56 38.32 -4.82
CA ARG F 94 13.40 39.33 -3.78
C ARG F 94 12.71 40.61 -4.35
N VAL F 95 11.75 41.16 -3.62
CA VAL F 95 10.93 42.22 -4.15
C VAL F 95 11.01 43.43 -3.28
N THR F 96 11.32 44.58 -3.87
CA THR F 96 11.45 45.82 -3.12
C THR F 96 10.70 46.96 -3.80
N HIS F 97 9.75 47.52 -3.07
CA HIS F 97 8.92 48.64 -3.49
C HIS F 97 9.02 49.62 -2.32
N PRO F 98 9.33 50.90 -2.62
CA PRO F 98 9.38 51.96 -1.58
C PRO F 98 8.01 52.32 -0.99
N PRO F 101 7.31 49.01 3.33
CA PRO F 101 7.73 47.71 3.82
C PRO F 101 9.21 47.67 4.19
N ARG F 102 9.71 46.47 4.47
CA ARG F 102 11.16 46.19 4.50
C ARG F 102 11.44 45.57 3.16
N ALA F 103 11.32 44.24 3.10
CA ALA F 103 11.28 43.53 1.82
C ALA F 103 10.41 42.30 1.94
N LEU F 104 10.27 41.62 0.80
CA LEU F 104 9.31 40.59 0.58
C LEU F 104 10.05 39.57 -0.26
N MET F 105 9.82 38.29 -0.08
CA MET F 105 10.73 37.34 -0.71
C MET F 105 10.25 35.92 -0.89
N ARG F 106 10.54 35.32 -2.03
CA ARG F 106 9.95 34.04 -2.32
C ARG F 106 11.05 33.10 -2.76
N SER F 107 10.90 31.83 -2.36
CA SER F 107 11.96 30.85 -2.55
C SER F 107 11.36 29.58 -3.10
N THR F 108 12.20 28.80 -3.76
CA THR F 108 11.80 27.52 -4.21
C THR F 108 12.99 26.59 -4.14
N THR F 109 12.75 25.40 -3.61
CA THR F 109 13.81 24.42 -3.47
C THR F 109 13.25 23.02 -3.67
N LYS F 110 14.09 22.09 -4.09
CA LYS F 110 13.68 20.73 -4.20
C LYS F 110 13.27 20.22 -2.83
N THR F 111 12.10 19.61 -2.78
CA THR F 111 11.48 19.15 -1.56
C THR F 111 12.17 17.99 -0.85
N SER F 112 12.17 18.03 0.49
CA SER F 112 12.88 17.07 1.32
C SER F 112 12.13 15.78 1.45
N GLY F 113 12.63 14.87 2.28
CA GLY F 113 11.94 13.64 2.60
C GLY F 113 12.15 12.51 1.60
N PRO F 114 11.46 11.38 1.82
CA PRO F 114 11.74 10.18 1.05
C PRO F 114 11.28 10.34 -0.41
N ARG F 115 11.75 9.44 -1.26
CA ARG F 115 11.40 9.36 -2.66
C ARG F 115 10.63 8.04 -2.92
N ALA F 116 9.73 8.06 -3.91
CA ALA F 116 8.98 6.88 -4.28
C ALA F 116 8.50 7.05 -5.70
N ALA F 117 8.93 6.14 -6.56
CA ALA F 117 8.47 6.08 -7.98
C ALA F 117 6.96 6.00 -8.11
N PRO F 118 6.38 6.68 -9.13
CA PRO F 118 4.94 6.62 -9.31
C PRO F 118 4.52 5.32 -9.99
N GLU F 119 3.26 4.98 -9.78
CA GLU F 119 2.67 3.81 -10.39
C GLU F 119 1.68 4.34 -11.42
N VAL F 120 1.73 3.80 -12.64
CA VAL F 120 0.83 4.25 -13.72
C VAL F 120 -0.17 3.18 -14.16
N TYR F 121 -1.45 3.42 -13.90
CA TYR F 121 -2.50 2.54 -14.34
C TYR F 121 -3.38 3.38 -15.23
N ALA F 122 -3.47 2.98 -16.50
CA ALA F 122 -4.34 3.69 -17.43
C ALA F 122 -5.57 2.82 -17.71
N PHE F 123 -6.70 3.44 -18.07
CA PHE F 123 -7.95 2.71 -18.40
C PHE F 123 -8.85 3.42 -19.44
N ALA F 124 -9.56 2.64 -20.28
CA ALA F 124 -10.50 3.19 -21.30
C ALA F 124 -11.95 2.79 -21.05
N THR F 125 -12.90 3.50 -21.67
CA THR F 125 -14.36 3.34 -21.39
C THR F 125 -15.20 2.70 -22.52
N PRO F 126 -16.50 2.51 -22.28
CA PRO F 126 -17.35 2.05 -23.37
C PRO F 126 -18.33 3.12 -23.91
N PRO F 129 -22.14 5.54 -25.58
CA PRO F 129 -23.46 4.89 -25.49
C PRO F 129 -24.60 5.71 -26.13
N GLY F 130 -24.46 7.03 -26.12
CA GLY F 130 -25.23 7.93 -26.98
C GLY F 130 -24.28 8.45 -28.04
N SER F 131 -23.34 9.30 -27.61
CA SER F 131 -22.16 9.64 -28.42
C SER F 131 -21.26 8.42 -28.52
N ARG F 132 -20.61 8.24 -29.68
CA ARG F 132 -19.83 7.03 -29.95
C ARG F 132 -18.63 7.24 -30.86
N ASP F 133 -18.55 8.41 -31.47
CA ASP F 133 -17.41 8.73 -32.31
C ASP F 133 -16.28 9.30 -31.46
N LYS F 134 -16.64 9.68 -30.23
CA LYS F 134 -15.70 10.07 -29.17
C LYS F 134 -15.70 9.00 -28.08
N ARG F 135 -14.52 8.78 -27.46
CA ARG F 135 -14.36 7.93 -26.25
C ARG F 135 -13.37 8.57 -25.25
N THR F 136 -13.33 8.09 -24.00
CA THR F 136 -12.52 8.73 -22.93
C THR F 136 -11.41 7.87 -22.37
N LEU F 137 -10.22 8.46 -22.26
CA LEU F 137 -9.07 7.78 -21.69
C LEU F 137 -8.72 8.34 -20.29
N ALA F 138 -8.59 7.44 -19.30
CA ALA F 138 -8.25 7.82 -17.92
C ALA F 138 -6.93 7.26 -17.38
N CYS F 139 -6.20 8.07 -16.61
CA CYS F 139 -4.94 7.63 -15.99
C CYS F 139 -4.95 7.90 -14.50
N LEU F 140 -4.59 6.88 -13.73
CA LEU F 140 -4.38 7.02 -12.31
C LEU F 140 -2.90 6.80 -12.00
N ILE F 141 -2.19 7.89 -11.76
CA ILE F 141 -0.77 7.88 -11.45
C ILE F 141 -0.70 8.09 -9.95
N GLN F 142 -0.07 7.15 -9.22
CA GLN F 142 -0.12 7.20 -7.76
C GLN F 142 1.05 6.62 -6.97
N ASN F 143 1.05 6.98 -5.68
CA ASN F 143 2.01 6.57 -4.66
C ASN F 143 3.37 7.18 -4.81
N PHE F 144 3.46 8.27 -5.55
CA PHE F 144 4.75 8.91 -5.78
C PHE F 144 5.26 9.76 -4.65
N MET F 145 6.58 9.92 -4.59
CA MET F 145 7.08 10.72 -3.52
C MET F 145 8.10 11.79 -3.66
N PRO F 146 7.57 13.01 -3.86
CA PRO F 146 7.21 14.34 -3.44
C PRO F 146 6.15 14.75 -4.51
N GLU F 147 5.16 15.57 -4.15
CA GLU F 147 4.16 16.09 -5.09
C GLU F 147 4.64 16.24 -6.56
N ASP F 148 5.82 16.81 -6.80
CA ASP F 148 6.22 17.31 -8.14
C ASP F 148 6.09 16.27 -9.27
N ILE F 149 5.22 16.53 -10.24
CA ILE F 149 5.03 15.58 -11.38
C ILE F 149 4.55 16.25 -12.69
N SER F 150 4.94 15.70 -13.83
CA SER F 150 4.47 16.23 -15.07
C SER F 150 3.77 15.10 -15.80
N VAL F 151 2.62 15.38 -16.41
CA VAL F 151 1.94 14.35 -17.18
C VAL F 151 1.67 14.72 -18.62
N GLN F 152 1.92 13.78 -19.50
CA GLN F 152 1.64 13.99 -20.90
C GLN F 152 1.06 12.72 -21.48
N TRP F 153 0.53 12.84 -22.70
CA TRP F 153 0.05 11.71 -23.50
C TRP F 153 0.67 11.71 -24.89
N LEU F 154 1.07 10.52 -25.31
CA LEU F 154 1.61 10.33 -26.65
C LEU F 154 0.85 9.26 -27.41
N HIS F 155 1.04 9.30 -28.73
CA HIS F 155 0.17 8.61 -29.66
C HIS F 155 0.94 8.70 -30.95
N ASN F 156 1.15 7.55 -31.61
CA ASN F 156 2.05 7.49 -32.76
C ASN F 156 3.43 7.96 -32.39
N GLU F 157 3.90 7.57 -31.21
CA GLU F 157 5.21 7.98 -30.72
C GLU F 157 5.31 9.50 -30.58
N VAL F 158 4.20 10.19 -30.79
CA VAL F 158 4.14 11.66 -30.76
C VAL F 158 3.36 12.20 -29.55
N GLN F 159 3.89 13.25 -28.91
CA GLN F 159 3.24 13.88 -27.76
C GLN F 159 2.11 14.82 -28.19
N LEU F 160 0.92 14.61 -27.63
CA LEU F 160 -0.24 15.43 -27.92
C LEU F 160 -0.11 16.85 -27.36
N PRO F 161 -0.81 17.83 -27.98
CA PRO F 161 -0.94 19.12 -27.30
C PRO F 161 -1.47 18.99 -25.87
N ASP F 162 -1.06 19.92 -25.00
CA ASP F 162 -1.42 19.87 -23.59
C ASP F 162 -2.90 19.98 -23.42
N ALA F 163 -3.49 20.96 -24.11
CA ALA F 163 -4.88 21.35 -23.95
C ALA F 163 -5.88 20.22 -24.22
N ARG F 164 -5.36 19.06 -24.64
CA ARG F 164 -6.16 17.87 -24.95
C ARG F 164 -6.54 17.05 -23.72
N HIS F 165 -5.60 16.90 -22.80
CA HIS F 165 -5.85 16.21 -21.55
C HIS F 165 -6.07 17.24 -20.48
N SER F 166 -6.67 16.85 -19.36
CA SER F 166 -6.55 17.64 -18.14
C SER F 166 -6.02 16.75 -17.04
N THR F 167 -5.17 17.28 -16.18
CA THR F 167 -4.61 16.41 -15.17
C THR F 167 -4.90 16.93 -13.75
N THR F 168 -5.14 16.05 -12.77
CA THR F 168 -5.56 16.54 -11.45
C THR F 168 -4.38 17.11 -10.67
N GLN F 169 -4.64 18.01 -9.71
CA GLN F 169 -3.54 18.47 -8.84
C GLN F 169 -3.18 17.43 -7.78
N PRO F 170 -1.88 17.32 -7.42
CA PRO F 170 -1.45 16.29 -6.47
C PRO F 170 -2.21 16.36 -5.16
N ARG F 171 -2.79 15.22 -4.79
CA ARG F 171 -3.61 15.11 -3.63
C ARG F 171 -3.01 13.93 -2.85
N LYS F 172 -3.10 14.01 -1.53
CA LYS F 172 -2.49 13.05 -0.62
C LYS F 172 -3.25 11.71 -0.55
N THR F 173 -2.49 10.62 -0.66
CA THR F 173 -2.94 9.26 -0.40
C THR F 173 -3.23 9.05 1.11
N LYS F 174 -3.88 7.94 1.44
CA LYS F 174 -4.12 7.54 2.85
C LYS F 174 -2.84 7.35 3.66
N GLY F 175 -2.02 6.39 3.27
CA GLY F 175 -0.68 6.25 3.84
C GLY F 175 0.16 7.41 3.33
N SER F 176 1.35 7.11 2.83
CA SER F 176 2.20 8.14 2.21
C SER F 176 2.02 8.20 0.69
N GLY F 177 2.55 9.27 0.09
CA GLY F 177 2.50 9.41 -1.36
C GLY F 177 1.27 10.16 -1.85
N PHE F 178 1.37 10.58 -3.11
CA PHE F 178 0.34 11.37 -3.75
C PHE F 178 -0.26 10.59 -4.91
N PHE F 179 -1.33 11.13 -5.49
CA PHE F 179 -1.94 10.59 -6.71
C PHE F 179 -2.49 11.73 -7.55
N VAL F 180 -2.51 11.53 -8.86
CA VAL F 180 -3.22 12.41 -9.80
C VAL F 180 -4.08 11.59 -10.74
N PHE F 181 -5.17 12.22 -11.19
CA PHE F 181 -6.06 11.66 -12.20
C PHE F 181 -5.91 12.46 -13.47
N SER F 182 -5.56 11.82 -14.59
CA SER F 182 -5.46 12.56 -15.84
C SER F 182 -6.51 12.06 -16.80
N ARG F 183 -7.25 12.97 -17.43
CA ARG F 183 -8.25 12.56 -18.41
C ARG F 183 -7.91 13.04 -19.83
N LEU F 184 -8.24 12.22 -20.83
CA LEU F 184 -8.04 12.56 -22.24
C LEU F 184 -9.13 12.00 -23.15
N GLU F 185 -9.98 12.87 -23.68
CA GLU F 185 -10.98 12.48 -24.69
C GLU F 185 -10.20 12.24 -25.98
N VAL F 186 -10.55 11.16 -26.66
CA VAL F 186 -9.87 10.76 -27.87
C VAL F 186 -10.93 10.59 -28.98
N THR F 187 -10.51 10.59 -30.27
CA THR F 187 -11.47 10.52 -31.42
C THR F 187 -11.49 9.21 -32.21
N ARG F 188 -12.62 8.94 -32.87
CA ARG F 188 -12.75 7.72 -33.67
C ARG F 188 -11.64 7.59 -34.72
N ALA F 189 -11.35 8.67 -35.42
CA ALA F 189 -10.31 8.63 -36.44
C ALA F 189 -8.97 8.27 -35.83
N GLU F 190 -8.77 8.65 -34.57
CA GLU F 190 -7.49 8.43 -33.91
C GLU F 190 -7.19 6.98 -33.55
N TRP F 191 -8.13 6.29 -32.91
CA TRP F 191 -7.87 4.93 -32.44
C TRP F 191 -7.90 3.96 -33.62
N GLU F 192 -8.76 4.25 -34.58
CA GLU F 192 -8.91 3.44 -35.78
C GLU F 192 -7.60 3.47 -36.56
N GLN F 193 -6.76 4.46 -36.27
CA GLN F 193 -5.48 4.66 -36.94
C GLN F 193 -4.39 3.84 -36.25
N LYS F 194 -4.27 3.99 -34.93
CA LYS F 194 -3.33 3.18 -34.11
C LYS F 194 -4.03 2.39 -33.00
N ASP F 195 -4.73 3.08 -32.11
CA ASP F 195 -5.45 2.45 -30.99
C ASP F 195 -4.51 1.97 -29.88
N GLU F 196 -3.36 2.62 -29.80
CA GLU F 196 -2.48 2.47 -28.67
C GLU F 196 -2.16 3.85 -28.16
N PHE F 197 -2.38 4.04 -26.86
CA PHE F 197 -2.22 5.35 -26.20
C PHE F 197 -1.33 5.30 -24.96
N ILE F 198 -0.35 6.20 -24.89
CA ILE F 198 0.62 6.21 -23.80
C ILE F 198 0.34 7.34 -22.81
N CYS F 199 0.13 7.00 -21.54
CA CYS F 199 0.04 7.97 -20.44
C CYS F 199 1.39 7.99 -19.80
N ARG F 200 2.11 9.08 -19.92
CA ARG F 200 3.46 9.14 -19.37
C ARG F 200 3.53 10.06 -18.17
N ALA F 201 4.27 9.66 -17.14
CA ALA F 201 4.57 10.53 -16.01
C ALA F 201 6.04 10.78 -15.90
N VAL F 202 6.40 12.05 -15.71
CA VAL F 202 7.78 12.41 -15.48
C VAL F 202 7.93 12.72 -14.00
N HIS F 203 8.79 11.97 -13.31
CA HIS F 203 8.98 12.12 -11.88
C HIS F 203 10.41 11.91 -11.43
N GLU F 204 10.86 12.69 -10.45
CA GLU F 204 12.27 12.62 -10.05
C GLU F 204 12.76 11.23 -9.56
N ALA F 205 11.84 10.30 -9.30
CA ALA F 205 12.20 8.99 -8.75
C ALA F 205 12.02 7.81 -9.70
N ALA F 206 11.43 8.04 -10.87
CA ALA F 206 11.25 6.97 -11.88
C ALA F 206 12.58 6.43 -12.41
N SER F 207 12.72 5.10 -12.36
CA SER F 207 14.05 4.49 -12.29
C SER F 207 14.90 4.43 -13.57
N PRO F 208 14.28 4.22 -14.74
CA PRO F 208 15.17 4.33 -15.91
C PRO F 208 15.70 5.77 -16.06
N SER F 209 14.90 6.65 -16.65
CA SER F 209 15.32 8.02 -16.90
C SER F 209 14.26 9.05 -16.49
N GLN F 210 13.84 8.97 -15.23
CA GLN F 210 12.77 9.84 -14.68
C GLN F 210 11.39 9.70 -15.34
N THR F 211 11.16 8.62 -16.09
CA THR F 211 9.84 8.31 -16.69
C THR F 211 9.27 6.94 -16.26
N VAL F 212 7.95 6.85 -16.26
CA VAL F 212 7.23 5.57 -16.30
C VAL F 212 5.96 5.81 -17.12
N GLN F 213 5.56 4.77 -17.87
CA GLN F 213 4.37 4.83 -18.73
C GLN F 213 3.59 3.54 -18.73
N ARG F 214 2.28 3.64 -18.94
CA ARG F 214 1.50 2.47 -19.32
C ARG F 214 0.71 2.82 -20.57
N ALA F 215 0.59 1.82 -21.45
CA ALA F 215 -0.19 1.95 -22.69
C ALA F 215 -1.64 1.52 -22.45
N VAL F 216 -2.55 2.11 -23.20
CA VAL F 216 -3.94 1.74 -23.14
C VAL F 216 -4.49 1.62 -24.57
N SER F 217 -5.52 0.79 -24.74
CA SER F 217 -6.23 0.65 -26.01
C SER F 217 -7.75 0.89 -25.86
N VAL F 218 -8.36 1.51 -26.89
CA VAL F 218 -9.81 1.70 -26.91
C VAL F 218 -10.54 0.39 -27.22
N ASN F 219 -9.95 -0.40 -28.12
CA ASN F 219 -10.43 -1.73 -28.42
C ASN F 219 -9.50 -2.79 -27.81
N PRO F 220 -9.82 -3.27 -26.60
CA PRO F 220 -9.10 -4.47 -26.16
C PRO F 220 -9.62 -5.68 -26.93
N GLY F 221 -8.75 -6.66 -27.19
CA GLY F 221 -9.12 -7.88 -27.91
C GLY F 221 -8.37 -8.06 -29.22
N GLY G 10 0.65 -74.64 12.65
CA GLY G 10 0.41 -75.28 13.98
C GLY G 10 -0.23 -74.26 14.90
N VAL G 11 0.58 -73.35 15.48
CA VAL G 11 0.14 -72.53 16.57
C VAL G 11 0.38 -71.07 16.24
N SER G 12 -0.65 -70.24 16.35
CA SER G 12 -0.57 -68.79 16.19
C SER G 12 -0.92 -68.09 17.48
N ALA G 13 -0.39 -66.90 17.73
CA ALA G 13 -0.75 -66.20 18.96
C ALA G 13 -0.81 -64.71 18.71
N TYR G 14 -1.80 -64.04 19.30
CA TYR G 14 -2.03 -62.62 19.05
C TYR G 14 -2.30 -61.97 20.41
N LEU G 15 -1.88 -60.71 20.59
CA LEU G 15 -2.15 -59.95 21.81
C LEU G 15 -2.58 -58.55 21.43
N SER G 16 -3.66 -58.07 22.04
CA SER G 16 -4.24 -56.79 21.67
C SER G 16 -3.71 -55.64 22.49
N ARG G 17 -3.97 -54.42 22.03
CA ARG G 17 -3.54 -53.27 22.83
C ARG G 17 -4.65 -52.68 23.65
N PRO G 18 -4.36 -52.16 24.84
CA PRO G 18 -5.48 -51.47 25.50
C PRO G 18 -5.96 -50.28 24.65
N SER G 19 -7.27 -50.12 24.49
CA SER G 19 -7.79 -48.96 23.73
C SER G 19 -7.54 -47.76 24.60
N PRO G 20 -7.37 -46.60 23.98
CA PRO G 20 -7.28 -45.41 24.81
C PRO G 20 -8.55 -45.20 25.65
N PHE G 21 -9.70 -45.55 25.09
CA PHE G 21 -10.96 -45.36 25.79
C PHE G 21 -10.89 -46.14 27.09
N ASP G 22 -10.29 -47.32 27.04
CA ASP G 22 -10.15 -48.12 28.26
C ASP G 22 -9.10 -47.61 29.24
N LEU G 23 -7.96 -47.14 28.75
CA LEU G 23 -6.95 -46.54 29.60
C LEU G 23 -7.47 -45.31 30.34
N PHE G 24 -8.14 -44.41 29.60
CA PHE G 24 -8.37 -43.04 30.08
C PHE G 24 -9.82 -42.70 30.45
N ILE G 25 -10.78 -43.37 29.84
CA ILE G 25 -12.16 -43.16 30.23
C ILE G 25 -12.70 -44.23 31.22
N ARG G 26 -13.04 -45.43 30.73
CA ARG G 26 -13.51 -46.55 31.57
C ARG G 26 -12.56 -46.70 32.74
N LYS G 27 -11.27 -46.55 32.45
CA LYS G 27 -10.20 -46.66 33.43
C LYS G 27 -9.96 -48.05 34.02
N SER G 28 -10.50 -49.10 33.38
CA SER G 28 -10.11 -50.48 33.69
C SER G 28 -9.69 -51.15 32.38
N PRO G 29 -8.45 -50.94 31.97
CA PRO G 29 -8.05 -51.42 30.67
C PRO G 29 -7.58 -52.84 30.77
N THR G 30 -7.70 -53.60 29.72
CA THR G 30 -7.37 -55.03 29.76
C THR G 30 -6.73 -55.33 28.44
N ILE G 31 -5.98 -56.41 28.37
CA ILE G 31 -5.39 -56.86 27.10
C ILE G 31 -5.79 -58.31 26.91
N THR G 32 -5.85 -58.76 25.67
CA THR G 32 -6.33 -60.12 25.43
C THR G 32 -5.37 -60.97 24.60
N CYS G 33 -4.96 -62.09 25.16
CA CYS G 33 -4.07 -62.99 24.46
C CYS G 33 -4.83 -64.20 23.94
N LEU G 34 -4.76 -64.36 22.61
CA LEU G 34 -5.46 -65.42 21.85
C LEU G 34 -4.53 -66.46 21.23
N VAL G 35 -4.70 -67.73 21.56
CA VAL G 35 -3.94 -68.78 20.87
C VAL G 35 -4.82 -69.67 20.00
N VAL G 36 -4.37 -69.92 18.79
CA VAL G 36 -5.07 -70.77 17.83
C VAL G 36 -4.14 -71.89 17.41
N ASP G 37 -4.53 -73.11 17.78
CA ASP G 37 -3.74 -74.32 17.59
C ASP G 37 -4.50 -75.28 16.67
N LEU G 38 -3.95 -75.46 15.48
CA LEU G 38 -4.59 -76.22 14.42
C LEU G 38 -4.52 -77.70 14.64
N ALA G 39 -3.60 -78.15 15.47
CA ALA G 39 -3.49 -79.58 15.75
C ALA G 39 -3.29 -79.82 17.24
N PRO G 40 -4.37 -79.75 18.02
CA PRO G 40 -4.26 -79.95 19.47
C PRO G 40 -3.94 -81.39 19.83
N SER G 41 -3.24 -82.09 18.93
CA SER G 41 -2.83 -83.51 19.08
C SER G 41 -2.24 -83.83 20.47
N LYS G 42 -1.81 -82.79 21.18
CA LYS G 42 -1.11 -82.91 22.44
C LYS G 42 -2.01 -82.61 23.66
N GLY G 43 -1.41 -82.62 24.86
CA GLY G 43 -2.08 -82.18 26.10
C GLY G 43 -2.22 -80.66 26.22
N THR G 44 -2.05 -80.16 27.45
CA THR G 44 -2.31 -78.74 27.78
C THR G 44 -1.36 -77.76 27.08
N VAL G 45 -1.93 -76.63 26.67
CA VAL G 45 -1.17 -75.51 26.16
C VAL G 45 -1.16 -74.43 27.24
N ASN G 46 -0.01 -74.20 27.82
CA ASN G 46 0.07 -73.24 28.89
C ASN G 46 0.13 -71.86 28.20
N LEU G 47 -0.25 -70.80 28.90
CA LEU G 47 -0.24 -69.45 28.40
C LEU G 47 -0.07 -68.61 29.66
N THR G 48 0.93 -67.75 29.73
CA THR G 48 1.33 -67.20 31.01
C THR G 48 1.64 -65.76 30.85
N TRP G 49 1.18 -64.93 31.76
CA TRP G 49 1.36 -63.50 31.68
C TRP G 49 2.55 -63.14 32.49
N SER G 50 3.20 -62.04 32.14
CA SER G 50 4.26 -61.51 32.94
C SER G 50 4.40 -60.08 32.49
N ARG G 51 5.19 -59.31 33.23
CA ARG G 51 5.56 -57.97 32.86
C ARG G 51 7.09 -57.91 32.74
N ALA G 52 7.55 -57.02 31.88
CA ALA G 52 8.95 -57.02 31.50
C ALA G 52 9.72 -56.58 32.72
N SER G 53 9.06 -55.82 33.62
CA SER G 53 9.75 -55.27 34.79
C SER G 53 9.94 -56.28 35.86
N GLY G 54 9.23 -57.38 35.80
CA GLY G 54 9.32 -58.32 36.87
C GLY G 54 8.15 -58.26 37.80
N LYS G 55 7.43 -57.17 37.78
CA LYS G 55 6.34 -57.03 38.73
C LYS G 55 5.18 -57.99 38.49
N PRO G 56 4.36 -58.21 39.54
CA PRO G 56 3.35 -59.25 39.44
C PRO G 56 2.24 -58.77 38.58
N VAL G 57 1.47 -59.71 38.06
CA VAL G 57 0.31 -59.41 37.27
C VAL G 57 -0.90 -59.77 38.14
N ASN G 58 -2.07 -59.21 37.78
CA ASN G 58 -3.35 -59.62 38.31
C ASN G 58 -3.72 -61.04 37.87
N HIS G 59 -4.77 -61.64 38.45
CA HIS G 59 -5.36 -62.82 37.80
C HIS G 59 -6.00 -62.45 36.47
N SER G 60 -6.07 -63.42 35.57
CA SER G 60 -6.65 -63.29 34.24
C SER G 60 -7.73 -64.30 34.06
N THR G 61 -8.78 -63.96 33.29
CA THR G 61 -9.76 -64.96 32.79
C THR G 61 -9.06 -65.92 31.85
N ARG G 62 -9.61 -67.12 31.72
CA ARG G 62 -9.11 -68.16 30.81
C ARG G 62 -10.30 -68.89 30.19
N LYS G 63 -10.19 -69.33 28.95
CA LYS G 63 -11.29 -70.01 28.27
C LYS G 63 -10.67 -70.84 27.16
N GLU G 64 -11.08 -72.10 27.04
CA GLU G 64 -10.69 -73.04 25.97
C GLU G 64 -11.91 -73.49 25.19
N GLU G 65 -11.83 -73.54 23.88
CA GLU G 65 -12.85 -74.20 23.08
C GLU G 65 -12.14 -75.04 22.04
N LYS G 66 -12.47 -76.34 21.97
CA LYS G 66 -12.16 -77.17 20.79
C LYS G 66 -13.23 -76.70 19.80
N GLN G 67 -12.80 -76.28 18.60
CA GLN G 67 -13.69 -75.80 17.54
C GLN G 67 -14.11 -76.98 16.64
N ARG G 68 -15.17 -76.81 15.88
CA ARG G 68 -15.67 -77.92 15.04
C ARG G 68 -14.68 -78.49 14.00
N ASN G 69 -13.88 -77.62 13.41
CA ASN G 69 -12.87 -78.07 12.49
C ASN G 69 -11.65 -78.70 13.16
N GLY G 70 -11.67 -78.86 14.48
CA GLY G 70 -10.62 -79.59 15.15
C GLY G 70 -9.62 -78.65 15.81
N THR G 71 -9.74 -77.36 15.56
CA THR G 71 -8.85 -76.40 16.18
C THR G 71 -9.17 -76.19 17.68
N LEU G 72 -8.12 -75.97 18.48
CA LEU G 72 -8.27 -75.57 19.87
C LEU G 72 -7.90 -74.10 20.01
N THR G 73 -8.66 -73.40 20.84
CA THR G 73 -8.69 -71.94 20.95
C THR G 73 -8.64 -71.48 22.43
N VAL G 74 -7.47 -71.02 22.89
CA VAL G 74 -7.34 -70.52 24.26
C VAL G 74 -7.30 -69.01 24.24
N THR G 75 -8.22 -68.39 24.97
CA THR G 75 -8.23 -66.93 25.15
C THR G 75 -7.93 -66.56 26.59
N SER G 76 -7.18 -65.48 26.82
CA SER G 76 -7.03 -65.02 28.19
C SER G 76 -7.03 -63.49 28.34
N THR G 77 -7.70 -62.99 29.39
CA THR G 77 -7.79 -61.53 29.50
C THR G 77 -7.16 -60.97 30.74
N LEU G 78 -6.22 -60.06 30.57
CA LEU G 78 -5.52 -59.55 31.73
C LEU G 78 -5.82 -58.07 31.98
N PRO G 79 -6.31 -57.72 33.17
CA PRO G 79 -6.39 -56.30 33.52
C PRO G 79 -5.01 -55.73 33.81
N VAL G 80 -4.75 -54.50 33.35
CA VAL G 80 -3.48 -53.82 33.52
C VAL G 80 -3.72 -52.46 34.17
N GLY G 81 -2.68 -51.82 34.70
CA GLY G 81 -2.81 -50.49 35.26
C GLY G 81 -2.57 -49.46 34.18
N THR G 82 -3.43 -48.45 34.12
CA THR G 82 -3.18 -47.26 33.27
C THR G 82 -1.85 -46.55 33.63
N ARG G 83 -1.62 -46.22 34.90
CA ARG G 83 -0.38 -45.57 35.28
C ARG G 83 0.84 -46.43 34.86
N ASP G 84 0.80 -47.75 35.13
CA ASP G 84 1.84 -48.67 34.67
C ASP G 84 2.02 -48.63 33.15
N TRP G 85 0.90 -48.63 32.44
CA TRP G 85 0.98 -48.56 31.02
C TRP G 85 1.64 -47.26 30.60
N ILE G 86 1.22 -46.13 31.15
CA ILE G 86 1.86 -44.85 30.81
C ILE G 86 3.36 -44.77 31.16
N GLU G 87 3.80 -45.42 32.20
CA GLU G 87 5.21 -45.37 32.54
C GLU G 87 6.07 -46.30 31.70
N GLY G 88 5.50 -47.03 30.76
CA GLY G 88 6.35 -47.93 30.00
C GLY G 88 6.35 -49.42 30.20
N GLU G 89 5.41 -49.96 30.95
CA GLU G 89 5.40 -51.39 31.15
C GLU G 89 5.28 -52.12 29.82
N THR G 90 5.93 -53.28 29.73
CA THR G 90 5.63 -54.20 28.65
C THR G 90 4.94 -55.42 29.21
N TYR G 91 3.77 -55.75 28.65
CA TYR G 91 3.02 -56.92 29.06
C TYR G 91 3.30 -58.02 28.06
N GLN G 92 3.44 -59.27 28.54
CA GLN G 92 3.88 -60.39 27.72
C GLN G 92 3.08 -61.63 27.96
N CYS G 93 2.65 -62.26 26.87
CA CYS G 93 1.90 -63.50 26.87
C CYS G 93 2.83 -64.56 26.32
N ARG G 94 3.14 -65.56 27.13
CA ARG G 94 4.10 -66.59 26.74
C ARG G 94 3.38 -67.88 26.51
N VAL G 95 3.55 -68.46 25.32
CA VAL G 95 2.81 -69.67 24.95
C VAL G 95 3.74 -70.84 24.96
N THR G 96 3.28 -71.88 25.61
CA THR G 96 4.12 -72.94 26.03
C THR G 96 3.52 -74.31 25.78
N HIS G 97 4.43 -75.21 25.39
CA HIS G 97 4.35 -76.69 25.42
C HIS G 97 4.43 -77.41 24.06
N PRO G 98 3.29 -77.61 23.37
CA PRO G 98 3.10 -78.67 22.34
C PRO G 98 4.39 -79.32 21.74
N HIS G 99 4.57 -79.20 20.43
CA HIS G 99 5.83 -79.56 19.74
C HIS G 99 6.67 -78.30 19.46
N LEU G 100 6.65 -77.36 20.41
CA LEU G 100 7.36 -76.10 20.30
C LEU G 100 8.74 -76.21 20.92
N PRO G 101 9.80 -76.16 20.07
CA PRO G 101 11.13 -76.06 20.68
C PRO G 101 11.18 -74.74 21.46
N ARG G 102 11.26 -73.64 20.71
CA ARG G 102 11.07 -72.30 21.25
C ARG G 102 9.61 -72.04 21.63
N ALA G 103 9.44 -71.42 22.80
CA ALA G 103 8.16 -70.89 23.23
C ALA G 103 7.89 -69.74 22.30
N LEU G 104 6.66 -69.26 22.33
CA LEU G 104 6.22 -68.17 21.55
C LEU G 104 6.05 -67.10 22.56
N MET G 105 6.26 -65.88 22.17
CA MET G 105 5.91 -64.86 23.08
C MET G 105 5.37 -63.63 22.35
N ARG G 106 4.25 -63.11 22.83
CA ARG G 106 3.65 -61.92 22.26
C ARG G 106 3.68 -60.82 23.29
N SER G 107 3.83 -59.59 22.84
CA SER G 107 4.03 -58.50 23.77
C SER G 107 3.35 -57.20 23.34
N THR G 108 3.10 -56.31 24.28
CA THR G 108 2.50 -55.05 23.94
C THR G 108 3.01 -53.99 24.91
N THR G 109 3.26 -52.79 24.38
CA THR G 109 3.81 -51.68 25.17
C THR G 109 3.41 -50.37 24.49
N LYS G 110 3.53 -49.24 25.18
CA LYS G 110 3.06 -47.97 24.60
C LYS G 110 4.07 -47.57 23.57
N THR G 111 3.57 -47.02 22.45
CA THR G 111 4.41 -46.70 21.31
C THR G 111 5.43 -45.61 21.58
N SER G 112 6.61 -45.78 21.01
CA SER G 112 7.66 -44.79 21.01
C SER G 112 7.36 -43.45 20.42
N GLY G 113 8.27 -42.51 20.65
CA GLY G 113 8.34 -41.31 19.83
C GLY G 113 7.64 -40.13 20.42
N PRO G 114 7.59 -39.02 19.68
CA PRO G 114 6.96 -37.81 20.21
C PRO G 114 5.45 -38.01 20.33
N ARG G 115 4.83 -37.16 21.17
CA ARG G 115 3.40 -37.17 21.46
C ARG G 115 2.77 -35.91 20.95
N ALA G 116 1.51 -35.97 20.57
CA ALA G 116 0.87 -34.78 20.06
C ALA G 116 -0.61 -35.03 20.03
N ALA G 117 -1.35 -34.15 20.72
CA ALA G 117 -2.80 -34.22 20.83
C ALA G 117 -3.43 -34.11 19.45
N PRO G 118 -4.58 -34.78 19.27
CA PRO G 118 -5.31 -34.69 18.02
C PRO G 118 -6.01 -33.34 17.86
N GLU G 119 -6.23 -32.91 16.62
CA GLU G 119 -7.18 -31.85 16.28
C GLU G 119 -8.52 -32.39 15.80
N VAL G 120 -9.63 -31.99 16.38
CA VAL G 120 -10.92 -32.54 15.93
C VAL G 120 -11.67 -31.49 15.13
N TYR G 121 -12.34 -31.92 14.05
CA TYR G 121 -13.19 -31.01 13.28
C TYR G 121 -14.45 -31.73 13.00
N ALA G 122 -15.59 -31.05 13.13
CA ALA G 122 -16.85 -31.72 12.86
C ALA G 122 -17.67 -31.06 11.78
N PHE G 123 -18.26 -31.85 10.88
CA PHE G 123 -19.01 -31.37 9.71
C PHE G 123 -20.35 -32.08 9.55
N ALA G 124 -21.35 -31.36 9.04
CA ALA G 124 -22.66 -31.93 8.77
C ALA G 124 -22.87 -31.92 7.29
N THR G 125 -23.69 -32.87 6.81
CA THR G 125 -24.03 -33.08 5.40
C THR G 125 -25.22 -32.20 4.98
N PRO G 126 -25.15 -31.56 3.81
CA PRO G 126 -26.36 -30.94 3.22
C PRO G 126 -27.54 -31.92 2.99
N GLU G 127 -28.77 -31.44 3.14
CA GLU G 127 -29.96 -32.24 2.87
C GLU G 127 -29.86 -32.87 1.48
N TRP G 128 -30.15 -34.16 1.41
CA TRP G 128 -30.14 -34.90 0.14
C TRP G 128 -31.55 -35.39 -0.19
N PRO G 129 -32.05 -35.17 -1.43
CA PRO G 129 -33.43 -35.63 -1.72
C PRO G 129 -33.61 -37.13 -1.45
N GLY G 130 -34.74 -37.47 -0.86
CA GLY G 130 -34.92 -38.84 -0.37
C GLY G 130 -34.70 -38.93 1.13
N SER G 131 -33.44 -38.78 1.55
CA SER G 131 -33.08 -38.72 2.97
C SER G 131 -34.06 -37.89 3.84
N ARG G 132 -34.02 -36.56 3.71
CA ARG G 132 -34.91 -35.65 4.45
C ARG G 132 -34.88 -35.90 5.96
N ASP G 133 -35.32 -37.10 6.37
CA ASP G 133 -35.39 -37.53 7.79
C ASP G 133 -34.07 -38.01 8.44
N LYS G 134 -32.97 -37.86 7.70
CA LYS G 134 -31.66 -38.35 8.09
C LYS G 134 -30.63 -37.32 7.61
N ARG G 135 -29.48 -37.31 8.28
CA ARG G 135 -28.39 -36.42 7.93
C ARG G 135 -27.09 -37.14 8.26
N THR G 136 -26.00 -36.78 7.59
CA THR G 136 -24.75 -37.44 7.89
C THR G 136 -23.76 -36.50 8.52
N LEU G 137 -23.17 -36.95 9.64
CA LEU G 137 -22.12 -36.22 10.31
C LEU G 137 -20.79 -36.91 10.12
N ALA G 138 -19.77 -36.09 9.98
CA ALA G 138 -18.43 -36.55 9.65
C ALA G 138 -17.46 -35.81 10.55
N CYS G 139 -16.51 -36.54 11.13
CA CYS G 139 -15.56 -35.92 12.02
C CYS G 139 -14.15 -36.22 11.54
N LEU G 140 -13.35 -35.18 11.32
CA LEU G 140 -11.98 -35.37 10.95
C LEU G 140 -11.08 -35.11 12.16
N ILE G 141 -10.24 -36.10 12.46
CA ILE G 141 -9.41 -36.09 13.65
C ILE G 141 -8.00 -36.33 13.18
N GLN G 142 -7.09 -35.42 13.50
CA GLN G 142 -5.78 -35.43 12.82
C GLN G 142 -4.65 -34.76 13.55
N ASN G 143 -3.46 -35.00 13.01
CA ASN G 143 -2.16 -34.64 13.62
C ASN G 143 -1.80 -35.22 14.97
N PHE G 144 -2.51 -36.24 15.43
CA PHE G 144 -2.17 -36.90 16.65
C PHE G 144 -1.01 -37.85 16.48
N MET G 145 -0.18 -37.96 17.53
CA MET G 145 0.97 -38.87 17.63
C MET G 145 0.91 -39.68 18.92
N PRO G 146 1.49 -40.91 18.86
CA PRO G 146 1.06 -42.31 18.65
C PRO G 146 -0.31 -42.35 18.01
N GLU G 147 -0.49 -43.31 17.10
CA GLU G 147 -1.72 -43.54 16.40
C GLU G 147 -2.83 -44.18 17.22
N ASP G 148 -2.55 -44.57 18.46
CA ASP G 148 -3.59 -45.17 19.25
C ASP G 148 -4.67 -44.14 19.53
N ILE G 149 -5.92 -44.48 19.28
CA ILE G 149 -6.99 -43.51 19.51
C ILE G 149 -8.38 -44.18 19.63
N SER G 150 -9.22 -43.62 20.48
CA SER G 150 -10.62 -43.98 20.52
C SER G 150 -11.53 -42.84 20.08
N VAL G 151 -12.73 -43.15 19.60
CA VAL G 151 -13.65 -42.09 19.16
C VAL G 151 -15.07 -42.37 19.65
N GLN G 152 -15.65 -41.42 20.38
CA GLN G 152 -17.07 -41.47 20.73
C GLN G 152 -17.83 -40.34 20.09
N TRP G 153 -19.12 -40.54 19.85
CA TRP G 153 -19.98 -39.47 19.47
C TRP G 153 -20.92 -39.38 20.60
N LEU G 154 -21.33 -38.16 20.96
CA LEU G 154 -22.31 -37.98 22.03
C LEU G 154 -23.43 -37.04 21.63
N HIS G 155 -24.56 -37.16 22.35
CA HIS G 155 -25.81 -36.42 22.10
C HIS G 155 -26.59 -36.41 23.42
N ASN G 156 -27.09 -35.22 23.80
CA ASN G 156 -27.57 -34.97 25.17
C ASN G 156 -26.58 -35.42 26.22
N GLU G 157 -25.30 -35.08 26.02
CA GLU G 157 -24.17 -35.51 26.91
C GLU G 157 -24.17 -37.00 27.28
N VAL G 158 -24.98 -37.80 26.57
CA VAL G 158 -24.90 -39.25 26.65
C VAL G 158 -24.19 -39.80 25.41
N GLN G 159 -23.22 -40.66 25.66
CA GLN G 159 -22.49 -41.31 24.61
C GLN G 159 -23.43 -42.22 23.85
N LEU G 160 -23.47 -42.02 22.54
CA LEU G 160 -24.14 -42.92 21.64
C LEU G 160 -23.50 -44.30 21.65
N PRO G 161 -24.32 -45.33 21.33
CA PRO G 161 -23.76 -46.65 21.07
C PRO G 161 -22.64 -46.65 20.00
N ASP G 162 -21.73 -47.61 20.12
CA ASP G 162 -20.62 -47.74 19.20
C ASP G 162 -21.10 -47.93 17.79
N ALA G 163 -22.03 -48.86 17.62
CA ALA G 163 -22.41 -49.31 16.29
C ALA G 163 -23.21 -48.25 15.51
N ARG G 164 -23.47 -47.11 16.13
CA ARG G 164 -24.11 -46.01 15.42
C ARG G 164 -23.15 -45.31 14.48
N HIS G 165 -21.85 -45.51 14.69
CA HIS G 165 -20.87 -44.83 13.88
C HIS G 165 -19.81 -45.75 13.38
N SER G 166 -19.18 -45.36 12.28
CA SER G 166 -17.99 -46.03 11.83
C SER G 166 -16.82 -45.06 11.79
N THR G 167 -15.68 -45.54 12.24
CA THR G 167 -14.44 -44.81 12.21
C THR G 167 -13.40 -45.54 11.41
N THR G 168 -12.60 -44.82 10.64
CA THR G 168 -11.63 -45.47 9.81
C THR G 168 -10.39 -45.81 10.60
N GLN G 169 -9.54 -46.63 10.00
CA GLN G 169 -8.23 -46.98 10.56
C GLN G 169 -7.25 -45.80 10.47
N PRO G 170 -6.39 -45.65 11.49
CA PRO G 170 -5.39 -44.60 11.46
C PRO G 170 -4.51 -44.71 10.22
N ARG G 171 -4.37 -43.64 9.45
CA ARG G 171 -3.35 -43.57 8.38
C ARG G 171 -2.49 -42.36 8.61
N LYS G 172 -1.25 -42.41 8.12
CA LYS G 172 -0.28 -41.34 8.31
C LYS G 172 -0.54 -40.20 7.35
N THR G 173 -0.58 -38.97 7.90
CA THR G 173 -0.64 -37.75 7.11
C THR G 173 0.68 -37.59 6.39
N LYS G 174 0.67 -36.80 5.32
CA LYS G 174 1.92 -36.43 4.68
C LYS G 174 2.73 -35.56 5.64
N GLY G 175 3.98 -35.92 5.88
CA GLY G 175 4.66 -35.34 7.02
C GLY G 175 4.36 -36.19 8.25
N SER G 176 3.96 -35.56 9.36
CA SER G 176 3.89 -36.27 10.65
C SER G 176 2.48 -36.40 11.26
N GLY G 177 2.28 -37.48 12.02
CA GLY G 177 1.01 -37.68 12.69
C GLY G 177 0.00 -38.41 11.84
N PHE G 178 -1.13 -38.70 12.45
CA PHE G 178 -2.08 -39.59 11.87
C PHE G 178 -3.37 -38.87 11.74
N PHE G 179 -4.27 -39.38 10.90
CA PHE G 179 -5.65 -38.91 10.92
C PHE G 179 -6.61 -40.05 10.87
N VAL G 180 -7.88 -39.73 11.05
CA VAL G 180 -8.93 -40.69 11.17
C VAL G 180 -10.23 -39.95 10.94
N PHE G 181 -11.17 -40.62 10.29
CA PHE G 181 -12.44 -40.05 9.93
C PHE G 181 -13.49 -40.86 10.65
N SER G 182 -14.55 -40.21 11.05
CA SER G 182 -15.60 -40.94 11.67
C SER G 182 -16.88 -40.41 11.16
N ARG G 183 -17.85 -41.30 11.01
CA ARG G 183 -19.08 -40.97 10.35
C ARG G 183 -20.25 -41.44 11.23
N LEU G 184 -21.24 -40.57 11.42
CA LEU G 184 -22.45 -40.91 12.15
C LEU G 184 -23.71 -40.38 11.44
N GLU G 185 -24.60 -41.29 11.04
CA GLU G 185 -25.91 -40.88 10.54
C GLU G 185 -26.71 -40.51 11.76
N VAL G 186 -27.55 -39.49 11.63
CA VAL G 186 -28.36 -38.97 12.71
C VAL G 186 -29.73 -38.72 12.15
N THR G 187 -30.78 -38.74 12.97
CA THR G 187 -32.19 -38.61 12.49
C THR G 187 -32.92 -37.33 12.94
N ARG G 188 -33.93 -36.94 12.16
CA ARG G 188 -34.66 -35.71 12.45
C ARG G 188 -35.14 -35.67 13.91
N ALA G 189 -35.55 -36.83 14.42
CA ALA G 189 -35.98 -36.92 15.80
C ALA G 189 -34.86 -36.56 16.78
N GLU G 190 -33.62 -36.93 16.45
CA GLU G 190 -32.50 -36.52 17.28
C GLU G 190 -32.19 -35.01 17.20
N TRP G 191 -32.12 -34.48 15.98
CA TRP G 191 -31.61 -33.10 15.86
C TRP G 191 -32.63 -32.04 16.22
N GLU G 192 -33.91 -32.34 16.05
CA GLU G 192 -34.95 -31.43 16.53
C GLU G 192 -35.12 -31.52 18.04
N GLN G 193 -35.00 -32.73 18.56
CA GLN G 193 -34.85 -32.95 19.98
C GLN G 193 -33.85 -31.93 20.52
N LYS G 194 -32.61 -31.97 20.02
CA LYS G 194 -31.58 -31.00 20.36
C LYS G 194 -30.45 -31.04 19.34
N ASP G 195 -30.20 -29.90 18.70
CA ASP G 195 -29.34 -29.86 17.53
C ASP G 195 -27.87 -29.65 17.87
N GLU G 196 -27.30 -30.60 18.60
CA GLU G 196 -25.89 -30.56 18.94
C GLU G 196 -25.39 -32.00 19.06
N PHE G 197 -24.33 -32.33 18.34
CA PHE G 197 -23.64 -33.58 18.50
C PHE G 197 -22.15 -33.34 18.70
N ILE G 198 -21.54 -34.10 19.59
CA ILE G 198 -20.14 -33.93 19.87
C ILE G 198 -19.43 -35.10 19.27
N CYS G 199 -18.28 -34.83 18.69
CA CYS G 199 -17.39 -35.86 18.26
C CYS G 199 -16.21 -35.79 19.18
N ARG G 200 -15.94 -36.87 19.91
CA ARG G 200 -14.88 -36.86 20.90
C ARG G 200 -13.81 -37.91 20.62
N ALA G 201 -12.56 -37.47 20.57
CA ALA G 201 -11.42 -38.39 20.46
C ALA G 201 -10.81 -38.63 21.83
N VAL G 202 -10.41 -39.85 22.12
CA VAL G 202 -9.66 -40.11 23.35
C VAL G 202 -8.24 -40.49 22.96
N HIS G 203 -7.25 -39.75 23.50
CA HIS G 203 -5.84 -39.85 23.13
C HIS G 203 -4.87 -39.46 24.26
N GLU G 204 -3.79 -40.24 24.43
CA GLU G 204 -2.89 -40.08 25.59
C GLU G 204 -2.27 -38.68 25.73
N ALA G 205 -2.22 -37.93 24.63
CA ALA G 205 -1.51 -36.65 24.60
C ALA G 205 -2.43 -35.46 24.81
N ALA G 206 -3.74 -35.66 24.65
CA ALA G 206 -4.76 -34.65 24.95
C ALA G 206 -4.70 -34.34 26.43
N SER G 207 -4.55 -33.07 26.76
CA SER G 207 -4.14 -32.84 28.10
C SER G 207 -4.86 -31.75 28.78
N PRO G 208 -6.02 -32.10 29.33
CA PRO G 208 -6.05 -32.12 30.80
C PRO G 208 -6.26 -33.63 31.17
N SER G 209 -7.03 -34.30 30.32
CA SER G 209 -7.76 -35.48 30.69
C SER G 209 -7.96 -36.39 29.47
N GLN G 210 -6.98 -36.37 28.56
CA GLN G 210 -6.90 -37.28 27.43
C GLN G 210 -8.03 -37.25 26.39
N THR G 211 -8.74 -36.13 26.35
CA THR G 211 -9.76 -35.96 25.30
C THR G 211 -9.76 -34.59 24.60
N VAL G 212 -10.22 -34.62 23.34
CA VAL G 212 -10.50 -33.43 22.57
C VAL G 212 -11.82 -33.67 21.86
N GLN G 213 -12.67 -32.65 21.84
CA GLN G 213 -13.96 -32.76 21.19
C GLN G 213 -14.40 -31.52 20.38
N ARG G 214 -15.30 -31.72 19.44
CA ARG G 214 -15.85 -30.61 18.70
C ARG G 214 -17.35 -30.84 18.58
N ALA G 215 -18.11 -29.77 18.72
CA ALA G 215 -19.55 -29.83 18.56
C ALA G 215 -19.92 -29.59 17.10
N VAL G 216 -20.98 -30.24 16.63
CA VAL G 216 -21.48 -29.92 15.31
C VAL G 216 -23.00 -29.86 15.29
N SER G 217 -23.54 -28.99 14.42
CA SER G 217 -24.99 -28.83 14.33
C SER G 217 -25.51 -29.00 12.92
N VAL G 218 -26.71 -29.57 12.81
CA VAL G 218 -27.31 -29.84 11.50
C VAL G 218 -27.61 -28.52 10.78
N ASN G 219 -28.26 -27.59 11.48
CA ASN G 219 -28.53 -26.27 10.91
C ASN G 219 -27.50 -25.21 11.36
N PRO G 220 -27.39 -24.06 10.63
CA PRO G 220 -26.25 -23.14 10.79
C PRO G 220 -25.22 -23.51 11.87
N GLU H 1 -6.41 32.45 -15.80
CA GLU H 1 -6.72 33.83 -16.23
C GLU H 1 -8.16 34.18 -15.84
N VAL H 2 -8.50 35.46 -15.88
CA VAL H 2 -9.89 35.86 -15.68
C VAL H 2 -10.62 35.36 -16.92
N GLN H 3 -11.89 35.04 -16.75
CA GLN H 3 -12.63 34.36 -17.77
C GLN H 3 -14.12 34.48 -17.41
N LEU H 4 -14.92 34.96 -18.37
CA LEU H 4 -16.37 34.94 -18.24
C LEU H 4 -16.90 33.90 -19.22
N VAL H 5 -17.40 32.77 -18.75
CA VAL H 5 -17.84 31.72 -19.64
C VAL H 5 -19.35 31.79 -19.72
N GLN H 6 -19.89 32.03 -20.92
CA GLN H 6 -21.34 32.13 -21.12
C GLN H 6 -21.94 30.81 -21.60
N SER H 7 -23.25 30.63 -21.40
CA SER H 7 -23.93 29.37 -21.77
C SER H 7 -24.18 29.29 -23.28
N GLY H 8 -24.62 28.13 -23.78
CA GLY H 8 -24.67 27.86 -25.23
C GLY H 8 -25.97 27.96 -26.04
N ALA H 9 -25.94 28.85 -27.04
CA ALA H 9 -27.01 29.00 -28.05
C ALA H 9 -28.41 28.68 -27.54
N GLU H 10 -29.27 29.69 -27.53
CA GLU H 10 -30.64 29.47 -27.15
C GLU H 10 -31.56 29.64 -28.35
N VAL H 11 -32.56 28.77 -28.46
CA VAL H 11 -33.53 28.71 -29.59
C VAL H 11 -34.99 28.65 -29.09
N LYS H 12 -35.70 29.75 -29.16
CA LYS H 12 -36.98 29.84 -28.45
C LYS H 12 -38.23 30.23 -29.31
N LYS H 13 -39.41 29.81 -28.88
CA LYS H 13 -40.63 30.29 -29.54
C LYS H 13 -41.13 31.61 -28.90
N PRO H 14 -41.65 32.56 -29.69
CA PRO H 14 -42.19 33.79 -29.09
C PRO H 14 -43.17 33.50 -27.94
N GLY H 15 -43.14 34.32 -26.90
CA GLY H 15 -43.87 34.01 -25.65
C GLY H 15 -42.96 33.43 -24.56
N ALA H 16 -42.10 32.48 -24.94
CA ALA H 16 -41.17 31.79 -24.05
C ALA H 16 -40.33 32.70 -23.18
N THR H 17 -39.57 32.09 -22.29
CA THR H 17 -38.64 32.82 -21.46
C THR H 17 -37.29 32.10 -21.58
N VAL H 18 -36.20 32.84 -21.41
CA VAL H 18 -34.84 32.30 -21.35
C VAL H 18 -34.12 32.80 -20.11
N LYS H 19 -33.35 31.91 -19.48
CA LYS H 19 -32.34 32.33 -18.49
C LYS H 19 -30.95 31.99 -19.04
N ILE H 20 -30.10 33.01 -19.10
CA ILE H 20 -28.74 32.80 -19.59
C ILE H 20 -27.73 33.27 -18.56
N SER H 21 -26.53 32.67 -18.60
CA SER H 21 -25.54 32.89 -17.56
C SER H 21 -24.11 33.10 -18.04
N CYS H 22 -23.34 33.87 -17.28
CA CYS H 22 -21.90 33.72 -17.36
C CYS H 22 -21.32 33.49 -16.01
N LYS H 23 -20.58 32.39 -15.93
CA LYS H 23 -19.85 31.94 -14.77
C LYS H 23 -18.50 32.63 -14.79
N VAL H 24 -18.15 33.24 -13.67
CA VAL H 24 -16.87 33.95 -13.57
C VAL H 24 -15.80 33.02 -13.01
N TYR H 25 -14.68 32.91 -13.71
CA TYR H 25 -13.53 32.18 -13.18
C TYR H 25 -12.40 33.16 -12.86
N GLY H 26 -11.54 32.76 -11.92
CA GLY H 26 -10.20 33.39 -11.71
C GLY H 26 -10.22 34.81 -11.18
N TYR H 27 -11.29 35.16 -10.50
CA TYR H 27 -11.27 36.29 -9.62
C TYR H 27 -12.47 36.13 -8.70
N ILE H 28 -12.65 37.13 -7.87
CA ILE H 28 -13.57 37.06 -6.76
C ILE H 28 -14.94 37.64 -7.11
N PHE H 29 -15.88 36.72 -7.37
CA PHE H 29 -17.11 37.04 -8.09
C PHE H 29 -17.78 38.28 -7.56
N THR H 30 -17.79 38.43 -6.25
CA THR H 30 -18.62 39.41 -5.58
C THR H 30 -18.04 40.82 -5.45
N ASP H 31 -16.82 41.02 -5.96
CA ASP H 31 -16.12 42.27 -5.74
C ASP H 31 -16.55 43.38 -6.70
N TYR H 32 -16.71 43.02 -7.97
CA TYR H 32 -16.94 44.00 -9.02
C TYR H 32 -18.22 43.73 -9.80
N ASN H 33 -18.85 44.82 -10.24
CA ASN H 33 -20.05 44.71 -11.06
C ASN H 33 -19.81 43.88 -12.32
N ILE H 34 -20.87 43.22 -12.82
CA ILE H 34 -20.91 42.58 -14.14
C ILE H 34 -21.95 43.36 -14.97
N TYR H 35 -21.61 43.75 -16.22
CA TYR H 35 -22.56 44.42 -17.14
C TYR H 35 -22.98 43.52 -18.30
N TRP H 36 -24.26 43.64 -18.68
CA TRP H 36 -24.82 42.86 -19.78
C TRP H 36 -24.98 43.71 -21.05
N VAL H 37 -24.74 43.10 -22.20
CA VAL H 37 -24.68 43.86 -23.43
C VAL H 37 -25.31 43.09 -24.59
N ARG H 38 -26.28 43.73 -25.25
CA ARG H 38 -27.03 43.16 -26.39
C ARG H 38 -26.49 43.63 -27.73
N GLN H 39 -26.51 42.73 -28.71
CA GLN H 39 -26.17 43.06 -30.11
C GLN H 39 -26.98 42.25 -31.15
N ALA H 40 -27.93 42.90 -31.81
CA ALA H 40 -28.75 42.26 -32.87
C ALA H 40 -27.88 41.81 -34.09
N PRO H 41 -28.34 40.79 -34.87
CA PRO H 41 -27.50 40.23 -35.94
C PRO H 41 -26.96 41.20 -37.05
N GLY H 42 -27.11 42.50 -36.86
CA GLY H 42 -26.54 43.45 -37.82
C GLY H 42 -26.29 44.86 -37.32
N LYS H 43 -26.58 45.09 -36.04
CA LYS H 43 -26.49 46.43 -35.51
C LYS H 43 -25.43 46.51 -34.43
N GLY H 44 -25.48 47.57 -33.62
CA GLY H 44 -24.41 47.91 -32.70
C GLY H 44 -24.62 47.45 -31.27
N LEU H 45 -23.75 47.95 -30.40
CA LEU H 45 -23.67 47.51 -29.02
C LEU H 45 -24.67 48.23 -28.09
N GLU H 46 -25.56 47.45 -27.48
CA GLU H 46 -26.50 47.99 -26.53
C GLU H 46 -26.14 47.68 -25.09
N TRP H 47 -25.92 48.76 -24.34
CA TRP H 47 -25.69 48.69 -22.91
C TRP H 47 -27.00 48.40 -22.17
N MET H 48 -27.20 47.15 -21.75
CA MET H 48 -28.43 46.71 -21.07
C MET H 48 -28.48 47.12 -19.60
N GLY H 49 -27.48 46.72 -18.85
CA GLY H 49 -27.44 46.99 -17.41
C GLY H 49 -26.26 46.40 -16.66
N LEU H 50 -26.33 46.50 -15.34
CA LEU H 50 -25.33 45.98 -14.45
C LEU H 50 -26.02 45.28 -13.29
N ILE H 51 -25.29 44.38 -12.64
CA ILE H 51 -25.68 43.81 -11.35
C ILE H 51 -24.38 43.81 -10.53
N ASP H 52 -24.49 44.07 -9.23
CA ASP H 52 -23.33 44.07 -8.33
C ASP H 52 -23.51 42.82 -7.50
N PRO H 53 -22.70 41.77 -7.73
CA PRO H 53 -22.98 40.45 -7.13
C PRO H 53 -22.86 40.39 -5.60
N ASP H 54 -22.25 41.44 -5.03
CA ASP H 54 -22.13 41.65 -3.59
C ASP H 54 -23.48 41.73 -2.87
N ASN H 55 -24.49 42.23 -3.58
CA ASN H 55 -25.87 42.24 -3.12
C ASN H 55 -26.65 41.84 -4.35
N GLY H 56 -27.95 42.11 -4.38
CA GLY H 56 -28.71 41.81 -5.58
C GLY H 56 -28.82 43.03 -6.45
N GLU H 57 -28.15 44.12 -6.06
CA GLU H 57 -28.38 45.42 -6.69
C GLU H 57 -28.18 45.43 -8.19
N THR H 58 -29.26 45.76 -8.90
CA THR H 58 -29.22 45.92 -10.34
C THR H 58 -29.46 47.37 -10.72
N PHE H 59 -29.13 47.67 -11.97
CA PHE H 59 -29.55 48.89 -12.61
C PHE H 59 -29.62 48.72 -14.12
N TYR H 60 -30.66 49.33 -14.71
CA TYR H 60 -31.11 49.03 -16.07
C TYR H 60 -31.16 50.26 -16.99
N ALA H 61 -30.93 50.03 -18.29
CA ALA H 61 -31.26 51.03 -19.31
C ALA H 61 -32.69 50.80 -19.77
N GLU H 62 -33.53 51.83 -19.65
CA GLU H 62 -34.96 51.68 -19.93
C GLU H 62 -35.23 51.38 -21.39
N LYS H 63 -35.33 50.08 -21.70
CA LYS H 63 -35.47 49.57 -23.07
C LYS H 63 -35.53 48.06 -22.91
N PHE H 64 -35.02 47.64 -21.75
CA PHE H 64 -34.93 46.25 -21.36
C PHE H 64 -35.65 46.12 -20.04
N GLN H 65 -35.53 47.16 -19.21
CA GLN H 65 -36.34 47.37 -17.99
C GLN H 65 -37.44 46.35 -17.70
N GLY H 66 -38.52 46.42 -18.45
CA GLY H 66 -39.67 45.57 -18.22
C GLY H 66 -39.31 44.11 -18.36
N ARG H 67 -38.83 43.76 -19.55
CA ARG H 67 -38.79 42.38 -20.03
C ARG H 67 -37.49 41.63 -19.72
N ALA H 68 -36.51 42.34 -19.18
CA ALA H 68 -35.20 41.76 -18.84
C ALA H 68 -34.89 41.83 -17.33
N THR H 69 -34.52 40.67 -16.79
CA THR H 69 -34.27 40.50 -15.38
C THR H 69 -32.87 39.94 -15.21
N MET H 70 -32.01 40.67 -14.52
CA MET H 70 -30.72 40.09 -14.16
C MET H 70 -30.51 39.78 -12.68
N THR H 71 -30.25 38.50 -12.38
CA THR H 71 -29.92 38.09 -11.02
C THR H 71 -28.50 37.53 -10.93
N ALA H 72 -28.06 37.19 -9.71
CA ALA H 72 -26.69 36.67 -9.50
C ALA H 72 -26.62 35.57 -8.47
N ASP H 73 -26.11 34.41 -8.88
CA ASP H 73 -25.99 33.27 -7.96
C ASP H 73 -24.61 33.15 -7.37
N THR H 74 -24.54 33.50 -6.10
CA THR H 74 -23.26 33.69 -5.41
C THR H 74 -22.57 32.37 -5.14
N SER H 75 -23.37 31.36 -4.77
CA SER H 75 -22.85 30.05 -4.49
C SER H 75 -22.24 29.38 -5.69
N SER H 76 -22.60 29.85 -6.88
CA SER H 76 -22.18 29.24 -8.16
C SER H 76 -21.37 30.18 -9.03
N ASP H 77 -21.24 31.41 -8.56
CA ASP H 77 -20.51 32.49 -9.25
C ASP H 77 -21.02 32.73 -10.67
N ARG H 78 -22.34 32.63 -10.88
CA ARG H 78 -23.01 32.92 -12.15
C ARG H 78 -23.74 34.23 -12.02
N ALA H 79 -23.50 35.12 -12.98
CA ALA H 79 -24.40 36.24 -13.23
C ALA H 79 -25.52 35.72 -14.16
N TYR H 80 -26.74 36.21 -14.01
CA TYR H 80 -27.86 35.71 -14.84
C TYR H 80 -28.59 36.84 -15.52
N MET H 81 -29.01 36.56 -16.77
CA MET H 81 -29.94 37.39 -17.55
C MET H 81 -31.13 36.56 -18.02
N GLU H 82 -32.32 36.95 -17.58
CA GLU H 82 -33.57 36.29 -17.96
C GLU H 82 -34.48 37.26 -18.72
N LEU H 83 -34.76 36.91 -19.97
CA LEU H 83 -35.70 37.65 -20.82
C LEU H 83 -37.07 36.93 -20.85
N SER H 84 -38.15 37.68 -20.63
CA SER H 84 -39.51 37.09 -20.66
C SER H 84 -40.35 37.41 -21.91
N SER H 85 -41.48 36.71 -22.05
CA SER H 85 -42.40 36.84 -23.20
C SER H 85 -41.68 37.23 -24.50
N LEU H 86 -40.83 36.31 -24.90
CA LEU H 86 -39.84 36.42 -25.95
C LEU H 86 -40.43 36.79 -27.32
N ARG H 87 -39.68 37.62 -28.05
CA ARG H 87 -40.13 38.29 -29.28
C ARG H 87 -39.04 38.19 -30.35
N PHE H 88 -39.43 38.35 -31.61
CA PHE H 88 -38.52 38.25 -32.73
C PHE H 88 -37.34 39.22 -32.63
N GLU H 89 -37.60 40.46 -32.23
CA GLU H 89 -36.51 41.45 -32.17
C GLU H 89 -35.58 41.22 -31.00
N ASP H 90 -36.01 40.40 -30.04
CA ASP H 90 -35.16 40.03 -28.91
C ASP H 90 -34.00 39.16 -29.34
N THR H 91 -34.09 38.54 -30.52
CA THR H 91 -32.99 37.69 -30.97
C THR H 91 -31.72 38.52 -31.14
N ALA H 92 -30.61 37.96 -30.65
CA ALA H 92 -29.30 38.64 -30.63
C ALA H 92 -28.26 37.73 -30.04
N VAL H 93 -27.01 38.18 -30.13
CA VAL H 93 -26.00 37.73 -29.21
C VAL H 93 -26.05 38.62 -27.93
N TYR H 94 -25.98 37.99 -26.76
CA TYR H 94 -25.87 38.72 -25.48
C TYR H 94 -24.55 38.39 -24.78
N TYR H 95 -23.89 39.45 -24.32
CA TYR H 95 -22.56 39.42 -23.70
C TYR H 95 -22.63 39.93 -22.26
N CYS H 96 -21.84 39.33 -21.38
CA CYS H 96 -21.50 39.97 -20.10
C CYS H 96 -20.06 40.47 -20.13
N ALA H 97 -19.77 41.50 -19.33
CA ALA H 97 -18.45 42.17 -19.31
C ALA H 97 -18.12 42.81 -17.94
N THR H 98 -16.83 42.89 -17.60
CA THR H 98 -16.39 43.56 -16.35
C THR H 98 -15.08 44.45 -16.26
N VAL H 99 -14.92 45.13 -15.11
CA VAL H 99 -13.69 45.86 -14.68
C VAL H 99 -13.28 45.60 -13.21
N MET H 100 -12.86 46.64 -12.46
CA MET H 100 -12.39 46.55 -11.04
C MET H 100 -12.47 47.90 -10.23
N GLY H 101 -13.68 48.23 -9.76
CA GLY H 101 -13.94 49.43 -8.91
C GLY H 101 -14.79 50.52 -9.58
N GLY H 106 -17.23 53.58 -16.50
CA GLY H 106 -15.95 53.02 -16.93
C GLY H 106 -16.00 52.07 -18.13
N GLY H 107 -14.85 51.50 -18.50
CA GLY H 107 -14.64 50.82 -19.80
C GLY H 107 -14.08 49.40 -19.72
N TYR H 108 -14.78 48.47 -20.36
CA TYR H 108 -14.74 47.04 -19.98
C TYR H 108 -13.74 46.23 -20.77
N ASP H 109 -12.81 45.58 -20.08
CA ASP H 109 -11.73 44.82 -20.72
C ASP H 109 -11.89 43.28 -20.72
N TYR H 110 -12.96 42.77 -20.09
CA TYR H 110 -13.21 41.32 -20.00
C TYR H 110 -14.61 40.93 -20.45
N TRP H 111 -14.72 40.02 -21.41
CA TRP H 111 -15.98 39.73 -22.12
C TRP H 111 -16.22 38.24 -22.33
N GLY H 112 -17.50 37.85 -22.35
CA GLY H 112 -17.86 36.45 -22.55
C GLY H 112 -17.83 36.12 -24.02
N ARG H 113 -18.01 34.86 -24.35
CA ARG H 113 -18.14 34.41 -25.74
C ARG H 113 -19.41 35.05 -26.34
N GLY H 114 -20.36 35.37 -25.46
CA GLY H 114 -21.71 35.73 -25.88
C GLY H 114 -22.58 34.49 -25.97
N THR H 115 -23.86 34.67 -25.68
CA THR H 115 -24.88 33.69 -26.02
C THR H 115 -25.79 34.26 -27.13
N LEU H 116 -25.78 33.59 -28.27
CA LEU H 116 -26.77 33.88 -29.31
C LEU H 116 -28.13 33.31 -28.87
N VAL H 117 -29.17 34.16 -28.78
CA VAL H 117 -30.54 33.65 -28.57
C VAL H 117 -31.44 33.96 -29.77
N THR H 118 -32.01 32.91 -30.35
CA THR H 118 -32.76 32.99 -31.58
C THR H 118 -34.25 32.70 -31.34
N VAL H 119 -35.09 33.66 -31.72
CA VAL H 119 -36.54 33.47 -31.64
C VAL H 119 -37.10 33.10 -33.01
N SER H 120 -37.91 32.03 -33.04
CA SER H 120 -38.53 31.55 -34.27
C SER H 120 -39.74 30.66 -33.98
N SER H 121 -40.72 30.71 -34.89
CA SER H 121 -41.96 29.94 -34.74
C SER H 121 -41.73 28.49 -35.07
N ALA H 122 -40.59 28.24 -35.72
CA ALA H 122 -40.24 26.93 -36.25
C ALA H 122 -40.12 25.84 -35.18
N SER H 123 -40.59 24.64 -35.50
CA SER H 123 -40.41 23.46 -34.63
C SER H 123 -39.13 22.73 -34.96
N THR H 124 -38.57 22.11 -33.94
CA THR H 124 -37.36 21.35 -34.15
C THR H 124 -37.66 20.29 -35.19
N LYS H 125 -36.84 20.28 -36.23
CA LYS H 125 -37.02 19.38 -37.36
C LYS H 125 -35.70 18.81 -37.85
N GLY H 126 -35.65 17.48 -37.94
CA GLY H 126 -34.51 16.78 -38.50
C GLY H 126 -34.32 17.11 -39.96
N PRO H 127 -33.08 16.96 -40.46
CA PRO H 127 -32.76 17.15 -41.86
C PRO H 127 -33.01 15.95 -42.78
N SER H 128 -33.30 16.24 -44.04
CA SER H 128 -33.08 15.27 -45.11
C SER H 128 -31.62 15.40 -45.60
N VAL H 129 -30.96 14.28 -45.87
CA VAL H 129 -29.60 14.33 -46.41
C VAL H 129 -29.54 13.71 -47.80
N PHE H 130 -28.89 14.43 -48.73
CA PHE H 130 -28.85 13.98 -50.12
C PHE H 130 -27.44 13.94 -50.70
N PRO H 131 -27.08 12.81 -51.33
CA PRO H 131 -25.78 12.46 -51.90
C PRO H 131 -24.92 13.59 -52.49
N LEU H 132 -25.32 14.22 -53.60
CA LEU H 132 -24.51 15.26 -54.30
C LEU H 132 -23.24 14.72 -54.99
N ALA H 133 -23.45 13.78 -55.91
CA ALA H 133 -22.36 13.01 -56.55
C ALA H 133 -21.44 13.81 -57.51
N PRO H 134 -20.26 13.25 -57.84
CA PRO H 134 -19.25 14.01 -58.56
C PRO H 134 -19.39 13.93 -60.08
N SER H 135 -18.62 14.77 -60.80
CA SER H 135 -18.55 14.76 -62.27
C SER H 135 -17.24 14.15 -62.76
N GLY H 142 -7.48 16.58 -63.42
CA GLY H 142 -7.10 15.26 -62.92
C GLY H 142 -7.63 14.94 -61.54
N THR H 143 -8.49 15.82 -61.01
CA THR H 143 -9.16 15.65 -59.70
C THR H 143 -10.65 16.07 -59.72
N ALA H 144 -11.35 15.86 -58.60
CA ALA H 144 -12.81 16.01 -58.55
C ALA H 144 -13.41 16.41 -57.19
N ALA H 145 -14.51 17.15 -57.26
CA ALA H 145 -15.23 17.58 -56.07
C ALA H 145 -16.60 16.87 -55.93
N LEU H 146 -16.87 16.38 -54.72
CA LEU H 146 -18.18 15.78 -54.37
C LEU H 146 -18.71 16.30 -53.04
N GLY H 147 -20.02 16.15 -52.82
CA GLY H 147 -20.66 16.81 -51.68
C GLY H 147 -21.68 16.07 -50.81
N CYS H 148 -22.39 16.84 -49.99
CA CYS H 148 -23.52 16.36 -49.19
C CYS H 148 -24.51 17.49 -48.97
N LEU H 149 -25.76 17.27 -49.38
CA LEU H 149 -26.82 18.24 -49.14
C LEU H 149 -27.66 17.86 -47.92
N VAL H 150 -27.71 18.77 -46.95
CA VAL H 150 -28.48 18.59 -45.70
C VAL H 150 -29.68 19.60 -45.66
N LYS H 151 -30.89 19.10 -45.90
CA LYS H 151 -32.05 19.94 -46.22
C LYS H 151 -33.10 20.00 -45.08
N ASP H 152 -33.83 21.12 -45.05
CA ASP H 152 -35.05 21.30 -44.25
C ASP H 152 -34.91 20.88 -42.79
N TYR H 153 -33.97 21.49 -42.08
CA TYR H 153 -33.82 21.20 -40.67
C TYR H 153 -34.10 22.45 -39.85
N PHE H 154 -34.54 22.25 -38.61
CA PHE H 154 -34.55 23.35 -37.66
C PHE H 154 -33.63 23.05 -36.46
N PRO H 155 -33.66 23.90 -35.42
CA PRO H 155 -32.54 24.63 -34.82
C PRO H 155 -31.21 24.53 -35.58
N GLU H 156 -30.65 25.68 -35.89
CA GLU H 156 -29.28 25.72 -36.35
C GLU H 156 -28.35 25.30 -35.22
N PRO H 157 -27.56 24.24 -35.48
CA PRO H 157 -26.16 23.85 -35.54
C PRO H 157 -26.09 22.47 -36.23
N VAL H 158 -25.55 22.41 -37.44
CA VAL H 158 -25.31 21.11 -38.05
C VAL H 158 -23.81 20.82 -38.14
N THR H 159 -23.43 19.62 -37.70
CA THR H 159 -22.05 19.17 -37.82
C THR H 159 -21.91 18.13 -38.96
N VAL H 160 -20.94 18.35 -39.84
CA VAL H 160 -20.67 17.40 -40.93
C VAL H 160 -19.19 17.07 -40.93
N SER H 161 -18.85 15.81 -41.17
CA SER H 161 -17.47 15.38 -41.32
C SER H 161 -17.43 14.29 -42.37
N TRP H 162 -16.24 13.90 -42.82
CA TRP H 162 -16.12 12.90 -43.87
C TRP H 162 -15.35 11.63 -43.44
N ASN H 163 -15.81 10.48 -43.93
CA ASN H 163 -15.23 9.16 -43.65
C ASN H 163 -15.13 8.80 -42.17
N SER H 164 -16.03 9.37 -41.36
CA SER H 164 -15.89 9.44 -39.90
C SER H 164 -14.77 10.41 -39.50
N GLY H 165 -13.52 10.00 -39.70
CA GLY H 165 -12.40 10.89 -39.44
C GLY H 165 -11.52 11.15 -40.65
N ALA H 166 -10.95 10.07 -41.19
CA ALA H 166 -9.92 10.08 -42.25
C ALA H 166 -9.84 11.31 -43.17
N LEU H 167 -11.00 11.85 -43.56
CA LEU H 167 -11.04 12.97 -44.51
C LEU H 167 -11.25 14.33 -43.86
N THR H 168 -10.21 15.15 -43.91
CA THR H 168 -10.22 16.49 -43.36
C THR H 168 -9.62 17.47 -44.38
N SER H 169 -8.90 16.90 -45.36
CA SER H 169 -8.03 17.62 -46.30
C SER H 169 -8.69 18.75 -47.13
N GLY H 170 -9.72 18.42 -47.91
CA GLY H 170 -10.32 19.42 -48.82
C GLY H 170 -11.73 19.86 -48.46
N VAL H 171 -12.11 19.73 -47.20
CA VAL H 171 -13.50 19.97 -46.77
C VAL H 171 -13.80 21.44 -46.61
N HIS H 172 -14.86 21.87 -47.27
CA HIS H 172 -15.43 23.18 -47.01
C HIS H 172 -16.93 22.98 -46.83
N THR H 173 -17.35 23.17 -45.59
CA THR H 173 -18.75 23.07 -45.24
C THR H 173 -19.32 24.49 -45.12
N PHE H 174 -20.38 24.75 -45.86
CA PHE H 174 -20.84 26.12 -46.09
C PHE H 174 -21.85 26.62 -45.08
N PRO H 175 -21.79 27.93 -44.76
CA PRO H 175 -22.79 28.64 -43.97
C PRO H 175 -24.20 28.35 -44.47
N ALA H 176 -25.10 28.14 -43.52
CA ALA H 176 -26.47 27.75 -43.82
C ALA H 176 -27.35 28.92 -44.30
N VAL H 177 -28.21 28.63 -45.27
CA VAL H 177 -29.23 29.56 -45.72
C VAL H 177 -30.42 29.45 -44.81
N LEU H 178 -30.98 30.59 -44.41
CA LEU H 178 -32.28 30.62 -43.72
C LEU H 178 -33.40 30.78 -44.73
N GLN H 179 -34.09 29.68 -45.01
CA GLN H 179 -35.17 29.64 -46.02
C GLN H 179 -36.32 30.57 -45.65
N SER H 180 -37.01 31.06 -46.69
CA SER H 180 -38.23 31.85 -46.50
C SER H 180 -39.31 31.09 -45.69
N SER H 181 -39.11 29.78 -45.56
CA SER H 181 -40.05 28.87 -44.89
C SER H 181 -39.67 28.67 -43.44
N GLY H 182 -38.54 29.25 -43.04
CA GLY H 182 -38.13 29.21 -41.65
C GLY H 182 -37.17 28.09 -41.31
N LEU H 183 -36.98 27.17 -42.26
CA LEU H 183 -36.02 26.09 -42.10
C LEU H 183 -34.66 26.45 -42.70
N TYR H 184 -33.64 25.71 -42.28
CA TYR H 184 -32.29 25.89 -42.75
C TYR H 184 -31.93 24.78 -43.72
N SER H 185 -31.00 25.07 -44.62
CA SER H 185 -30.38 24.06 -45.45
C SER H 185 -28.90 24.44 -45.53
N LEU H 186 -28.03 23.43 -45.73
CA LEU H 186 -26.59 23.65 -45.99
C LEU H 186 -25.89 22.47 -46.69
N SER H 187 -24.72 22.74 -47.27
CA SER H 187 -23.96 21.69 -47.94
C SER H 187 -22.53 21.64 -47.48
N SER H 188 -21.94 20.45 -47.58
CA SER H 188 -20.52 20.24 -47.34
C SER H 188 -19.93 19.74 -48.64
N VAL H 189 -18.77 20.27 -49.01
CA VAL H 189 -18.10 19.84 -50.23
C VAL H 189 -16.66 19.46 -49.92
N VAL H 190 -16.21 18.38 -50.54
CA VAL H 190 -14.81 17.99 -50.49
C VAL H 190 -14.23 17.79 -51.90
N THR H 191 -13.12 18.46 -52.18
CA THR H 191 -12.35 18.17 -53.36
C THR H 191 -11.41 17.01 -53.05
N VAL H 192 -11.29 16.10 -53.99
CA VAL H 192 -10.54 14.87 -53.79
C VAL H 192 -10.03 14.35 -55.15
N PRO H 193 -8.88 13.62 -55.18
CA PRO H 193 -8.24 13.37 -56.50
C PRO H 193 -8.86 12.25 -57.34
N SER H 194 -8.20 11.91 -58.44
CA SER H 194 -8.58 10.77 -59.27
C SER H 194 -7.36 10.05 -59.82
N LEU H 197 -9.71 8.80 -54.73
CA LEU H 197 -9.22 8.75 -56.11
C LEU H 197 -10.30 8.29 -57.11
N GLY H 198 -11.57 8.48 -56.73
CA GLY H 198 -12.72 8.02 -57.53
C GLY H 198 -13.13 6.58 -57.22
N THR H 199 -12.15 5.67 -57.29
CA THR H 199 -12.33 4.26 -56.90
C THR H 199 -12.51 4.06 -55.39
N GLN H 200 -12.33 5.12 -54.61
CA GLN H 200 -12.47 5.11 -53.16
C GLN H 200 -13.89 5.51 -52.76
N THR H 201 -14.33 5.11 -51.56
CA THR H 201 -15.70 5.35 -51.09
C THR H 201 -15.77 6.51 -50.07
N TYR H 202 -16.78 7.37 -50.25
CA TYR H 202 -16.88 8.60 -49.46
C TYR H 202 -18.19 8.69 -48.68
N ILE H 203 -18.08 8.70 -47.36
CA ILE H 203 -19.26 8.83 -46.51
C ILE H 203 -19.22 10.22 -45.87
N CYS H 204 -20.35 10.90 -45.88
CA CYS H 204 -20.53 12.06 -45.01
C CYS H 204 -21.41 11.70 -43.80
N ASN H 205 -20.94 12.15 -42.65
CA ASN H 205 -21.63 11.94 -41.40
C ASN H 205 -22.18 13.29 -40.98
N VAL H 206 -23.50 13.38 -41.00
CA VAL H 206 -24.18 14.60 -40.63
C VAL H 206 -24.90 14.37 -39.31
N ASN H 207 -24.50 15.17 -38.32
CA ASN H 207 -25.11 15.19 -36.99
C ASN H 207 -25.90 16.47 -36.68
N HIS H 208 -27.18 16.27 -36.41
CA HIS H 208 -28.07 17.30 -35.88
C HIS H 208 -28.60 16.80 -34.54
N LYS H 209 -28.20 17.47 -33.46
CA LYS H 209 -28.44 16.98 -32.09
C LYS H 209 -29.68 17.56 -31.38
N PRO H 210 -30.16 18.76 -31.81
CA PRO H 210 -31.48 19.18 -31.30
C PRO H 210 -32.66 18.22 -31.59
N SER H 211 -32.46 17.28 -32.52
CA SER H 211 -33.50 16.34 -32.94
C SER H 211 -32.98 14.92 -32.96
N ASN H 212 -31.81 14.72 -32.33
CA ASN H 212 -31.12 13.43 -32.25
C ASN H 212 -30.78 12.77 -33.60
N THR H 213 -30.99 13.50 -34.70
CA THR H 213 -30.78 12.96 -36.04
C THR H 213 -29.29 12.73 -36.33
N LYS H 214 -28.94 11.52 -36.75
CA LYS H 214 -27.58 11.18 -37.16
C LYS H 214 -27.57 10.28 -38.41
N VAL H 215 -27.16 10.84 -39.55
CA VAL H 215 -27.25 10.14 -40.85
C VAL H 215 -25.88 9.91 -41.49
N ASP H 216 -25.65 8.67 -41.92
CA ASP H 216 -24.47 8.31 -42.72
C ASP H 216 -24.84 8.10 -44.21
N LYS H 217 -24.42 9.03 -45.08
CA LYS H 217 -24.76 9.02 -46.52
C LYS H 217 -23.54 8.88 -47.45
N LYS H 218 -23.50 7.75 -48.16
CA LYS H 218 -22.51 7.48 -49.23
C LYS H 218 -22.88 8.20 -50.54
N VAL H 219 -21.87 8.38 -51.40
CA VAL H 219 -22.04 9.27 -52.55
C VAL H 219 -21.85 8.62 -53.94
N GLU H 220 -20.65 8.10 -54.22
CA GLU H 220 -20.25 7.48 -55.52
C GLU H 220 -20.94 7.96 -56.82
N VAL I 3 -27.37 57.91 -26.65
CA VAL I 3 -26.92 57.87 -28.07
C VAL I 3 -25.72 58.79 -28.28
N LEU I 4 -24.64 58.21 -28.81
CA LEU I 4 -23.42 58.93 -29.20
C LEU I 4 -23.19 58.89 -30.73
N THR I 5 -22.98 60.08 -31.31
CA THR I 5 -22.82 60.28 -32.77
C THR I 5 -21.42 59.88 -33.26
N GLN I 6 -21.40 58.99 -34.25
CA GLN I 6 -20.22 58.27 -34.63
C GLN I 6 -20.36 57.88 -36.09
N PRO I 7 -19.46 58.37 -36.96
CA PRO I 7 -19.39 58.16 -38.40
C PRO I 7 -19.86 56.78 -38.89
N PRO I 8 -21.06 56.70 -39.50
CA PRO I 8 -21.63 55.44 -39.97
C PRO I 8 -20.63 54.50 -40.65
N SER I 9 -19.75 55.02 -41.50
CA SER I 9 -18.75 54.17 -42.14
C SER I 9 -17.47 54.90 -42.56
N VAL I 10 -16.33 54.22 -42.39
CA VAL I 10 -14.98 54.76 -42.66
C VAL I 10 -14.11 53.76 -43.44
N SER I 11 -13.22 54.28 -44.29
CA SER I 11 -12.38 53.47 -45.17
C SER I 11 -10.91 53.90 -45.21
N GLY I 12 -10.02 52.93 -45.46
CA GLY I 12 -8.57 53.16 -45.52
C GLY I 12 -7.81 52.41 -46.61
N ALA I 13 -6.49 52.31 -46.42
CA ALA I 13 -5.58 51.65 -47.36
C ALA I 13 -4.24 51.41 -46.67
N PRO I 14 -3.84 50.24 -46.61
CA PRO I 14 -2.78 49.80 -45.70
C PRO I 14 -1.58 50.60 -45.58
N GLY I 15 -1.32 50.98 -44.21
CA GLY I 15 -0.15 51.93 -44.04
C GLY I 15 -0.53 53.37 -43.69
N GLN I 16 -1.80 53.74 -43.93
CA GLN I 16 -2.29 55.14 -43.91
C GLN I 16 -2.78 55.69 -42.53
N ARG I 17 -3.32 56.91 -42.56
CA ARG I 17 -3.85 57.61 -41.36
C ARG I 17 -5.38 57.79 -41.44
N VAL I 18 -6.10 57.39 -40.38
CA VAL I 18 -7.57 57.61 -40.26
C VAL I 18 -8.04 57.85 -38.82
N THR I 19 -9.07 58.68 -38.66
CA THR I 19 -9.65 58.92 -37.34
C THR I 19 -11.12 58.55 -37.31
N ILE I 20 -11.60 58.10 -36.15
CA ILE I 20 -13.04 57.90 -35.92
C ILE I 20 -13.51 58.80 -34.79
N SER I 21 -14.59 59.53 -35.08
CA SER I 21 -15.09 60.59 -34.21
C SER I 21 -16.15 60.10 -33.23
N CYS I 22 -16.37 60.90 -32.19
CA CYS I 22 -17.40 60.63 -31.20
C CYS I 22 -17.83 61.95 -30.55
N THR I 23 -19.01 62.44 -30.94
CA THR I 23 -19.66 63.56 -30.27
C THR I 23 -20.97 63.00 -29.77
N GLY I 24 -21.37 63.34 -28.55
CA GLY I 24 -22.57 62.71 -28.00
C GLY I 24 -23.62 63.73 -27.63
N SER I 25 -23.89 63.81 -26.34
CA SER I 25 -24.63 64.93 -25.76
C SER I 25 -23.63 66.06 -25.45
N SER I 26 -24.09 67.08 -24.72
CA SER I 26 -23.23 68.19 -24.36
C SER I 26 -22.35 67.83 -23.17
N SER I 27 -22.82 68.17 -21.96
CA SER I 27 -22.07 67.91 -20.74
C SER I 27 -22.11 66.43 -20.30
N ASN I 28 -21.73 65.54 -21.23
CA ASN I 28 -21.30 64.20 -20.88
C ASN I 28 -19.88 63.90 -21.41
N ILE I 29 -19.73 63.78 -22.73
CA ILE I 29 -18.40 63.54 -23.32
C ILE I 29 -17.50 64.78 -23.11
N GLY I 30 -18.14 65.93 -22.91
CA GLY I 30 -17.43 67.13 -22.53
C GLY I 30 -17.83 67.59 -21.15
N ALA I 31 -17.61 66.73 -20.14
CA ALA I 31 -17.97 67.06 -18.75
C ALA I 31 -16.89 66.70 -17.73
N GLY I 32 -15.81 66.08 -18.19
CA GLY I 32 -14.83 65.49 -17.30
C GLY I 32 -14.92 63.97 -17.35
N TYR I 33 -16.08 63.46 -17.78
CA TYR I 33 -16.30 62.00 -17.92
C TYR I 33 -15.50 61.39 -19.06
N ASP I 34 -14.77 60.35 -18.73
CA ASP I 34 -13.77 59.76 -19.61
C ASP I 34 -14.40 59.08 -20.80
N VAL I 35 -13.66 59.00 -21.89
CA VAL I 35 -14.13 58.31 -23.07
C VAL I 35 -13.22 57.14 -23.33
N HIS I 36 -13.82 55.98 -23.60
CA HIS I 36 -13.10 54.76 -23.93
C HIS I 36 -13.48 54.22 -25.34
N TRP I 37 -12.58 53.48 -25.97
CA TRP I 37 -12.85 52.91 -27.30
C TRP I 37 -12.80 51.36 -27.35
N TYR I 38 -13.56 50.76 -28.25
CA TYR I 38 -13.63 49.30 -28.33
C TYR I 38 -13.42 48.85 -29.77
N GLN I 39 -13.09 47.58 -29.98
CA GLN I 39 -12.89 47.00 -31.33
C GLN I 39 -13.57 45.62 -31.49
N GLN I 40 -14.34 45.42 -32.54
CA GLN I 40 -15.04 44.15 -32.73
C GLN I 40 -14.71 43.45 -34.05
N LEU I 41 -13.86 42.41 -33.96
CA LEU I 41 -13.51 41.61 -35.14
C LEU I 41 -14.70 40.73 -35.56
N PRO I 42 -14.64 40.20 -36.80
CA PRO I 42 -15.89 39.84 -37.49
C PRO I 42 -16.37 38.42 -37.29
N GLY I 43 -16.63 38.05 -36.04
CA GLY I 43 -17.32 36.80 -35.76
C GLY I 43 -17.36 36.56 -34.28
N THR I 44 -16.78 37.50 -33.53
CA THR I 44 -16.47 37.29 -32.12
C THR I 44 -16.66 38.54 -31.25
N ALA I 45 -16.33 38.40 -29.97
CA ALA I 45 -16.58 39.38 -28.93
C ALA I 45 -15.76 40.68 -29.06
N PRO I 46 -16.34 41.82 -28.63
CA PRO I 46 -15.65 43.14 -28.60
C PRO I 46 -14.35 43.12 -27.80
N LYS I 47 -13.39 43.96 -28.18
CA LYS I 47 -12.10 44.07 -27.49
C LYS I 47 -11.91 45.51 -27.02
N LEU I 48 -11.52 45.69 -25.76
CA LEU I 48 -11.24 47.05 -25.29
C LEU I 48 -9.99 47.59 -25.99
N LEU I 49 -10.04 48.86 -26.37
CA LEU I 49 -9.00 49.44 -27.18
C LEU I 49 -8.32 50.67 -26.56
N ILE I 50 -9.12 51.60 -26.05
CA ILE I 50 -8.59 52.73 -25.30
C ILE I 50 -9.46 52.90 -24.07
N TYR I 51 -8.85 53.35 -22.97
CA TYR I 51 -9.60 53.56 -21.75
C TYR I 51 -9.11 54.80 -21.05
N ASP I 52 -9.97 55.36 -20.17
CA ASP I 52 -9.69 56.64 -19.50
C ASP I 52 -9.11 57.69 -20.49
N ASN I 53 -9.86 57.97 -21.55
CA ASN I 53 -9.53 58.99 -22.60
C ASN I 53 -8.38 58.70 -23.57
N PHE I 54 -7.20 58.36 -23.06
CA PHE I 54 -6.00 58.22 -23.91
C PHE I 54 -5.08 57.04 -23.62
N ASN I 55 -5.52 56.09 -22.79
CA ASN I 55 -4.65 54.97 -22.35
C ASN I 55 -4.90 53.64 -23.07
N ARG I 56 -3.81 52.97 -23.44
CA ARG I 56 -3.85 51.70 -24.16
C ARG I 56 -3.63 50.52 -23.19
N PRO I 57 -4.52 49.50 -23.23
CA PRO I 57 -4.27 48.30 -22.40
C PRO I 57 -3.24 47.34 -23.03
N SER I 58 -3.13 46.13 -22.50
CA SER I 58 -2.14 45.13 -22.98
C SER I 58 -2.36 44.73 -24.44
N GLY I 59 -1.27 44.65 -25.19
CA GLY I 59 -1.31 44.14 -26.56
C GLY I 59 -2.09 45.01 -27.50
N VAL I 60 -2.17 46.29 -27.16
CA VAL I 60 -2.76 47.31 -28.00
C VAL I 60 -1.57 48.07 -28.57
N PRO I 61 -1.24 47.84 -29.85
CA PRO I 61 -0.09 48.52 -30.44
C PRO I 61 -0.16 50.04 -30.29
N ASP I 62 1.00 50.66 -30.09
CA ASP I 62 1.17 52.13 -30.03
C ASP I 62 0.72 52.85 -31.33
N ARG I 63 0.26 52.05 -32.28
CA ARG I 63 -0.36 52.54 -33.50
C ARG I 63 -1.66 53.32 -33.22
N PHE I 64 -2.34 53.00 -32.10
CA PHE I 64 -3.68 53.50 -31.76
C PHE I 64 -3.69 54.62 -30.71
N SER I 65 -4.14 55.82 -31.09
CA SER I 65 -4.16 56.95 -30.15
C SER I 65 -5.57 57.39 -29.78
N GLY I 66 -5.71 58.13 -28.69
CA GLY I 66 -7.02 58.59 -28.19
C GLY I 66 -7.10 60.04 -27.75
N SER I 67 -8.09 60.77 -28.29
CA SER I 67 -8.14 62.23 -28.15
C SER I 67 -9.50 62.76 -27.66
N LYS I 68 -9.44 63.85 -26.91
CA LYS I 68 -10.60 64.67 -26.51
C LYS I 68 -10.32 66.19 -26.60
N SER I 69 -11.25 66.95 -27.18
CA SER I 69 -11.23 68.41 -27.11
C SER I 69 -12.65 68.93 -26.96
N GLY I 70 -12.97 69.44 -25.78
CA GLY I 70 -14.32 69.93 -25.50
C GLY I 70 -15.33 68.79 -25.39
N THR I 71 -16.26 68.76 -26.34
CA THR I 71 -17.40 67.80 -26.32
C THR I 71 -17.18 66.60 -27.26
N SER I 72 -16.15 66.69 -28.10
CA SER I 72 -15.89 65.66 -29.10
C SER I 72 -14.65 64.87 -28.71
N ALA I 73 -14.64 63.61 -29.12
CA ALA I 73 -13.52 62.71 -28.87
C ALA I 73 -13.23 61.89 -30.14
N SER I 74 -11.96 61.73 -30.48
CA SER I 74 -11.63 61.00 -31.69
C SER I 74 -10.74 59.81 -31.41
N LEU I 75 -10.92 58.77 -32.22
CA LEU I 75 -9.96 57.68 -32.29
C LEU I 75 -9.06 57.99 -33.46
N ALA I 76 -7.84 57.44 -33.44
CA ALA I 76 -6.90 57.58 -34.55
C ALA I 76 -6.05 56.31 -34.65
N ILE I 77 -5.79 55.87 -35.88
CA ILE I 77 -4.99 54.68 -36.12
C ILE I 77 -4.03 54.98 -37.28
N THR I 78 -2.76 54.65 -37.14
CA THR I 78 -1.77 54.99 -38.18
C THR I 78 -0.97 53.80 -38.68
N GLY I 79 -1.24 53.41 -39.93
CA GLY I 79 -0.57 52.29 -40.55
C GLY I 79 -1.48 51.09 -40.67
N LEU I 80 -2.61 51.27 -41.34
CA LEU I 80 -3.65 50.24 -41.39
C LEU I 80 -3.14 48.92 -41.98
N GLN I 81 -3.65 47.82 -41.42
CA GLN I 81 -3.41 46.46 -41.91
C GLN I 81 -4.68 45.86 -42.53
N ALA I 82 -4.61 44.58 -42.86
CA ALA I 82 -5.81 43.78 -43.14
C ALA I 82 -6.23 43.01 -41.87
N GLU I 83 -5.64 43.38 -40.73
CA GLU I 83 -6.00 42.81 -39.43
C GLU I 83 -7.05 43.69 -38.80
N ASP I 84 -6.95 44.99 -39.07
CA ASP I 84 -7.78 45.98 -38.39
C ASP I 84 -9.02 46.48 -39.13
N GLU I 85 -9.41 45.78 -40.20
CA GLU I 85 -10.78 45.93 -40.71
C GLU I 85 -11.74 45.25 -39.71
N ALA I 86 -12.56 46.08 -39.06
CA ALA I 86 -13.40 45.68 -37.91
C ALA I 86 -14.41 46.78 -37.59
N ASP I 87 -15.29 46.51 -36.63
CA ASP I 87 -16.29 47.49 -36.18
C ASP I 87 -15.82 48.10 -34.87
N TYR I 88 -15.86 49.43 -34.77
CA TYR I 88 -15.29 50.15 -33.61
C TYR I 88 -16.33 51.00 -32.86
N TYR I 89 -16.24 51.02 -31.51
CA TYR I 89 -17.19 51.75 -30.66
C TYR I 89 -16.53 52.64 -29.58
N CYS I 90 -17.07 53.85 -29.44
CA CYS I 90 -16.75 54.77 -28.34
C CYS I 90 -17.70 54.53 -27.20
N GLN I 91 -17.38 55.06 -26.02
CA GLN I 91 -18.27 54.98 -24.87
C GLN I 91 -17.92 56.03 -23.82
N SER I 92 -18.95 56.67 -23.27
CA SER I 92 -18.84 57.37 -21.98
C SER I 92 -20.21 57.30 -21.33
N TYR I 93 -20.32 57.80 -20.11
CA TYR I 93 -21.58 57.71 -19.41
C TYR I 93 -22.26 59.08 -19.28
N ASP I 94 -23.55 59.11 -19.62
CA ASP I 94 -24.28 60.37 -19.83
C ASP I 94 -24.50 61.27 -18.62
N SER I 95 -24.74 60.65 -17.47
CA SER I 95 -25.34 61.28 -16.27
C SER I 95 -26.84 60.94 -16.21
N PRO I 96 -27.68 61.55 -17.06
CA PRO I 96 -29.12 61.20 -17.05
C PRO I 96 -29.38 59.70 -17.22
N THR I 97 -29.48 58.98 -16.09
CA THR I 97 -29.54 57.50 -15.94
C THR I 97 -28.45 56.96 -14.99
N LEU I 98 -27.20 57.32 -15.26
CA LEU I 98 -26.03 56.51 -14.89
C LEU I 98 -26.08 55.36 -15.91
N THR I 99 -25.57 55.63 -17.11
CA THR I 99 -25.61 54.65 -18.19
C THR I 99 -24.57 55.01 -19.25
N SER I 100 -23.73 54.03 -19.61
CA SER I 100 -22.57 54.24 -20.49
C SER I 100 -22.76 53.62 -21.87
N PRO I 101 -23.57 54.26 -22.75
CA PRO I 101 -23.82 53.47 -23.96
C PRO I 101 -22.70 53.65 -24.98
N PHE I 102 -22.84 52.94 -26.10
CA PHE I 102 -21.87 52.92 -27.19
C PHE I 102 -22.38 53.69 -28.41
N GLY I 103 -21.47 54.12 -29.28
CA GLY I 103 -21.85 54.85 -30.49
C GLY I 103 -22.46 54.01 -31.60
N THR I 104 -22.77 54.70 -32.71
CA THR I 104 -23.29 54.13 -33.97
C THR I 104 -22.79 52.73 -34.34
N GLY I 105 -21.47 52.57 -34.48
CA GLY I 105 -20.88 51.32 -34.95
C GLY I 105 -20.22 51.39 -36.32
N THR I 106 -19.08 52.09 -36.39
CA THR I 106 -18.27 52.31 -37.60
C THR I 106 -17.71 50.99 -38.20
N LYS I 107 -17.48 50.95 -39.51
CA LYS I 107 -16.91 49.74 -40.16
C LYS I 107 -15.71 50.07 -41.06
N LEU I 108 -14.58 49.39 -40.83
CA LEU I 108 -13.35 49.63 -41.61
C LEU I 108 -13.09 48.60 -42.72
N THR I 109 -12.75 49.10 -43.91
CA THR I 109 -12.48 48.25 -45.10
C THR I 109 -11.14 48.66 -45.75
N VAL I 110 -10.60 47.82 -46.64
CA VAL I 110 -9.33 48.08 -47.38
C VAL I 110 -9.16 47.26 -48.67
N PRO I 114 -7.21 44.55 -51.82
CA PRO I 114 -6.24 43.80 -52.65
C PRO I 114 -6.66 42.32 -52.73
N LYS I 115 -6.87 41.82 -53.94
CA LYS I 115 -7.97 40.87 -54.15
C LYS I 115 -7.87 39.60 -55.02
N ALA I 116 -9.04 38.98 -55.19
CA ALA I 116 -9.30 37.71 -55.93
C ALA I 116 -10.80 37.60 -56.32
N ALA I 117 -11.17 36.50 -56.99
CA ALA I 117 -12.52 36.31 -57.55
C ALA I 117 -13.01 34.87 -57.39
N PRO I 118 -14.35 34.68 -57.28
CA PRO I 118 -14.88 33.43 -56.73
C PRO I 118 -14.57 32.15 -57.52
N SER I 119 -14.29 31.08 -56.78
CA SER I 119 -14.38 29.71 -57.27
C SER I 119 -15.84 29.34 -57.19
N VAL I 120 -16.29 28.42 -58.03
CA VAL I 120 -17.70 28.07 -58.12
C VAL I 120 -17.86 26.56 -58.36
N THR I 121 -18.89 25.95 -57.76
CA THR I 121 -19.26 24.55 -58.05
C THR I 121 -20.78 24.42 -58.18
N LEU I 122 -21.25 23.85 -59.30
CA LEU I 122 -22.69 23.61 -59.52
C LEU I 122 -23.08 22.12 -59.44
N PHE I 123 -24.15 21.82 -58.70
CA PHE I 123 -24.67 20.45 -58.49
C PHE I 123 -26.16 20.37 -58.85
N PRO I 124 -26.65 19.17 -59.24
CA PRO I 124 -28.07 18.83 -59.48
C PRO I 124 -28.74 17.86 -58.42
N PRO I 125 -29.95 17.33 -58.73
CA PRO I 125 -30.82 16.48 -57.86
C PRO I 125 -30.37 15.03 -57.52
N SER I 126 -31.34 14.14 -57.28
CA SER I 126 -31.15 12.67 -57.17
C SER I 126 -32.47 11.96 -56.80
N ALA I 135 -36.86 18.66 -55.44
CA ALA I 135 -35.69 18.97 -56.26
C ALA I 135 -35.00 20.37 -56.05
N THR I 136 -33.67 20.35 -55.96
CA THR I 136 -32.86 21.52 -55.56
C THR I 136 -31.51 21.57 -56.32
N LEU I 137 -31.17 22.76 -56.83
CA LEU I 137 -29.88 23.00 -57.47
C LEU I 137 -28.95 23.74 -56.52
N VAL I 138 -27.66 23.40 -56.55
CA VAL I 138 -26.74 23.87 -55.53
C VAL I 138 -25.52 24.57 -56.13
N CYS I 139 -25.35 25.85 -55.80
CA CYS I 139 -24.27 26.67 -56.34
C CYS I 139 -23.39 27.22 -55.22
N LEU I 140 -22.11 26.83 -55.20
CA LEU I 140 -21.18 27.20 -54.11
C LEU I 140 -20.04 28.17 -54.52
N ILE I 141 -19.97 29.35 -53.89
CA ILE I 141 -18.94 30.39 -54.19
C ILE I 141 -17.84 30.51 -53.10
N SER I 142 -16.61 30.83 -53.51
CA SER I 142 -15.45 30.81 -52.59
C SER I 142 -14.35 31.83 -52.88
N ASP I 143 -14.09 32.71 -51.91
CA ASP I 143 -12.98 33.71 -51.95
C ASP I 143 -13.19 34.81 -52.99
N ALA I 148 -20.16 40.42 -51.62
CA ALA I 148 -19.44 41.05 -52.69
C ALA I 148 -19.91 40.54 -54.08
N VAL I 149 -21.14 40.05 -54.15
CA VAL I 149 -21.59 39.17 -55.25
C VAL I 149 -23.08 39.34 -55.63
N THR I 150 -23.39 39.22 -56.92
CA THR I 150 -24.75 38.91 -57.41
C THR I 150 -24.81 37.48 -57.97
N VAL I 151 -25.85 36.75 -57.61
CA VAL I 151 -26.11 35.47 -58.21
C VAL I 151 -27.25 35.69 -59.15
N ALA I 152 -27.15 35.14 -60.36
CA ALA I 152 -28.21 35.19 -61.36
C ALA I 152 -28.42 33.79 -61.96
N TRP I 153 -29.68 33.34 -61.98
CA TRP I 153 -29.99 31.97 -62.38
C TRP I 153 -30.57 31.90 -63.78
N LYS I 154 -29.97 31.03 -64.60
CA LYS I 154 -30.40 30.81 -65.99
C LYS I 154 -31.31 29.58 -66.11
N ALA I 155 -32.52 29.80 -66.63
CA ALA I 155 -33.40 28.73 -67.09
C ALA I 155 -33.24 28.62 -68.61
N ASP I 156 -32.58 27.54 -69.04
CA ASP I 156 -32.07 27.39 -70.41
C ASP I 156 -31.01 28.47 -70.73
N SER I 157 -31.45 29.70 -70.97
CA SER I 157 -30.56 30.87 -71.02
C SER I 157 -31.39 32.14 -70.85
N SER I 158 -32.33 32.07 -69.91
CA SER I 158 -33.24 33.16 -69.59
C SER I 158 -33.24 33.39 -68.09
N PRO I 159 -33.11 34.66 -67.65
CA PRO I 159 -33.28 35.02 -66.24
C PRO I 159 -34.46 34.28 -65.58
N VAL I 160 -34.21 33.68 -64.41
CA VAL I 160 -35.27 33.05 -63.62
C VAL I 160 -35.18 33.40 -62.13
N LYS I 161 -36.22 34.05 -61.64
CA LYS I 161 -36.38 34.39 -60.22
C LYS I 161 -37.57 33.63 -59.64
N ALA I 162 -37.68 33.64 -58.31
CA ALA I 162 -38.66 32.85 -57.55
C ALA I 162 -38.18 31.41 -57.42
N GLY I 163 -38.25 30.90 -56.19
CA GLY I 163 -37.44 29.74 -55.77
C GLY I 163 -36.04 30.21 -55.42
N VAL I 164 -35.95 31.49 -55.02
CA VAL I 164 -34.69 32.25 -54.89
C VAL I 164 -34.15 32.33 -53.45
N GLU I 165 -33.21 31.45 -53.10
CA GLU I 165 -32.60 31.42 -51.75
C GLU I 165 -31.10 31.64 -51.83
N THR I 166 -30.63 32.82 -51.42
CA THR I 166 -29.20 33.16 -51.54
C THR I 166 -28.61 33.86 -50.29
N THR I 167 -27.58 33.23 -49.72
CA THR I 167 -27.06 33.64 -48.42
C THR I 167 -26.29 34.94 -48.49
N THR I 168 -26.12 35.56 -47.34
CA THR I 168 -25.20 36.66 -47.16
C THR I 168 -23.75 36.16 -47.33
N PRO I 169 -22.81 37.04 -47.74
CA PRO I 169 -21.40 36.64 -47.74
C PRO I 169 -20.80 36.60 -46.32
N SER I 170 -19.96 35.63 -46.02
CA SER I 170 -19.23 35.59 -44.74
C SER I 170 -17.88 34.86 -44.85
N LYS I 171 -16.80 35.63 -44.96
CA LYS I 171 -15.47 35.11 -45.33
C LYS I 171 -14.87 34.13 -44.30
N GLN I 172 -13.91 33.32 -44.74
CA GLN I 172 -13.26 32.29 -43.91
C GLN I 172 -12.15 32.88 -43.03
N ALA I 178 -17.25 34.17 -49.81
CA ALA I 178 -17.84 32.99 -49.15
C ALA I 178 -19.38 33.02 -48.92
N ALA I 179 -20.12 32.44 -49.87
CA ALA I 179 -21.58 32.47 -49.89
C ALA I 179 -22.17 31.40 -50.80
N SER I 180 -23.48 31.14 -50.70
CA SER I 180 -24.12 30.03 -51.40
C SER I 180 -25.55 30.35 -51.90
N SER I 181 -25.92 29.75 -53.03
CA SER I 181 -27.28 29.89 -53.59
C SER I 181 -27.93 28.55 -53.93
N TYR I 182 -29.27 28.53 -53.77
CA TYR I 182 -30.08 27.33 -53.98
C TYR I 182 -31.33 27.62 -54.83
N LEU I 183 -31.45 26.90 -55.95
CA LEU I 183 -32.63 26.97 -56.81
C LEU I 183 -33.59 25.81 -56.54
N SER I 184 -34.84 26.13 -56.19
CA SER I 184 -35.82 25.12 -55.83
C SER I 184 -36.82 24.89 -56.95
N LEU I 185 -37.19 23.63 -57.14
CA LEU I 185 -38.07 23.23 -58.25
C LEU I 185 -38.93 22.00 -57.94
N THR I 186 -39.99 21.87 -58.74
CA THR I 186 -40.73 20.63 -58.90
C THR I 186 -39.84 19.77 -59.81
N PRO I 187 -39.99 18.42 -59.79
CA PRO I 187 -39.22 17.61 -60.74
C PRO I 187 -39.20 18.13 -62.21
N GLU I 188 -40.17 18.97 -62.59
CA GLU I 188 -40.26 19.56 -63.93
C GLU I 188 -40.30 21.09 -63.85
N SER I 192 -37.04 20.48 -64.75
CA SER I 192 -36.39 19.59 -65.71
C SER I 192 -36.73 19.94 -67.19
N HIS I 193 -35.89 20.80 -67.77
CA HIS I 193 -35.97 21.14 -69.18
C HIS I 193 -34.68 20.77 -69.90
N ARG I 194 -34.02 21.76 -70.47
CA ARG I 194 -32.86 21.50 -71.33
C ARG I 194 -31.51 21.69 -70.62
N SER I 195 -31.27 22.87 -70.05
CA SER I 195 -30.06 23.14 -69.25
C SER I 195 -30.21 24.34 -68.30
N TYR I 196 -29.52 24.26 -67.16
CA TYR I 196 -29.53 25.34 -66.15
C TYR I 196 -28.16 25.92 -65.85
N SER I 197 -28.10 27.19 -65.47
CA SER I 197 -26.81 27.82 -65.16
C SER I 197 -26.83 28.71 -63.91
N CYS I 198 -25.71 28.71 -63.19
CA CYS I 198 -25.49 29.61 -62.07
C CYS I 198 -24.45 30.68 -62.44
N GLN I 199 -24.90 31.93 -62.58
CA GLN I 199 -24.01 33.05 -62.95
C GLN I 199 -23.70 33.87 -61.72
N VAL I 200 -22.42 34.06 -61.45
CA VAL I 200 -22.02 34.87 -60.31
C VAL I 200 -21.21 36.06 -60.80
N THR I 201 -21.73 37.26 -60.58
CA THR I 201 -20.98 38.43 -60.98
C THR I 201 -20.34 39.07 -59.77
N HIS I 202 -19.01 39.09 -59.78
CA HIS I 202 -18.19 39.71 -58.74
C HIS I 202 -17.28 40.72 -59.44
N GLU I 203 -17.72 41.98 -59.48
CA GLU I 203 -16.93 43.11 -60.01
C GLU I 203 -16.78 43.10 -61.55
N GLY I 204 -17.85 43.53 -62.24
CA GLY I 204 -17.86 43.71 -63.70
C GLY I 204 -17.78 42.45 -64.57
N SER I 205 -17.47 41.32 -63.95
CA SER I 205 -17.18 40.07 -64.67
C SER I 205 -18.04 38.91 -64.18
N THR I 206 -18.27 37.94 -65.06
CA THR I 206 -19.25 36.90 -64.77
C THR I 206 -18.69 35.47 -64.85
N VAL I 207 -18.54 34.84 -63.68
CA VAL I 207 -18.16 33.42 -63.54
C VAL I 207 -19.42 32.57 -63.63
N GLU I 208 -19.42 31.56 -64.48
CA GLU I 208 -20.60 30.74 -64.65
C GLU I 208 -20.32 29.24 -64.87
N LYS I 209 -21.00 28.41 -64.07
CA LYS I 209 -21.06 26.96 -64.27
C LYS I 209 -22.45 26.61 -64.82
N THR I 210 -22.66 25.35 -65.19
CA THR I 210 -23.85 24.96 -65.93
C THR I 210 -24.04 23.44 -65.89
N VAL I 211 -25.30 22.99 -65.83
CA VAL I 211 -25.61 21.56 -65.85
C VAL I 211 -27.02 21.25 -66.43
N ALA I 212 -27.24 19.98 -66.77
CA ALA I 212 -28.48 19.50 -67.37
C ALA I 212 -29.04 18.29 -66.60
N PRO I 213 -30.19 17.73 -67.05
CA PRO I 213 -30.66 16.48 -66.42
C PRO I 213 -30.33 15.20 -67.25
N THR I 214 -30.96 14.07 -66.90
CA THR I 214 -31.05 12.89 -67.77
C THR I 214 -32.22 11.96 -67.40
C1 NAG J . -8.37 34.36 11.89
C2 NAG J . -8.13 34.71 10.43
C3 NAG J . -9.32 34.30 9.60
C4 NAG J . -9.60 32.81 9.82
C5 NAG J . -9.62 32.45 11.30
C6 NAG J . -9.56 30.93 11.44
C7 NAG J . -6.77 36.58 9.67
C8 NAG J . -6.58 38.07 9.70
N2 NAG J . -7.82 36.11 10.33
O3 NAG J . -9.04 34.51 8.25
O4 NAG J . -10.88 32.47 9.34
O5 NAG J . -8.53 32.97 12.00
O6 NAG J . -9.57 30.64 12.82
O7 NAG J . -5.98 35.86 9.05
C1 NAG J . -10.86 31.69 8.14
C2 NAG J . -12.14 30.85 8.15
C3 NAG J . -12.36 30.21 6.80
C4 NAG J . -12.31 31.24 5.68
C5 NAG J . -11.02 32.07 5.78
C6 NAG J . -10.93 33.25 4.80
C7 NAG J . -12.87 29.78 10.21
C8 NAG J . -12.75 28.66 11.22
N2 NAG J . -12.06 29.79 9.15
O3 NAG J . -13.58 29.48 6.81
O4 NAG J . -12.18 30.48 4.52
O5 NAG J . -10.84 32.60 7.07
O6 NAG J . -11.95 34.21 4.97
O7 NAG J . -13.71 30.66 10.42
C1 BMA J . -13.19 30.66 3.52
C2 BMA J . -12.43 30.68 2.21
C3 BMA J . -13.30 30.32 1.00
C4 BMA J . -14.22 29.16 1.28
C5 BMA J . -15.03 29.47 2.53
C6 BMA J . -16.03 28.38 2.87
O2 BMA J . -11.39 29.73 2.33
O3 BMA J . -12.49 29.87 -0.05
O4 BMA J . -14.99 28.99 0.13
O5 BMA J . -14.09 29.58 3.59
O6 BMA J . -15.42 27.48 3.78
C1 MAN J . -16.25 26.31 4.02
C2 MAN J . -15.46 25.31 4.89
C3 MAN J . -14.76 24.19 4.09
C4 MAN J . -15.42 23.80 2.76
C5 MAN J . -15.88 25.05 2.02
C6 MAN J . -16.51 24.69 0.68
O2 MAN J . -16.27 24.78 5.93
O3 MAN J . -14.59 23.07 4.94
O4 MAN J . -14.49 23.15 1.91
O5 MAN J . -16.80 25.72 2.85
O6 MAN J . -16.79 25.89 0.01
C1 MAN J . -13.45 22.27 4.53
C2 MAN J . -12.76 21.64 5.73
C3 MAN J . -11.87 20.50 5.19
C4 MAN J . -11.68 20.61 3.67
C5 MAN J . -11.45 22.07 3.22
C6 MAN J . -11.34 22.22 1.70
O2 MAN J . -13.70 21.20 6.68
O3 MAN J . -12.43 19.26 5.55
O4 MAN J . -10.61 19.79 3.23
O5 MAN J . -12.47 22.93 3.71
O6 MAN J . -10.87 23.51 1.38
C1 MAN J . -12.78 30.46 -1.33
C2 MAN J . -11.90 29.71 -2.32
C3 MAN J . -10.41 30.00 -2.04
C4 MAN J . -10.06 31.37 -1.42
C5 MAN J . -11.24 32.26 -0.93
C6 MAN J . -11.05 33.74 -1.27
O2 MAN J . -12.32 30.03 -3.64
O3 MAN J . -9.62 29.79 -3.21
O4 MAN J . -9.22 31.15 -0.31
O5 MAN J . -12.52 31.85 -1.43
O6 MAN J . -11.98 34.49 -0.52
C1 NAG K . -6.44 44.17 -11.59
C2 NAG K . -6.83 43.36 -10.39
C3 NAG K . -5.80 42.26 -10.22
C4 NAG K . -5.68 41.37 -11.44
C5 NAG K . -5.45 42.30 -12.62
C6 NAG K . -5.47 41.64 -13.99
C7 NAG K . -7.87 44.32 -8.39
C8 NAG K . -7.71 45.31 -7.27
N2 NAG K . -6.83 44.25 -9.24
O3 NAG K . -6.17 41.47 -9.14
O4 NAG K . -4.49 40.63 -11.29
O5 NAG K . -6.44 43.27 -12.68
O6 NAG K . -5.29 40.24 -13.78
O7 NAG K . -8.89 43.61 -8.49
C1 NAG K . -4.56 39.28 -10.84
C2 NAG K . -3.23 38.62 -11.19
C3 NAG K . -3.32 37.16 -10.79
C4 NAG K . -3.42 36.96 -9.30
C5 NAG K . -4.63 37.83 -8.84
C6 NAG K . -4.63 38.03 -7.32
C7 NAG K . -2.32 39.09 -13.44
C8 NAG K . -1.72 40.43 -13.07
N2 NAG K . -3.00 38.38 -12.56
O3 NAG K . -2.23 36.46 -11.33
O4 NAG K . -3.60 35.56 -9.15
O5 NAG K . -4.69 39.15 -9.43
O6 NAG K . -3.45 38.69 -6.93
O7 NAG K . -2.22 38.62 -14.57
C1 BMA K . -2.66 34.81 -8.35
C2 BMA K . -3.52 33.90 -7.47
C3 BMA K . -2.72 32.80 -6.76
C4 BMA K . -1.84 32.11 -7.80
C5 BMA K . -0.98 33.13 -8.53
C6 BMA K . -0.06 32.43 -9.54
O2 BMA K . -4.46 33.25 -8.26
O3 BMA K . -3.59 31.91 -6.04
O4 BMA K . -0.96 31.21 -7.20
O5 BMA K . -1.82 34.05 -9.19
O6 BMA K . -0.75 32.39 -10.76
C1 BMA K . -2.96 31.46 -4.80
C2 BMA K . -3.26 32.29 -3.51
C3 BMA K . -4.09 31.54 -2.42
C4 BMA K . -3.86 30.01 -2.36
C5 BMA K . -2.67 29.66 -3.24
C6 BMA K . -2.23 28.20 -3.16
O2 BMA K . -3.78 33.57 -3.81
O3 BMA K . -5.46 31.88 -2.54
O4 BMA K . -3.70 29.52 -1.04
O5 BMA K . -3.05 30.05 -4.57
O6 BMA K . -1.08 28.09 -2.36
C1 MAN K . 0.03 31.93 -11.88
C2 MAN K . -0.77 32.16 -13.19
C3 MAN K . -1.67 30.97 -13.63
C4 MAN K . -1.22 29.58 -13.11
C5 MAN K . -0.67 29.72 -11.69
C6 MAN K . -0.33 28.41 -10.98
O2 MAN K . 0.04 32.64 -14.25
O3 MAN K . -1.85 30.94 -15.03
O4 MAN K . -2.36 28.77 -13.00
O5 MAN K . 0.45 30.58 -11.77
O6 MAN K . 0.06 28.73 -9.66
C1 NAG L . -10.69 -73.67 12.33
C2 NAG L . -9.72 -72.77 11.62
C3 NAG L . -9.34 -71.66 12.56
C4 NAG L . -10.58 -70.89 13.01
C5 NAG L . -11.47 -71.99 13.62
C6 NAG L . -12.79 -71.67 14.32
C7 NAG L . -8.33 -73.88 9.93
C8 NAG L . -7.31 -74.93 9.65
N2 NAG L . -8.68 -73.68 11.21
O3 NAG L . -8.41 -70.88 11.89
O4 NAG L . -10.31 -69.95 14.03
O5 NAG L . -11.79 -72.91 12.64
O6 NAG L . -13.30 -70.48 13.79
O7 NAG L . -8.80 -73.22 8.96
C1 NAG L . -9.80 -68.62 13.71
C2 NAG L . -9.83 -67.69 14.92
C3 NAG L . -9.41 -66.30 14.48
C4 NAG L . -8.04 -66.29 13.82
C5 NAG L . -7.99 -67.42 12.81
C6 NAG L . -6.61 -67.60 12.16
C7 NAG L . -11.52 -68.30 16.63
C8 NAG L . -12.96 -68.16 17.02
N2 NAG L . -11.16 -67.69 15.49
O3 NAG L . -9.41 -65.44 15.58
O4 NAG L . -7.82 -65.08 13.12
O5 NAG L . -8.44 -68.62 13.43
O6 NAG L . -5.59 -68.06 13.03
O7 NAG L . -10.78 -68.95 17.39
C1 BMA L . -7.01 -64.09 13.77
C2 BMA L . -6.39 -63.13 12.75
C3 BMA L . -5.60 -62.06 13.53
C4 BMA L . -6.55 -61.39 14.49
C5 BMA L . -6.92 -62.51 15.40
C6 BMA L . -7.50 -62.01 16.71
O2 BMA L . -7.44 -62.52 12.05
O3 BMA L . -4.75 -61.12 12.85
O4 BMA L . -5.94 -60.43 15.29
O5 BMA L . -7.78 -63.34 14.66
O6 BMA L . -8.52 -61.10 16.49
C1 MAN L . -8.33 -60.05 17.46
C2 MAN L . -9.69 -59.58 17.94
C3 MAN L . -10.28 -59.02 16.66
C4 MAN L . -9.57 -57.74 16.18
C5 MAN L . -8.03 -57.85 16.27
C6 MAN L . -7.43 -56.60 16.90
O2 MAN L . -9.51 -58.58 18.92
O3 MAN L . -11.65 -58.90 16.89
O4 MAN L . -9.82 -57.49 14.80
O5 MAN L . -7.50 -59.00 16.94
O6 MAN L . -6.49 -56.05 16.01
C1 MAN L . -12.26 -59.04 15.59
C2 MAN L . -13.57 -59.81 15.59
C3 MAN L . -14.37 -58.78 14.81
C4 MAN L . -13.48 -58.23 13.66
C5 MAN L . -12.36 -59.25 13.30
C6 MAN L . -11.53 -58.99 12.02
O2 MAN L . -14.00 -60.07 16.89
O3 MAN L . -14.71 -57.72 15.68
O4 MAN L . -14.26 -57.83 12.56
O5 MAN L . -11.53 -59.45 14.45
O6 MAN L . -11.53 -57.61 11.66
C1 BMA L . -5.02 -60.79 11.48
C2 BMA L . -4.49 -59.38 11.25
C3 BMA L . -4.96 -58.87 9.88
C4 BMA L . -4.86 -59.92 8.75
C5 BMA L . -4.88 -61.41 9.17
C6 BMA L . -3.97 -62.19 8.22
O2 BMA L . -3.07 -59.35 11.37
O3 BMA L . -4.20 -57.73 9.51
O4 BMA L . -5.93 -59.68 7.86
O5 BMA L . -4.49 -61.68 10.51
O6 BMA L . -4.64 -62.52 7.01
#